data_9OMG
#
_entry.id   9OMG
#
_cell.length_a   1.00
_cell.length_b   1.00
_cell.length_c   1.00
_cell.angle_alpha   90.00
_cell.angle_beta   90.00
_cell.angle_gamma   90.00
#
_symmetry.space_group_name_H-M   'P 1'
#
loop_
_entity.id
_entity.type
_entity.pdbx_description
1 polymer 'HIV Env gp120'
2 polymer 'HIV Env gp41 ectodomain'
3 polymer 'V033-Int1 heavy chain'
4 polymer 'V033-Int1 light chain'
5 branched alpha-D-mannopyranose-(1-3)-beta-D-mannopyranose-(1-4)-2-acetamido-2-deoxy-beta-D-glucopyranose-(1-4)-2-acetamido-2-deoxy-beta-D-glucopyranose
6 branched 2-acetamido-2-deoxy-beta-D-glucopyranose-(1-4)-2-acetamido-2-deoxy-beta-D-glucopyranose
7 branched beta-D-mannopyranose-(1-4)-2-acetamido-2-deoxy-beta-D-glucopyranose-(1-4)-2-acetamido-2-deoxy-beta-D-glucopyranose
8 branched alpha-D-mannopyranose-(1-6)-beta-D-mannopyranose-(1-4)-2-acetamido-2-deoxy-beta-D-glucopyranose-(1-4)-2-acetamido-2-deoxy-beta-D-glucopyranose
9 branched alpha-D-mannopyranose-(1-3)-[alpha-D-mannopyranose-(1-6)]beta-D-mannopyranose-(1-4)-2-acetamido-2-deoxy-beta-D-glucopyranose-(1-4)-2-acetamido-2-deoxy-beta-D-glucopyranose
10 non-polymer 2-acetamido-2-deoxy-beta-D-glucopyranose
#
loop_
_entity_poly.entity_id
_entity_poly.type
_entity_poly.pdbx_seq_one_letter_code
_entity_poly.pdbx_strand_id
1 'polypeptide(L)'
;VENLWVTVYYGVPVWRDADTTLFCASDAKAYETEKHNVWATHACVPTDPNPQEIHLDNVTEKFNMWKNNMVEQMHEDIIS
LWDQSLKPCVKLTPLCVTLHCTNVTSVNTTGDREGLKNCSFNMTTELRDKRQKVYSLFYRLDIVPINENQGSEYRLINCN
TSAITQACPKVSFEPIPIHYCTPAGFAILKCKDEGFNGTGLCKNVSTVQCTHGIKPVVSTQLLLNGSLAEKNIIIRSENI
TNNAKIIIVQLVQPVTIKCIRPNNNTVKSIRIGPGQAFYYTGDIIGDIRQAHCNVTRSRWNKTLQEVAEKLRTYFGNKTI
IFANSSGGDLEITTHSFNCGGEFFYCNTSGLFNSTWYVNSTWNDTDSTQESNDTITLPCRIKQIINMWQRAGQAMYAPPI
PGVIKCESNITGLLLTRDGGKDNNVNETFRPGGSDMRDNWRSELYKYKVVEIEPLGVAPTRCKRRVVER
;
A,C,E
2 'polypeptide(L)'
;AVGIGAVSLGFLGAAGSTMGAASITLTVQARNLLSGIVQQQNNLLRAPEPQQHLLKDTHWGIKQLQARVLAVEHYLRDQQ
LLGIWGCSGKLICCTNVPWNSSWSNKSLDEIWNNMTWLQWDKEINNYTQLIYRLIEESQNQQEKNEKELLELD
;
B,F,G
3 'polypeptide(L)'
;EVQLVESGGGLAKPGGSLRLSCAASGFTFSSYWMNWVRQTPGKGLEWISAINSGGGSTYYADSVKGRFTISRDNSKNTLS
LQMNSLRAEDTAVYYCAKVDEDDYGYYYTVPGDLKKYYFDYWGQGVLVTVSSASTKGPSVFPLAPSSRSTSESTAALGCL
VKDYFPEPVTVSWNSGSLTSGVHTFPAVLQSSGLYSLSSVVTVPSSSLGTQTYVCNVNHKPSNTKVDKRVEIKTCGGGLE
VLFQ
;
H
4 'polypeptide(L)'
;DIQMTQSPSSLSASVGDKVTITCQASQSISSWLAWYQQKPGKAPKPLIYKASSLESGVPSRFSGSGSGTDFTLTISSLQP
EDFATYYCQQYNSAPFSFGQGTKVEIKRTVAAPSVFIFPPSEDQVKSGTVSVVCLLNNFYPREASVKWKVDGALKTGNSQ
ESVTEQDSKDNTYSLSSTLTLSSTEYQSHKVYACEVTHQGLSSPVTKSFNRGEC
;
L
#
loop_
_chem_comp.id
_chem_comp.type
_chem_comp.name
_chem_comp.formula
BMA D-saccharide, beta linking beta-D-mannopyranose 'C6 H12 O6'
MAN D-saccharide, alpha linking alpha-D-mannopyranose 'C6 H12 O6'
NAG D-saccharide, beta linking 2-acetamido-2-deoxy-beta-D-glucopyranose 'C8 H15 N O6'
#
# COMPACT_ATOMS: atom_id res chain seq x y z
N ASN A 3 -47.30 41.28 13.64
CA ASN A 3 -47.32 40.11 12.76
C ASN A 3 -46.25 39.10 13.18
N LEU A 4 -46.28 37.93 12.56
CA LEU A 4 -45.32 36.88 12.88
C LEU A 4 -44.01 37.11 12.14
N TRP A 5 -42.94 36.58 12.72
CA TRP A 5 -41.60 36.69 12.15
C TRP A 5 -40.90 35.34 12.26
N VAL A 6 -39.97 35.11 11.34
CA VAL A 6 -39.23 33.84 11.30
C VAL A 6 -37.98 33.98 12.17
N THR A 7 -37.59 32.86 12.78
CA THR A 7 -36.42 32.78 13.65
C THR A 7 -35.69 31.49 13.37
N VAL A 8 -34.36 31.55 13.42
CA VAL A 8 -33.51 30.39 13.17
C VAL A 8 -33.10 29.77 14.50
N TYR A 9 -33.09 28.44 14.55
CA TYR A 9 -32.73 27.68 15.74
C TYR A 9 -31.55 26.78 15.40
N TYR A 10 -30.51 26.85 16.24
CA TYR A 10 -29.31 26.04 16.05
C TYR A 10 -29.30 24.89 17.04
N GLY A 11 -28.71 23.77 16.62
CA GLY A 11 -28.68 22.59 17.47
C GLY A 11 -30.04 22.00 17.69
N VAL A 12 -30.90 22.06 16.68
CA VAL A 12 -32.27 21.55 16.75
C VAL A 12 -32.22 20.02 16.64
N PRO A 13 -33.11 19.27 17.31
CA PRO A 13 -33.07 17.79 17.23
C PRO A 13 -33.90 17.12 16.13
N VAL A 14 -33.37 17.14 14.90
CA VAL A 14 -34.01 16.51 13.75
C VAL A 14 -32.93 15.74 13.00
N TRP A 15 -33.37 14.82 12.13
CA TRP A 15 -32.44 14.02 11.36
C TRP A 15 -33.06 13.65 10.02
N ARG A 16 -32.18 13.25 9.09
CA ARG A 16 -32.58 12.84 7.76
C ARG A 16 -31.74 11.65 7.35
N ASP A 17 -32.28 10.82 6.48
CA ASP A 17 -31.56 9.64 6.01
C ASP A 17 -30.44 10.05 5.07
N ALA A 18 -29.28 9.41 5.22
CA ALA A 18 -28.12 9.70 4.38
C ALA A 18 -27.22 8.48 4.37
N ASP A 19 -26.06 8.63 3.72
CA ASP A 19 -25.07 7.56 3.61
C ASP A 19 -23.69 8.12 3.94
N THR A 20 -22.96 7.43 4.82
CA THR A 20 -21.63 7.87 5.23
C THR A 20 -20.68 6.69 5.26
N THR A 21 -19.41 6.99 5.53
CA THR A 21 -18.37 5.98 5.61
C THR A 21 -18.10 5.70 7.09
N LEU A 22 -18.33 4.45 7.50
CA LEU A 22 -18.13 4.06 8.88
C LEU A 22 -16.69 3.63 9.12
N PHE A 23 -16.38 3.17 10.33
CA PHE A 23 -15.03 2.72 10.65
C PHE A 23 -15.08 1.74 11.81
N CYS A 24 -13.99 0.98 11.97
CA CYS A 24 -13.90 -0.03 13.01
C CYS A 24 -13.63 0.61 14.38
N ALA A 25 -14.15 -0.04 15.41
CA ALA A 25 -13.96 0.37 16.80
C ALA A 25 -13.81 -0.84 17.70
N SER A 26 -13.00 -1.81 17.26
CA SER A 26 -12.80 -3.02 18.05
C SER A 26 -11.98 -2.74 19.30
N ASP A 27 -11.92 -3.74 20.16
CA ASP A 27 -11.17 -3.66 21.41
C ASP A 27 -9.69 -3.95 21.15
N ALA A 28 -8.85 -3.52 22.09
CA ALA A 28 -7.42 -3.73 21.97
C ALA A 28 -7.06 -5.20 22.13
N LYS A 35 -0.33 -5.78 15.00
CA LYS A 35 -1.56 -6.45 14.57
C LYS A 35 -1.25 -7.72 13.78
N HIS A 36 -1.97 -8.80 14.09
CA HIS A 36 -1.78 -10.07 13.42
C HIS A 36 -3.07 -10.75 12.99
N ASN A 37 -4.23 -10.27 13.43
CA ASN A 37 -5.50 -10.89 13.04
C ASN A 37 -5.77 -10.65 11.56
N VAL A 38 -6.52 -11.57 10.95
CA VAL A 38 -6.85 -11.46 9.53
C VAL A 38 -7.67 -10.22 9.22
N TRP A 39 -8.41 -9.70 10.19
CA TRP A 39 -9.21 -8.51 9.96
C TRP A 39 -8.46 -7.22 10.30
N ALA A 40 -7.28 -7.33 10.92
CA ALA A 40 -6.45 -6.18 11.31
C ALA A 40 -7.23 -5.18 12.16
N THR A 41 -8.01 -5.71 13.10
CA THR A 41 -8.81 -4.87 13.97
C THR A 41 -7.96 -4.07 14.96
N HIS A 42 -6.74 -4.53 15.24
CA HIS A 42 -5.88 -3.80 16.17
C HIS A 42 -5.44 -2.46 15.59
N ALA A 43 -5.43 -2.33 14.26
CA ALA A 43 -5.03 -1.08 13.64
C ALA A 43 -6.10 -0.01 13.74
N CYS A 44 -7.36 -0.40 13.86
CA CYS A 44 -8.45 0.55 13.98
C CYS A 44 -8.47 1.17 15.37
N VAL A 45 -9.30 2.20 15.55
CA VAL A 45 -9.41 2.93 16.81
C VAL A 45 -9.95 2.02 17.91
N PRO A 46 -9.57 2.25 19.18
CA PRO A 46 -10.06 1.41 20.27
C PRO A 46 -11.53 1.65 20.55
N THR A 47 -12.11 0.71 21.29
CA THR A 47 -13.52 0.76 21.67
C THR A 47 -13.72 1.65 22.89
N ASP A 48 -15.00 1.87 23.23
CA ASP A 48 -15.39 2.68 24.36
C ASP A 48 -16.07 1.79 25.39
N PRO A 49 -15.54 1.66 26.60
CA PRO A 49 -16.19 0.79 27.59
C PRO A 49 -17.59 1.24 27.97
N ASN A 50 -17.91 2.51 27.81
CA ASN A 50 -19.23 3.07 28.10
C ASN A 50 -19.76 3.73 26.85
N PRO A 51 -20.44 2.98 25.99
CA PRO A 51 -20.96 3.56 24.74
C PRO A 51 -22.03 4.61 25.00
N GLN A 52 -22.08 5.59 24.10
CA GLN A 52 -23.03 6.69 24.19
C GLN A 52 -24.37 6.21 23.64
N GLU A 53 -25.27 5.81 24.54
CA GLU A 53 -26.59 5.32 24.17
C GLU A 53 -27.63 6.15 24.91
N ILE A 54 -28.53 6.79 24.16
CA ILE A 54 -29.58 7.62 24.73
C ILE A 54 -30.93 7.09 24.25
N HIS A 55 -31.82 6.83 25.21
CA HIS A 55 -33.15 6.33 24.91
C HIS A 55 -34.04 7.46 24.43
N LEU A 56 -35.06 7.11 23.65
CA LEU A 56 -36.01 8.06 23.11
C LEU A 56 -37.42 7.66 23.50
N ASP A 57 -38.36 8.57 23.25
CA ASP A 57 -39.76 8.34 23.56
C ASP A 57 -40.63 9.11 22.57
N ASN A 58 -41.81 8.55 22.29
CA ASN A 58 -42.79 9.14 21.37
C ASN A 58 -42.21 9.45 19.99
N VAL A 59 -41.37 8.56 19.46
CA VAL A 59 -40.76 8.75 18.16
C VAL A 59 -40.97 7.49 17.32
N THR A 60 -41.31 7.69 16.04
CA THR A 60 -41.54 6.60 15.11
C THR A 60 -40.65 6.82 13.89
N GLU A 61 -39.86 5.82 13.54
CA GLU A 61 -38.96 5.89 12.41
C GLU A 61 -39.20 4.69 11.49
N LYS A 62 -39.22 4.95 10.19
CA LYS A 62 -39.43 3.89 9.21
C LYS A 62 -38.11 3.15 8.96
N PHE A 63 -38.07 1.88 9.32
CA PHE A 63 -36.89 1.06 9.14
C PHE A 63 -37.04 0.12 7.96
N ASN A 64 -35.93 -0.12 7.26
CA ASN A 64 -35.91 -1.00 6.10
C ASN A 64 -34.48 -1.51 5.96
N MET A 65 -34.24 -2.75 6.40
CA MET A 65 -32.89 -3.31 6.31
C MET A 65 -32.53 -3.68 4.88
N TRP A 66 -33.53 -4.02 4.06
CA TRP A 66 -33.27 -4.42 2.68
C TRP A 66 -32.80 -3.24 1.81
N LYS A 67 -32.95 -2.01 2.28
CA LYS A 67 -32.54 -0.85 1.52
C LYS A 67 -31.40 -0.05 2.14
N ASN A 68 -30.92 -0.44 3.32
CA ASN A 68 -29.84 0.31 3.94
C ASN A 68 -28.52 0.05 3.22
N ASN A 69 -27.60 1.00 3.35
CA ASN A 69 -26.29 0.91 2.71
C ASN A 69 -25.21 0.39 3.66
N MET A 70 -25.58 0.02 4.89
CA MET A 70 -24.59 -0.47 5.84
C MET A 70 -24.07 -1.85 5.45
N VAL A 71 -24.96 -2.74 4.99
CA VAL A 71 -24.52 -4.08 4.61
C VAL A 71 -23.65 -4.03 3.36
N GLU A 72 -24.01 -3.17 2.39
CA GLU A 72 -23.22 -3.06 1.18
C GLU A 72 -21.85 -2.45 1.45
N GLN A 73 -21.74 -1.59 2.45
CA GLN A 73 -20.46 -1.01 2.81
C GLN A 73 -19.62 -2.00 3.59
N MET A 74 -20.27 -2.77 4.48
CA MET A 74 -19.56 -3.77 5.27
C MET A 74 -19.01 -4.87 4.39
N HIS A 75 -19.75 -5.26 3.35
CA HIS A 75 -19.26 -6.30 2.44
C HIS A 75 -17.97 -5.85 1.75
N GLU A 76 -17.95 -4.61 1.27
CA GLU A 76 -16.76 -4.09 0.62
C GLU A 76 -15.61 -3.95 1.61
N ASP A 77 -15.91 -3.54 2.85
CA ASP A 77 -14.87 -3.41 3.85
C ASP A 77 -14.24 -4.75 4.17
N ILE A 78 -15.07 -5.80 4.30
CA ILE A 78 -14.56 -7.13 4.59
C ILE A 78 -13.73 -7.64 3.41
N ILE A 79 -14.19 -7.38 2.18
CA ILE A 79 -13.45 -7.82 1.00
C ILE A 79 -12.08 -7.14 0.95
N SER A 80 -12.05 -5.82 1.22
CA SER A 80 -10.79 -5.10 1.21
C SER A 80 -9.85 -5.60 2.30
N LEU A 81 -10.40 -5.88 3.48
CA LEU A 81 -9.58 -6.39 4.58
C LEU A 81 -8.98 -7.74 4.22
N TRP A 82 -9.79 -8.62 3.62
CA TRP A 82 -9.31 -9.94 3.23
C TRP A 82 -8.22 -9.84 2.17
N ASP A 83 -8.43 -8.98 1.17
CA ASP A 83 -7.45 -8.81 0.10
C ASP A 83 -6.14 -8.24 0.64
N GLN A 84 -6.22 -7.24 1.53
CA GLN A 84 -5.00 -6.66 2.08
C GLN A 84 -4.33 -7.63 3.05
N SER A 85 -5.10 -8.56 3.62
CA SER A 85 -4.50 -9.53 4.53
C SER A 85 -3.74 -10.60 3.77
N LEU A 86 -4.25 -11.02 2.61
CA LEU A 86 -3.56 -12.05 1.83
C LEU A 86 -2.49 -11.49 0.92
N LYS A 87 -2.40 -10.17 0.77
CA LYS A 87 -1.39 -9.57 -0.10
C LYS A 87 0.06 -9.80 0.34
N PRO A 88 0.45 -9.57 1.60
CA PRO A 88 1.87 -9.79 1.95
C PRO A 88 2.28 -11.25 2.10
N CYS A 89 1.36 -12.20 1.94
CA CYS A 89 1.73 -13.59 2.07
C CYS A 89 2.45 -14.10 0.82
N VAL A 90 3.00 -15.31 0.96
CA VAL A 90 3.74 -15.93 -0.14
C VAL A 90 2.83 -16.38 -1.28
N LYS A 91 3.28 -16.11 -2.51
CA LYS A 91 2.55 -16.49 -3.71
C LYS A 91 2.92 -17.92 -4.06
N LEU A 92 1.92 -18.72 -4.43
CA LEU A 92 2.13 -20.12 -4.77
C LEU A 92 2.00 -20.40 -6.27
N THR A 93 2.45 -19.47 -7.12
CA THR A 93 2.36 -19.70 -8.56
C THR A 93 3.32 -20.76 -9.12
N PRO A 94 4.53 -21.02 -8.57
CA PRO A 94 5.36 -22.06 -9.20
C PRO A 94 4.91 -23.48 -8.90
N LEU A 95 3.90 -23.66 -8.04
CA LEU A 95 3.43 -25.00 -7.69
C LEU A 95 2.47 -25.59 -8.72
N CYS A 96 2.04 -24.80 -9.70
CA CYS A 96 1.13 -25.28 -10.74
C CYS A 96 1.91 -26.20 -11.68
N VAL A 97 2.17 -27.42 -11.20
CA VAL A 97 2.91 -28.43 -11.95
C VAL A 97 2.08 -29.70 -12.04
N THR A 98 2.64 -30.70 -12.72
CA THR A 98 1.97 -31.99 -12.87
C THR A 98 2.20 -32.84 -11.64
N LEU A 99 1.11 -33.36 -11.07
CA LEU A 99 1.18 -34.19 -9.88
C LEU A 99 0.84 -35.64 -10.21
N HIS A 100 1.73 -36.55 -9.80
CA HIS A 100 1.53 -37.98 -10.02
C HIS A 100 0.91 -38.49 -8.73
N CYS A 101 -0.42 -38.58 -8.71
CA CYS A 101 -1.15 -39.01 -7.52
C CYS A 101 -1.54 -40.48 -7.56
N THR A 102 -1.51 -41.09 -6.38
CA THR A 102 -1.87 -42.48 -6.16
C THR A 102 -2.83 -42.51 -4.97
N ASN A 103 -3.14 -43.70 -4.48
CA ASN A 103 -4.05 -43.79 -3.35
C ASN A 103 -3.31 -43.53 -2.05
N VAL A 104 -4.04 -43.58 -0.94
CA VAL A 104 -3.48 -43.33 0.38
C VAL A 104 -2.97 -44.62 1.04
N THR A 105 -2.80 -45.68 0.24
CA THR A 105 -2.30 -47.01 0.64
C THR A 105 -3.34 -47.73 1.51
N SER A 106 -4.46 -47.07 1.79
CA SER A 106 -5.56 -47.62 2.61
C SER A 106 -5.06 -48.04 3.99
N VAL A 107 -4.64 -47.04 4.76
CA VAL A 107 -4.14 -47.29 6.11
C VAL A 107 -5.25 -47.86 7.00
N ASN A 108 -6.45 -47.29 6.89
CA ASN A 108 -7.68 -47.64 7.63
C ASN A 108 -7.52 -48.27 9.02
N ASP A 112 -12.98 -42.20 4.93
CA ASP A 112 -12.66 -41.50 3.69
C ASP A 112 -11.29 -41.91 3.15
N ARG A 113 -11.12 -43.21 2.91
CA ARG A 113 -9.86 -43.70 2.37
C ARG A 113 -9.68 -43.36 0.90
N GLU A 114 -10.75 -42.90 0.24
CA GLU A 114 -10.69 -42.53 -1.17
C GLU A 114 -10.53 -41.03 -1.38
N GLY A 115 -11.00 -40.21 -0.44
CA GLY A 115 -10.88 -38.77 -0.59
C GLY A 115 -9.44 -38.29 -0.62
N LEU A 116 -8.59 -38.82 0.25
CA LEU A 116 -7.20 -38.42 0.27
C LEU A 116 -6.43 -39.04 -0.89
N LYS A 117 -5.44 -38.31 -1.39
CA LYS A 117 -4.61 -38.75 -2.50
C LYS A 117 -3.16 -38.43 -2.20
N ASN A 118 -2.28 -39.40 -2.43
CA ASN A 118 -0.84 -39.24 -2.20
C ASN A 118 -0.22 -38.81 -3.52
N CYS A 119 0.25 -37.57 -3.59
CA CYS A 119 0.83 -37.03 -4.81
C CYS A 119 2.30 -36.67 -4.63
N SER A 120 3.04 -36.79 -5.74
CA SER A 120 4.45 -36.47 -5.82
C SER A 120 4.67 -35.60 -7.04
N PHE A 121 5.57 -34.62 -6.91
CA PHE A 121 5.81 -33.71 -8.03
C PHE A 121 7.18 -33.05 -7.87
N ASN A 122 7.59 -32.37 -8.94
CA ASN A 122 8.86 -31.65 -8.96
C ASN A 122 8.61 -30.25 -8.41
N MET A 123 9.65 -29.70 -7.77
CA MET A 123 9.51 -28.36 -7.20
C MET A 123 10.87 -27.69 -7.14
N THR A 124 10.84 -26.35 -7.05
CA THR A 124 12.06 -25.56 -6.97
C THR A 124 12.55 -25.51 -5.53
N THR A 125 13.60 -24.73 -5.30
CA THR A 125 14.18 -24.61 -3.97
C THR A 125 14.79 -23.21 -3.83
N GLU A 126 15.62 -23.03 -2.80
CA GLU A 126 16.26 -21.73 -2.56
C GLU A 126 17.13 -21.34 -3.75
N LEU A 127 17.87 -22.29 -4.30
CA LEU A 127 18.73 -22.02 -5.45
C LEU A 127 17.90 -22.26 -6.71
N ARG A 128 17.88 -21.28 -7.62
CA ARG A 128 17.10 -21.44 -8.84
C ARG A 128 17.73 -22.50 -9.75
N ASP A 129 19.01 -22.80 -9.56
CA ASP A 129 19.66 -23.82 -10.39
C ASP A 129 19.24 -25.23 -9.97
N LYS A 130 19.06 -25.45 -8.68
CA LYS A 130 18.66 -26.75 -8.16
C LYS A 130 17.15 -26.85 -8.03
N ARG A 131 16.67 -28.10 -8.05
CA ARG A 131 15.25 -28.40 -7.94
C ARG A 131 15.09 -29.56 -6.95
N GLN A 132 13.85 -29.82 -6.54
CA GLN A 132 13.63 -30.90 -5.59
C GLN A 132 12.32 -31.61 -5.90
N LYS A 133 12.23 -32.85 -5.43
CA LYS A 133 11.06 -33.69 -5.59
C LYS A 133 10.52 -34.00 -4.19
N VAL A 134 9.27 -33.62 -3.94
CA VAL A 134 8.64 -33.84 -2.64
C VAL A 134 7.27 -34.46 -2.84
N TYR A 135 6.80 -35.14 -1.79
CA TYR A 135 5.50 -35.79 -1.77
C TYR A 135 4.62 -35.10 -0.74
N SER A 136 3.32 -35.10 -1.00
CA SER A 136 2.38 -34.46 -0.08
C SER A 136 1.00 -35.05 -0.28
N LEU A 137 0.16 -34.89 0.74
CA LEU A 137 -1.21 -35.41 0.70
C LEU A 137 -2.17 -34.26 0.38
N PHE A 138 -3.09 -34.52 -0.54
CA PHE A 138 -4.07 -33.53 -0.94
C PHE A 138 -5.44 -34.18 -1.02
N TYR A 139 -6.47 -33.35 -0.99
CA TYR A 139 -7.83 -33.83 -1.06
C TYR A 139 -8.26 -33.97 -2.52
N ARG A 140 -9.20 -34.90 -2.76
CA ARG A 140 -9.66 -35.13 -4.12
C ARG A 140 -10.43 -33.92 -4.68
N LEU A 141 -11.11 -33.17 -3.80
CA LEU A 141 -11.87 -32.02 -4.24
C LEU A 141 -10.99 -30.92 -4.82
N ASP A 142 -9.72 -30.87 -4.42
CA ASP A 142 -8.78 -29.86 -4.91
C ASP A 142 -7.88 -30.41 -6.01
N ILE A 143 -8.20 -31.59 -6.54
CA ILE A 143 -7.42 -32.23 -7.58
C ILE A 143 -8.32 -32.66 -8.73
N VAL A 144 -7.93 -32.31 -9.95
CA VAL A 144 -8.69 -32.68 -11.15
C VAL A 144 -7.76 -33.34 -12.15
N PRO A 145 -8.29 -34.31 -12.90
CA PRO A 145 -7.44 -35.00 -13.88
C PRO A 145 -7.15 -34.11 -15.09
N ILE A 146 -5.97 -34.32 -15.66
CA ILE A 146 -5.53 -33.56 -16.83
C ILE A 146 -5.44 -34.42 -18.07
N ASN A 147 -5.07 -35.70 -17.92
CA ASN A 147 -4.95 -36.61 -19.05
C ASN A 147 -6.24 -37.38 -19.33
N GLU A 148 -7.21 -37.33 -18.41
CA GLU A 148 -8.50 -38.02 -18.54
C GLU A 148 -8.32 -39.53 -18.69
N ASN A 149 -7.24 -40.07 -18.11
CA ASN A 149 -6.91 -41.49 -18.15
C ASN A 149 -6.85 -42.04 -19.57
N SER A 152 -3.55 -41.27 -14.01
CA SER A 152 -2.40 -41.36 -13.12
C SER A 152 -1.93 -39.96 -12.70
N GLU A 153 -1.69 -39.10 -13.68
CA GLU A 153 -1.25 -37.74 -13.41
C GLU A 153 -2.45 -36.80 -13.33
N TYR A 154 -2.35 -35.79 -12.47
CA TYR A 154 -3.42 -34.83 -12.28
C TYR A 154 -2.85 -33.41 -12.26
N ARG A 155 -3.71 -32.47 -11.87
CA ARG A 155 -3.38 -31.06 -11.79
C ARG A 155 -4.35 -30.44 -10.79
N LEU A 156 -3.91 -29.38 -10.10
CA LEU A 156 -4.77 -28.74 -9.10
C LEU A 156 -5.95 -28.02 -9.74
N ILE A 157 -6.97 -27.79 -8.92
CA ILE A 157 -8.16 -27.09 -9.37
C ILE A 157 -7.94 -25.59 -9.20
N ASN A 158 -8.62 -24.79 -10.04
CA ASN A 158 -8.57 -23.33 -10.07
C ASN A 158 -7.20 -22.84 -10.57
N CYS A 159 -6.21 -23.73 -10.63
CA CYS A 159 -4.89 -23.37 -11.11
C CYS A 159 -4.90 -22.93 -12.57
N ASN A 160 -5.82 -23.47 -13.37
CA ASN A 160 -5.94 -23.11 -14.77
C ASN A 160 -6.68 -21.79 -14.99
N THR A 161 -7.13 -21.13 -13.92
CA THR A 161 -7.85 -19.88 -14.05
C THR A 161 -7.10 -18.71 -13.42
N SER A 162 -6.60 -18.89 -12.20
CA SER A 162 -5.88 -17.82 -11.53
C SER A 162 -4.80 -18.39 -10.62
N ALA A 163 -3.93 -17.51 -10.15
CA ALA A 163 -2.82 -17.90 -9.28
C ALA A 163 -3.31 -18.33 -7.91
N ILE A 164 -2.44 -19.04 -7.20
CA ILE A 164 -2.72 -19.55 -5.86
C ILE A 164 -1.90 -18.76 -4.85
N THR A 165 -2.53 -18.39 -3.74
CA THR A 165 -1.87 -17.64 -2.68
C THR A 165 -2.10 -18.36 -1.36
N GLN A 166 -1.01 -18.68 -0.67
CA GLN A 166 -1.08 -19.37 0.61
C GLN A 166 -1.26 -18.36 1.72
N ALA A 167 -2.25 -18.61 2.58
CA ALA A 167 -2.50 -17.72 3.71
C ALA A 167 -1.36 -17.84 4.72
N CYS A 168 -1.00 -16.71 5.31
CA CYS A 168 0.08 -16.68 6.29
C CYS A 168 -0.33 -17.48 7.53
N PRO A 169 0.46 -18.47 7.95
CA PRO A 169 0.09 -19.24 9.14
C PRO A 169 0.06 -18.44 10.43
N LYS A 170 0.76 -17.30 10.47
CA LYS A 170 0.77 -16.51 11.70
C LYS A 170 -0.56 -15.82 11.95
N VAL A 171 -1.28 -15.42 10.91
CA VAL A 171 -2.57 -14.76 11.08
C VAL A 171 -3.59 -15.77 11.56
N SER A 172 -4.65 -15.26 12.20
CA SER A 172 -5.72 -16.09 12.72
C SER A 172 -7.06 -15.65 12.12
N PHE A 173 -7.89 -16.62 11.78
CA PHE A 173 -9.20 -16.38 11.19
C PHE A 173 -10.30 -16.31 12.24
N GLU A 174 -9.97 -15.94 13.48
CA GLU A 174 -10.96 -15.86 14.54
C GLU A 174 -11.92 -14.70 14.29
N PRO A 175 -13.22 -14.93 14.22
CA PRO A 175 -14.17 -13.84 13.98
C PRO A 175 -14.35 -12.94 15.20
N ILE A 176 -13.34 -12.17 15.56
CA ILE A 176 -13.47 -11.28 16.72
C ILE A 176 -14.45 -10.16 16.39
N PRO A 177 -15.27 -9.71 17.33
CA PRO A 177 -16.25 -8.66 17.02
C PRO A 177 -15.60 -7.32 16.71
N ILE A 178 -16.28 -6.56 15.84
CA ILE A 178 -15.86 -5.24 15.43
C ILE A 178 -17.04 -4.29 15.60
N HIS A 179 -16.76 -3.09 16.10
CA HIS A 179 -17.81 -2.11 16.31
C HIS A 179 -17.79 -1.08 15.19
N TYR A 180 -18.93 -0.90 14.55
CA TYR A 180 -19.07 0.04 13.44
C TYR A 180 -19.60 1.36 13.98
N CYS A 181 -18.78 2.42 13.90
CA CYS A 181 -19.16 3.74 14.36
C CYS A 181 -19.31 4.70 13.19
N THR A 182 -20.03 5.78 13.46
CA THR A 182 -20.29 6.84 12.50
C THR A 182 -19.54 8.09 12.92
N PRO A 183 -19.07 8.90 11.96
CA PRO A 183 -18.34 10.11 12.33
C PRO A 183 -19.24 11.14 13.00
N ALA A 184 -18.62 12.23 13.44
CA ALA A 184 -19.36 13.30 14.11
C ALA A 184 -20.35 13.93 13.14
N GLY A 185 -21.46 14.41 13.70
CA GLY A 185 -22.50 15.01 12.89
C GLY A 185 -23.53 14.02 12.36
N PHE A 186 -23.40 12.75 12.72
CA PHE A 186 -24.33 11.71 12.29
C PHE A 186 -24.59 10.79 13.47
N ALA A 187 -25.69 10.04 13.41
CA ALA A 187 -26.03 9.13 14.49
C ALA A 187 -26.64 7.86 13.92
N ILE A 188 -26.62 6.81 14.73
CA ILE A 188 -27.17 5.51 14.37
C ILE A 188 -28.43 5.29 15.19
N LEU A 189 -29.54 5.01 14.52
CA LEU A 189 -30.81 4.77 15.19
C LEU A 189 -30.97 3.27 15.42
N LYS A 190 -31.10 2.88 16.69
CA LYS A 190 -31.25 1.48 17.06
C LYS A 190 -32.70 1.21 17.46
N CYS A 191 -33.28 0.17 16.88
CA CYS A 191 -34.65 -0.22 17.17
C CYS A 191 -34.67 -1.33 18.20
N LYS A 192 -35.52 -1.18 19.22
CA LYS A 192 -35.65 -2.16 20.29
C LYS A 192 -37.05 -2.73 20.40
N ASP A 193 -37.85 -2.65 19.35
CA ASP A 193 -39.21 -3.17 19.40
C ASP A 193 -39.21 -4.69 19.48
N GLU A 194 -40.14 -5.23 20.26
CA GLU A 194 -40.24 -6.67 20.41
C GLU A 194 -40.88 -7.29 19.17
N GLY A 195 -40.24 -8.31 18.63
CA GLY A 195 -40.75 -8.97 17.44
C GLY A 195 -40.75 -8.09 16.20
N PHE A 196 -39.74 -7.24 16.07
CA PHE A 196 -39.63 -6.35 14.92
C PHE A 196 -39.03 -7.12 13.74
N ASN A 197 -39.75 -7.16 12.63
CA ASN A 197 -39.28 -7.87 11.44
C ASN A 197 -38.33 -6.95 10.66
N GLY A 198 -38.03 -7.32 9.42
CA GLY A 198 -37.11 -6.52 8.61
C GLY A 198 -37.59 -5.11 8.33
N THR A 199 -38.85 -4.96 7.94
CA THR A 199 -39.40 -3.65 7.62
C THR A 199 -40.43 -3.24 8.67
N GLY A 200 -41.07 -2.12 8.42
CA GLY A 200 -42.09 -1.58 9.32
C GLY A 200 -41.52 -0.50 10.23
N LEU A 201 -42.43 0.35 10.71
CA LEU A 201 -42.04 1.44 11.60
C LEU A 201 -41.72 0.90 12.98
N CYS A 202 -40.73 1.51 13.63
CA CYS A 202 -40.29 1.11 14.96
C CYS A 202 -40.79 2.13 15.97
N LYS A 203 -41.42 1.66 17.04
CA LYS A 203 -41.94 2.53 18.10
C LYS A 203 -40.94 2.74 19.21
N ASN A 204 -40.17 1.70 19.58
CA ASN A 204 -39.17 1.75 20.63
C ASN A 204 -37.83 1.97 19.95
N VAL A 205 -37.48 3.24 19.73
CA VAL A 205 -36.23 3.59 19.06
C VAL A 205 -35.27 4.20 20.07
N SER A 206 -34.00 3.84 19.94
CA SER A 206 -32.95 4.35 20.81
C SER A 206 -31.78 4.80 19.94
N THR A 207 -31.16 5.91 20.32
CA THR A 207 -30.02 6.44 19.58
C THR A 207 -28.72 6.01 20.23
N VAL A 208 -27.80 5.49 19.41
CA VAL A 208 -26.51 5.04 19.89
C VAL A 208 -25.44 5.54 18.94
N GLN A 209 -24.25 5.83 19.49
CA GLN A 209 -23.15 6.33 18.67
C GLN A 209 -22.47 5.22 17.88
N CYS A 210 -22.37 4.01 18.44
CA CYS A 210 -21.73 2.90 17.78
C CYS A 210 -22.56 1.63 17.91
N THR A 211 -22.36 0.72 16.97
CA THR A 211 -23.07 -0.54 16.96
C THR A 211 -22.54 -1.44 18.07
N HIS A 212 -23.26 -2.54 18.30
CA HIS A 212 -22.88 -3.50 19.33
C HIS A 212 -21.78 -4.43 18.80
N GLY A 213 -21.56 -5.54 19.47
CA GLY A 213 -20.54 -6.50 19.10
C GLY A 213 -20.81 -7.32 17.85
N ILE A 214 -20.79 -6.67 16.69
CA ILE A 214 -21.02 -7.37 15.43
C ILE A 214 -19.82 -8.26 15.13
N LYS A 215 -20.06 -9.57 15.06
CA LYS A 215 -19.01 -10.53 14.76
C LYS A 215 -19.06 -10.87 13.27
N PRO A 216 -18.01 -10.55 12.51
CA PRO A 216 -18.01 -10.84 11.06
C PRO A 216 -17.75 -12.31 10.75
N VAL A 217 -18.66 -13.18 11.18
CA VAL A 217 -18.52 -14.60 10.92
C VAL A 217 -18.78 -14.87 9.45
N VAL A 218 -18.07 -15.84 8.89
CA VAL A 218 -18.22 -16.21 7.48
C VAL A 218 -18.83 -17.60 7.42
N SER A 219 -20.05 -17.68 6.91
CA SER A 219 -20.76 -18.95 6.81
C SER A 219 -21.85 -18.81 5.76
N THR A 220 -22.37 -19.96 5.32
CA THR A 220 -23.42 -19.97 4.33
C THR A 220 -24.40 -21.09 4.64
N GLN A 221 -25.61 -20.95 4.12
CA GLN A 221 -26.74 -21.88 4.26
C GLN A 221 -27.26 -21.96 5.69
N LEU A 222 -26.55 -21.34 6.64
CA LEU A 222 -26.89 -21.29 8.06
C LEU A 222 -26.08 -20.16 8.68
N LEU A 223 -26.46 -19.79 9.90
CA LEU A 223 -25.78 -18.73 10.64
C LEU A 223 -25.20 -19.30 11.92
N LEU A 224 -23.97 -18.90 12.23
CA LEU A 224 -23.27 -19.38 13.42
C LEU A 224 -22.80 -18.19 14.25
N ASN A 225 -22.93 -18.32 15.57
CA ASN A 225 -22.52 -17.31 16.54
C ASN A 225 -23.17 -15.95 16.24
N GLY A 226 -24.43 -15.98 15.84
CA GLY A 226 -25.17 -14.79 15.52
C GLY A 226 -26.10 -14.34 16.66
N SER A 227 -26.82 -13.26 16.38
CA SER A 227 -27.75 -12.72 17.37
C SER A 227 -28.98 -13.63 17.47
N LEU A 228 -29.74 -13.43 18.54
CA LEU A 228 -30.94 -14.22 18.77
C LEU A 228 -32.10 -13.33 19.15
N ALA A 229 -33.31 -13.85 18.94
CA ALA A 229 -34.52 -13.10 19.28
C ALA A 229 -34.70 -13.05 20.79
N GLU A 230 -35.70 -12.28 21.23
CA GLU A 230 -35.95 -12.15 22.65
C GLU A 230 -37.21 -12.85 23.14
N LYS A 231 -38.26 -12.94 22.32
CA LYS A 231 -39.47 -13.58 22.80
C LYS A 231 -40.02 -14.67 21.88
N ASN A 232 -39.97 -14.47 20.57
CA ASN A 232 -40.51 -15.46 19.66
C ASN A 232 -39.68 -15.50 18.38
N ILE A 233 -39.94 -16.51 17.55
CA ILE A 233 -39.24 -16.67 16.30
C ILE A 233 -39.58 -15.52 15.36
N ILE A 234 -38.56 -14.93 14.74
CA ILE A 234 -38.72 -13.81 13.82
C ILE A 234 -38.39 -14.28 12.41
N ILE A 235 -39.25 -13.91 11.45
CA ILE A 235 -39.08 -14.25 10.05
C ILE A 235 -38.95 -12.95 9.27
N ARG A 236 -37.89 -12.83 8.48
CA ARG A 236 -37.63 -11.62 7.72
C ARG A 236 -37.52 -11.93 6.23
N SER A 237 -38.14 -11.08 5.41
CA SER A 237 -38.15 -11.18 3.96
C SER A 237 -38.73 -9.90 3.39
N GLU A 238 -38.11 -9.38 2.32
CA GLU A 238 -38.63 -8.16 1.71
C GLU A 238 -39.93 -8.41 0.98
N ASN A 239 -40.16 -9.63 0.52
CA ASN A 239 -41.40 -9.98 -0.18
C ASN A 239 -41.61 -11.48 0.07
N ILE A 240 -42.43 -11.78 1.07
CA ILE A 240 -42.70 -13.18 1.42
C ILE A 240 -43.45 -13.90 0.31
N THR A 241 -44.28 -13.17 -0.45
CA THR A 241 -45.01 -13.81 -1.53
C THR A 241 -44.11 -14.19 -2.70
N ASN A 242 -42.99 -13.49 -2.85
CA ASN A 242 -42.05 -13.77 -3.94
C ASN A 242 -41.11 -14.88 -3.50
N ASN A 243 -41.04 -15.95 -4.29
CA ASN A 243 -40.16 -17.07 -3.95
C ASN A 243 -38.69 -16.77 -4.22
N ALA A 244 -38.39 -15.76 -5.05
CA ALA A 244 -37.01 -15.42 -5.35
C ALA A 244 -36.32 -14.67 -4.22
N LYS A 245 -37.06 -14.22 -3.22
CA LYS A 245 -36.48 -13.48 -2.11
C LYS A 245 -36.04 -14.44 -1.01
N ILE A 246 -34.93 -14.10 -0.37
CA ILE A 246 -34.38 -14.93 0.71
C ILE A 246 -35.20 -14.73 1.98
N ILE A 247 -35.52 -15.83 2.64
CA ILE A 247 -36.29 -15.80 3.87
C ILE A 247 -35.36 -16.04 5.05
N ILE A 248 -34.96 -14.97 5.72
CA ILE A 248 -34.05 -15.07 6.87
C ILE A 248 -34.90 -15.21 8.13
N VAL A 249 -34.70 -16.31 8.85
CA VAL A 249 -35.43 -16.59 10.08
C VAL A 249 -34.45 -16.57 11.25
N GLN A 250 -34.85 -15.96 12.36
CA GLN A 250 -34.03 -15.85 13.55
C GLN A 250 -34.59 -16.75 14.64
N LEU A 251 -33.72 -17.49 15.31
CA LEU A 251 -34.13 -18.39 16.37
C LEU A 251 -34.17 -17.69 17.72
N VAL A 252 -35.07 -18.15 18.59
CA VAL A 252 -35.18 -17.56 19.93
C VAL A 252 -34.18 -18.20 20.88
N GLN A 253 -33.79 -19.44 20.61
CA GLN A 253 -32.82 -20.18 21.41
C GLN A 253 -31.81 -20.81 20.48
N PRO A 254 -30.55 -20.92 20.92
CA PRO A 254 -29.52 -21.49 20.05
C PRO A 254 -29.54 -23.01 20.05
N VAL A 255 -29.06 -23.56 18.94
CA VAL A 255 -28.95 -25.00 18.74
C VAL A 255 -27.47 -25.31 18.65
N THR A 256 -26.93 -25.97 19.68
CA THR A 256 -25.51 -26.28 19.70
C THR A 256 -25.14 -27.29 18.62
N ILE A 257 -23.93 -27.15 18.10
CA ILE A 257 -23.39 -28.03 17.06
C ILE A 257 -21.90 -28.21 17.34
N LYS A 258 -21.42 -29.44 17.23
CA LYS A 258 -20.02 -29.76 17.48
C LYS A 258 -19.44 -30.52 16.29
N CYS A 259 -18.19 -30.20 15.96
CA CYS A 259 -17.51 -30.82 14.84
C CYS A 259 -16.10 -31.24 15.28
N ILE A 260 -15.55 -32.22 14.57
CA ILE A 260 -14.22 -32.73 14.87
C ILE A 260 -13.60 -33.25 13.58
N ARG A 261 -12.27 -33.16 13.48
CA ARG A 261 -11.51 -33.61 12.33
C ARG A 261 -10.58 -34.71 12.87
N PRO A 262 -10.99 -35.98 12.78
CA PRO A 262 -10.16 -37.07 13.32
C PRO A 262 -8.79 -37.24 12.68
N ASN A 263 -8.59 -36.75 11.45
CA ASN A 263 -7.30 -36.92 10.80
C ASN A 263 -6.21 -36.13 11.52
N ASN A 264 -5.32 -36.83 12.23
CA ASN A 264 -4.23 -36.21 12.97
C ASN A 264 -3.17 -35.81 11.95
N ASN A 265 -3.24 -34.56 11.51
CA ASN A 265 -2.31 -34.06 10.51
C ASN A 265 -0.96 -33.70 11.10
N THR A 266 0.07 -33.81 10.24
CA THR A 266 1.45 -33.47 10.58
C THR A 266 1.92 -32.50 9.51
N VAL A 267 2.20 -31.27 9.92
CA VAL A 267 2.62 -30.22 8.99
C VAL A 267 4.13 -30.24 8.79
N LYS A 268 4.53 -30.25 7.53
CA LYS A 268 5.93 -30.22 7.12
C LYS A 268 6.17 -28.88 6.43
N SER A 269 7.41 -28.66 5.98
CA SER A 269 7.71 -27.40 5.32
C SER A 269 8.87 -27.55 4.36
N ILE A 270 8.73 -26.95 3.19
CA ILE A 270 9.76 -26.97 2.15
C ILE A 270 9.97 -25.52 1.71
N ARG A 271 11.23 -25.11 1.61
CA ARG A 271 11.56 -23.75 1.23
C ARG A 271 11.67 -23.64 -0.28
N ILE A 272 10.67 -23.02 -0.90
CA ILE A 272 10.64 -22.81 -2.34
C ILE A 272 11.03 -21.35 -2.59
N GLY A 273 11.91 -21.13 -3.56
CA GLY A 273 12.36 -19.79 -3.85
C GLY A 273 13.23 -19.26 -2.73
N PRO A 274 13.54 -17.96 -2.75
CA PRO A 274 14.38 -17.37 -1.70
C PRO A 274 13.57 -16.97 -0.47
N GLY A 275 13.93 -17.53 0.67
CA GLY A 275 13.29 -17.21 1.93
C GLY A 275 11.90 -17.76 2.19
N GLN A 276 10.96 -17.47 1.30
CA GLN A 276 9.59 -17.93 1.47
C GLN A 276 9.51 -19.45 1.46
N ALA A 277 8.49 -19.99 2.13
CA ALA A 277 8.29 -21.42 2.21
C ALA A 277 6.85 -21.78 1.90
N PHE A 278 6.60 -23.08 1.78
CA PHE A 278 5.28 -23.63 1.48
C PHE A 278 4.98 -24.74 2.47
N TYR A 279 3.80 -24.70 3.07
CA TYR A 279 3.39 -25.69 4.06
C TYR A 279 2.43 -26.70 3.44
N TYR A 280 2.64 -27.98 3.79
CA TYR A 280 1.81 -29.05 3.28
C TYR A 280 1.61 -30.09 4.38
N THR A 281 0.88 -31.15 4.05
CA THR A 281 0.61 -32.22 5.00
C THR A 281 1.64 -33.33 4.82
N GLY A 282 2.35 -33.66 5.90
CA GLY A 282 3.37 -34.68 5.85
C GLY A 282 2.87 -36.11 5.92
N ASP A 283 2.18 -36.46 7.00
CA ASP A 283 1.66 -37.80 7.19
C ASP A 283 0.50 -37.72 8.16
N ILE A 284 -0.38 -38.72 8.12
CA ILE A 284 -1.55 -38.78 8.99
C ILE A 284 -1.31 -39.83 10.06
N ILE A 285 -1.34 -39.41 11.31
CA ILE A 285 -1.13 -40.32 12.43
C ILE A 285 -2.43 -41.05 12.72
N GLY A 286 -2.36 -42.37 12.73
CA GLY A 286 -3.54 -43.18 12.99
C GLY A 286 -4.25 -43.60 11.71
N ASP A 287 -5.51 -43.95 11.87
CA ASP A 287 -6.33 -44.38 10.75
C ASP A 287 -7.07 -43.20 10.13
N ILE A 288 -7.35 -43.31 8.84
CA ILE A 288 -8.05 -42.26 8.11
C ILE A 288 -9.53 -42.30 8.47
N ARG A 289 -10.07 -41.15 8.85
CA ARG A 289 -11.48 -41.05 9.22
C ARG A 289 -12.10 -39.82 8.59
N GLN A 290 -13.41 -39.87 8.41
CA GLN A 290 -14.15 -38.78 7.79
C GLN A 290 -14.56 -37.73 8.83
N ALA A 291 -14.36 -36.46 8.48
CA ALA A 291 -14.74 -35.37 9.37
C ALA A 291 -16.25 -35.21 9.34
N HIS A 292 -16.84 -34.98 10.50
CA HIS A 292 -18.28 -34.83 10.60
C HIS A 292 -18.66 -33.85 11.69
N CYS A 293 -19.95 -33.60 11.83
CA CYS A 293 -20.51 -32.71 12.82
C CYS A 293 -21.69 -33.38 13.50
N ASN A 294 -21.97 -32.96 14.74
CA ASN A 294 -23.06 -33.52 15.52
C ASN A 294 -24.05 -32.44 15.93
N VAL A 295 -25.32 -32.83 16.03
CA VAL A 295 -26.39 -31.92 16.44
C VAL A 295 -27.49 -32.77 17.06
N THR A 296 -28.08 -32.28 18.16
CA THR A 296 -29.14 -33.02 18.84
C THR A 296 -30.39 -33.09 17.96
N ARG A 297 -30.98 -34.28 17.90
CA ARG A 297 -32.18 -34.46 17.08
C ARG A 297 -33.40 -33.84 17.73
N SER A 298 -33.51 -33.93 19.06
CA SER A 298 -34.66 -33.36 19.75
C SER A 298 -34.68 -31.84 19.63
N ARG A 299 -33.54 -31.19 19.87
CA ARG A 299 -33.48 -29.73 19.78
C ARG A 299 -33.77 -29.25 18.36
N TRP A 300 -33.13 -29.87 17.36
CA TRP A 300 -33.35 -29.46 15.98
C TRP A 300 -34.79 -29.74 15.55
N ASN A 301 -35.36 -30.86 15.99
CA ASN A 301 -36.74 -31.20 15.64
C ASN A 301 -37.70 -30.18 16.23
N LYS A 302 -37.50 -29.80 17.49
CA LYS A 302 -38.37 -28.81 18.12
C LYS A 302 -38.21 -27.45 17.44
N THR A 303 -36.98 -27.11 17.07
CA THR A 303 -36.74 -25.84 16.38
C THR A 303 -37.44 -25.83 15.04
N LEU A 304 -37.39 -26.94 14.30
CA LEU A 304 -38.06 -27.01 13.02
C LEU A 304 -39.57 -26.91 13.19
N GLN A 305 -40.10 -27.54 14.25
CA GLN A 305 -41.53 -27.45 14.50
C GLN A 305 -41.95 -26.02 14.77
N GLU A 306 -41.17 -25.30 15.60
CA GLU A 306 -41.50 -23.91 15.91
C GLU A 306 -41.39 -23.03 14.67
N VAL A 307 -40.37 -23.25 13.85
CA VAL A 307 -40.20 -22.46 12.63
C VAL A 307 -41.35 -22.71 11.66
N ALA A 308 -41.77 -23.97 11.54
CA ALA A 308 -42.88 -24.30 10.65
C ALA A 308 -44.18 -23.69 11.16
N GLU A 309 -44.37 -23.69 12.48
CA GLU A 309 -45.59 -23.12 13.06
C GLU A 309 -45.63 -21.61 12.84
N LYS A 310 -44.48 -20.94 13.02
CA LYS A 310 -44.45 -19.50 12.82
C LYS A 310 -44.58 -19.11 11.35
N LEU A 311 -43.97 -19.91 10.45
CA LEU A 311 -44.04 -19.61 9.03
C LEU A 311 -45.39 -19.99 8.43
N ARG A 312 -46.17 -20.82 9.11
CA ARG A 312 -47.47 -21.22 8.60
C ARG A 312 -48.45 -20.06 8.49
N THR A 313 -48.24 -18.99 9.29
CA THR A 313 -49.13 -17.85 9.24
C THR A 313 -49.08 -17.14 7.88
N TYR A 314 -47.89 -16.99 7.31
CA TYR A 314 -47.74 -16.31 6.02
C TYR A 314 -48.29 -17.09 4.84
N PHE A 315 -48.62 -18.38 5.00
CA PHE A 315 -49.14 -19.14 3.86
C PHE A 315 -50.41 -19.91 4.21
N GLY A 316 -51.11 -19.49 5.25
CA GLY A 316 -52.34 -20.15 5.63
C GLY A 316 -52.09 -21.53 6.25
N ASN A 317 -53.20 -22.18 6.60
CA ASN A 317 -53.16 -23.51 7.23
C ASN A 317 -52.77 -24.57 6.20
N LYS A 318 -51.49 -24.56 5.84
CA LYS A 318 -50.91 -25.50 4.89
C LYS A 318 -49.77 -26.27 5.54
N THR A 319 -49.34 -27.33 4.84
CA THR A 319 -48.25 -28.16 5.31
C THR A 319 -46.91 -27.62 4.82
N ILE A 320 -45.88 -27.82 5.62
CA ILE A 320 -44.53 -27.35 5.31
C ILE A 320 -43.60 -28.55 5.12
N ILE A 321 -42.86 -28.56 4.02
CA ILE A 321 -41.93 -29.64 3.69
C ILE A 321 -40.57 -29.02 3.37
N PHE A 322 -39.51 -29.65 3.87
CA PHE A 322 -38.14 -29.21 3.65
C PHE A 322 -37.44 -30.16 2.70
N ALA A 323 -36.59 -29.60 1.83
CA ALA A 323 -35.84 -30.37 0.86
C ALA A 323 -34.34 -30.20 1.12
N ASN A 324 -33.55 -31.03 0.44
CA ASN A 324 -32.09 -30.99 0.60
C ASN A 324 -31.46 -30.20 -0.54
N SER A 325 -31.47 -28.88 -0.37
CA SER A 325 -30.90 -27.91 -1.33
C SER A 325 -31.48 -28.04 -2.72
N SER A 326 -30.90 -27.31 -3.68
CA SER A 326 -31.34 -27.31 -5.07
C SER A 326 -30.36 -28.00 -6.01
N GLY A 327 -29.19 -28.38 -5.52
CA GLY A 327 -28.19 -29.03 -6.35
C GLY A 327 -27.35 -28.04 -7.13
N GLY A 328 -26.20 -28.52 -7.58
CA GLY A 328 -25.29 -27.69 -8.35
C GLY A 328 -23.87 -27.69 -7.82
N ASP A 329 -23.31 -26.50 -7.61
CA ASP A 329 -21.96 -26.36 -7.12
C ASP A 329 -21.87 -26.80 -5.65
N LEU A 330 -20.69 -27.28 -5.26
CA LEU A 330 -20.48 -27.73 -3.89
C LEU A 330 -20.45 -26.56 -2.92
N GLU A 331 -19.96 -25.40 -3.35
CA GLU A 331 -19.88 -24.24 -2.47
C GLU A 331 -21.23 -23.60 -2.20
N ILE A 332 -22.24 -23.83 -3.05
CA ILE A 332 -23.55 -23.22 -2.86
C ILE A 332 -24.60 -24.21 -2.36
N THR A 333 -24.27 -25.48 -2.21
CA THR A 333 -25.22 -26.49 -1.75
C THR A 333 -24.81 -27.12 -0.43
N THR A 334 -23.67 -26.75 0.12
CA THR A 334 -23.20 -27.31 1.38
C THR A 334 -22.84 -26.17 2.33
N HIS A 335 -22.44 -26.56 3.54
CA HIS A 335 -22.06 -25.60 4.57
C HIS A 335 -20.65 -25.10 4.32
N SER A 336 -20.22 -24.14 5.13
CA SER A 336 -18.87 -23.56 5.01
C SER A 336 -18.46 -23.02 6.37
N PHE A 337 -17.53 -23.72 7.04
CA PHE A 337 -17.04 -23.30 8.34
C PHE A 337 -15.65 -22.70 8.21
N ASN A 338 -15.21 -22.08 9.31
CA ASN A 338 -13.89 -21.45 9.43
C ASN A 338 -13.31 -21.78 10.78
N CYS A 339 -13.51 -23.02 11.24
CA CYS A 339 -13.05 -23.47 12.54
C CYS A 339 -11.54 -23.68 12.54
N GLY A 340 -10.81 -22.82 13.24
CA GLY A 340 -9.38 -22.92 13.34
C GLY A 340 -8.60 -22.71 12.06
N GLY A 341 -9.24 -22.14 11.04
CA GLY A 341 -8.56 -21.91 9.78
C GLY A 341 -8.91 -22.95 8.74
N GLU A 342 -9.47 -24.07 9.16
CA GLU A 342 -9.85 -25.15 8.26
C GLU A 342 -11.29 -24.92 7.82
N PHE A 343 -11.56 -25.17 6.54
CA PHE A 343 -12.88 -24.97 5.95
C PHE A 343 -13.57 -26.33 5.80
N PHE A 344 -14.77 -26.44 6.36
CA PHE A 344 -15.54 -27.68 6.30
C PHE A 344 -16.79 -27.50 5.44
N TYR A 345 -17.02 -28.46 4.55
CA TYR A 345 -18.19 -28.48 3.68
C TYR A 345 -19.06 -29.65 4.13
N CYS A 346 -20.02 -29.37 5.00
CA CYS A 346 -20.90 -30.39 5.56
C CYS A 346 -22.14 -30.56 4.70
N ASN A 347 -22.62 -31.80 4.65
CA ASN A 347 -23.82 -32.16 3.88
C ASN A 347 -25.03 -31.81 4.75
N THR A 348 -25.81 -30.84 4.29
CA THR A 348 -26.98 -30.36 5.00
C THR A 348 -28.22 -31.22 4.74
N SER A 349 -28.11 -32.25 3.90
CA SER A 349 -29.26 -33.10 3.61
C SER A 349 -29.78 -33.84 4.84
N GLY A 350 -28.95 -33.98 5.88
CA GLY A 350 -29.38 -34.67 7.08
C GLY A 350 -30.22 -33.84 8.03
N LEU A 351 -30.45 -32.57 7.71
CA LEU A 351 -31.24 -31.69 8.57
C LEU A 351 -32.57 -31.28 7.95
N PHE A 352 -32.55 -30.78 6.72
CA PHE A 352 -33.76 -30.34 6.03
C PHE A 352 -34.41 -31.49 5.28
N ASN A 353 -34.76 -32.53 6.04
CA ASN A 353 -35.41 -33.72 5.48
C ASN A 353 -36.51 -34.15 6.45
N SER A 354 -37.70 -33.57 6.28
CA SER A 354 -38.87 -33.85 7.11
C SER A 354 -40.05 -33.10 6.53
N THR A 355 -41.23 -33.40 7.07
CA THR A 355 -42.48 -32.77 6.67
C THR A 355 -43.27 -32.42 7.92
N TRP A 356 -44.10 -31.39 7.82
CA TRP A 356 -44.90 -30.95 8.94
C TRP A 356 -46.34 -30.68 8.53
N TYR A 357 -47.26 -30.94 9.44
CA TYR A 357 -48.69 -30.74 9.22
C TYR A 357 -49.23 -29.78 10.26
N VAL A 358 -50.51 -29.42 10.08
CA VAL A 358 -51.15 -28.50 11.02
C VAL A 358 -51.32 -29.16 12.38
N ASN A 359 -51.66 -30.45 12.39
CA ASN A 359 -51.84 -31.16 13.66
C ASN A 359 -50.55 -31.23 14.46
N SER A 360 -49.44 -31.50 13.78
CA SER A 360 -48.13 -31.58 14.45
C SER A 360 -47.00 -31.34 13.46
N SER A 371 -32.74 -39.66 25.80
CA SER A 371 -31.93 -40.19 24.71
C SER A 371 -31.35 -39.05 23.87
N ASN A 372 -30.10 -39.22 23.44
CA ASN A 372 -29.46 -38.20 22.62
C ASN A 372 -29.87 -38.31 21.15
N ASP A 373 -29.53 -39.45 20.52
CA ASP A 373 -29.87 -39.71 19.12
C ASP A 373 -29.42 -38.57 18.20
N THR A 374 -28.19 -38.11 18.41
CA THR A 374 -27.65 -37.01 17.61
C THR A 374 -27.58 -37.37 16.13
N ILE A 375 -27.79 -36.35 15.30
CA ILE A 375 -27.75 -36.52 13.85
C ILE A 375 -26.38 -36.13 13.35
N THR A 376 -25.69 -37.07 12.70
CA THR A 376 -24.35 -36.83 12.17
C THR A 376 -24.45 -36.24 10.76
N LEU A 377 -23.51 -35.36 10.45
CA LEU A 377 -23.47 -34.72 9.14
C LEU A 377 -22.09 -34.94 8.52
N PRO A 378 -21.98 -35.67 7.42
CA PRO A 378 -20.66 -35.88 6.81
C PRO A 378 -20.15 -34.57 6.21
N CYS A 379 -18.88 -34.27 6.44
CA CYS A 379 -18.27 -33.05 5.95
C CYS A 379 -16.98 -33.35 5.19
N ARG A 380 -16.69 -32.50 4.22
CA ARG A 380 -15.50 -32.59 3.39
C ARG A 380 -14.67 -31.33 3.60
N ILE A 381 -13.37 -31.44 3.33
CA ILE A 381 -12.44 -30.33 3.53
C ILE A 381 -11.74 -30.00 2.22
N LYS A 382 -11.62 -28.69 1.95
CA LYS A 382 -10.95 -28.19 0.76
C LYS A 382 -9.89 -27.19 1.20
N GLN A 383 -8.67 -27.36 0.67
CA GLN A 383 -7.59 -26.43 1.01
C GLN A 383 -7.63 -25.20 0.11
N ILE A 384 -7.96 -25.39 -1.16
CA ILE A 384 -8.07 -24.28 -2.11
C ILE A 384 -9.50 -23.74 -2.02
N ILE A 385 -9.65 -22.45 -1.73
CA ILE A 385 -10.97 -21.86 -1.58
C ILE A 385 -11.01 -20.43 -2.09
N ASN A 386 -12.24 -19.99 -2.37
CA ASN A 386 -12.59 -18.64 -2.83
C ASN A 386 -13.90 -18.36 -2.09
N MET A 387 -13.77 -17.75 -0.92
CA MET A 387 -14.93 -17.50 -0.06
C MET A 387 -15.93 -16.53 -0.69
N TRP A 388 -15.44 -15.46 -1.32
CA TRP A 388 -16.31 -14.46 -1.91
C TRP A 388 -16.84 -14.85 -3.29
N GLN A 389 -16.63 -16.10 -3.72
CA GLN A 389 -17.09 -16.63 -5.00
C GLN A 389 -16.60 -15.80 -6.19
N ARG A 390 -15.52 -15.05 -6.02
CA ARG A 390 -15.00 -14.23 -7.11
C ARG A 390 -14.28 -15.12 -8.13
N ALA A 391 -14.23 -14.63 -9.37
CA ALA A 391 -13.57 -15.38 -10.44
C ALA A 391 -12.07 -15.37 -10.20
N GLY A 392 -11.55 -16.48 -9.69
CA GLY A 392 -10.14 -16.60 -9.41
C GLY A 392 -9.77 -16.06 -8.04
N GLN A 393 -8.48 -15.75 -7.91
CA GLN A 393 -7.90 -15.21 -6.67
C GLN A 393 -8.14 -16.15 -5.49
N ALA A 394 -8.01 -17.45 -5.73
CA ALA A 394 -8.21 -18.43 -4.68
C ALA A 394 -7.09 -18.39 -3.64
N MET A 395 -7.42 -18.78 -2.43
CA MET A 395 -6.47 -18.81 -1.33
C MET A 395 -6.24 -20.25 -0.86
N TYR A 396 -4.97 -20.60 -0.68
CA TYR A 396 -4.58 -21.92 -0.23
C TYR A 396 -4.47 -21.89 1.29
N ALA A 397 -5.38 -22.57 1.96
CA ALA A 397 -5.38 -22.60 3.42
C ALA A 397 -4.36 -23.63 3.91
N PRO A 398 -3.39 -23.23 4.73
CA PRO A 398 -2.40 -24.20 5.21
C PRO A 398 -3.06 -25.21 6.14
N PRO A 399 -2.57 -26.46 6.16
CA PRO A 399 -3.16 -27.47 7.04
C PRO A 399 -2.87 -27.18 8.50
N ILE A 400 -3.83 -27.49 9.36
CA ILE A 400 -3.66 -27.27 10.79
C ILE A 400 -3.12 -28.55 11.43
N PRO A 401 -1.98 -28.49 12.12
CA PRO A 401 -1.42 -29.70 12.72
C PRO A 401 -2.26 -30.20 13.89
N GLY A 402 -2.25 -31.53 14.06
CA GLY A 402 -2.99 -32.16 15.15
C GLY A 402 -4.49 -32.17 14.96
N VAL A 403 -5.19 -32.83 15.89
CA VAL A 403 -6.65 -32.90 15.83
C VAL A 403 -7.22 -31.52 16.18
N ILE A 404 -8.33 -31.18 15.54
CA ILE A 404 -8.99 -29.89 15.75
C ILE A 404 -10.47 -30.12 15.99
N LYS A 405 -10.99 -29.50 17.05
CA LYS A 405 -12.38 -29.58 17.44
C LYS A 405 -13.02 -28.20 17.32
N CYS A 406 -14.33 -28.18 17.20
CA CYS A 406 -15.03 -26.90 17.06
C CYS A 406 -16.44 -27.01 17.61
N GLU A 407 -16.91 -25.90 18.17
CA GLU A 407 -18.25 -25.78 18.74
C GLU A 407 -18.80 -24.41 18.38
N SER A 408 -20.09 -24.38 18.04
CA SER A 408 -20.73 -23.12 17.67
C SER A 408 -22.23 -23.26 17.93
N ASN A 409 -22.92 -22.12 17.89
CA ASN A 409 -24.36 -22.07 18.13
C ASN A 409 -25.08 -21.67 16.85
N ILE A 410 -26.14 -22.39 16.53
CA ILE A 410 -26.94 -22.09 15.35
C ILE A 410 -28.03 -21.10 15.76
N THR A 411 -28.05 -19.93 15.12
CA THR A 411 -29.03 -18.90 15.44
C THR A 411 -29.94 -18.51 14.29
N GLY A 412 -29.53 -18.70 13.04
CA GLY A 412 -30.37 -18.33 11.92
C GLY A 412 -30.29 -19.34 10.80
N LEU A 413 -31.36 -19.41 10.02
CA LEU A 413 -31.47 -20.33 8.89
C LEU A 413 -31.79 -19.52 7.64
N LEU A 414 -31.07 -19.81 6.56
CA LEU A 414 -31.28 -19.10 5.29
C LEU A 414 -32.14 -19.95 4.36
N LEU A 415 -33.44 -19.92 4.62
CA LEU A 415 -34.38 -20.66 3.80
C LEU A 415 -34.67 -19.92 2.50
N THR A 416 -35.15 -20.68 1.51
CA THR A 416 -35.49 -20.13 0.21
C THR A 416 -36.78 -20.79 -0.27
N ARG A 417 -37.81 -20.00 -0.51
CA ARG A 417 -39.09 -20.53 -0.96
C ARG A 417 -38.98 -21.09 -2.37
N ASP A 418 -39.62 -22.24 -2.58
CA ASP A 418 -39.63 -22.92 -3.87
C ASP A 418 -41.03 -23.42 -4.13
N GLY A 419 -41.55 -23.16 -5.32
CA GLY A 419 -42.89 -23.59 -5.66
C GLY A 419 -43.15 -23.41 -7.14
N GLY A 420 -44.20 -24.09 -7.61
CA GLY A 420 -44.60 -24.03 -9.00
C GLY A 420 -45.92 -23.34 -9.21
N LYS A 421 -47.00 -24.11 -9.34
CA LYS A 421 -48.33 -23.54 -9.54
C LYS A 421 -48.80 -22.77 -8.31
N ASP A 422 -48.27 -23.09 -7.14
CA ASP A 422 -48.53 -22.49 -5.82
C ASP A 422 -49.94 -22.72 -5.29
N ASN A 423 -50.81 -23.43 -6.02
CA ASN A 423 -52.17 -23.68 -5.54
C ASN A 423 -52.28 -25.00 -4.81
N ASN A 424 -51.16 -25.55 -4.37
CA ASN A 424 -51.13 -26.83 -3.67
C ASN A 424 -51.32 -26.63 -2.17
N VAL A 425 -51.36 -27.75 -1.45
CA VAL A 425 -51.53 -27.74 0.00
C VAL A 425 -50.18 -27.83 0.71
N ASN A 426 -49.09 -28.00 -0.04
CA ASN A 426 -47.76 -28.11 0.54
C ASN A 426 -46.80 -27.16 -0.15
N GLU A 427 -45.76 -26.78 0.58
CA GLU A 427 -44.72 -25.89 0.10
C GLU A 427 -43.36 -26.50 0.41
N THR A 428 -42.39 -26.23 -0.46
CA THR A 428 -41.05 -26.77 -0.31
C THR A 428 -40.07 -25.63 -0.07
N PHE A 429 -39.28 -25.74 1.00
CA PHE A 429 -38.28 -24.75 1.36
C PHE A 429 -36.90 -25.40 1.35
N ARG A 430 -35.98 -24.83 0.58
CA ARG A 430 -34.63 -25.32 0.44
C ARG A 430 -33.63 -24.33 1.02
N PRO A 431 -32.69 -24.77 1.84
CA PRO A 431 -31.70 -23.83 2.39
C PRO A 431 -30.67 -23.40 1.36
N GLY A 432 -30.78 -22.17 0.86
CA GLY A 432 -29.83 -21.67 -0.11
C GLY A 432 -29.43 -20.22 0.10
N GLY A 433 -29.87 -19.38 -0.82
CA GLY A 433 -29.56 -17.96 -0.75
C GLY A 433 -28.31 -17.65 -1.54
N SER A 434 -27.20 -18.25 -1.12
CA SER A 434 -25.88 -18.12 -1.71
C SER A 434 -25.37 -16.68 -1.78
N ASP A 435 -25.97 -15.74 -1.04
CA ASP A 435 -25.53 -14.35 -1.04
C ASP A 435 -24.76 -14.10 0.25
N MET A 436 -23.54 -13.58 0.11
CA MET A 436 -22.71 -13.31 1.28
C MET A 436 -23.25 -12.12 2.08
N ARG A 437 -23.93 -11.19 1.42
CA ARG A 437 -24.45 -10.02 2.13
C ARG A 437 -25.60 -10.39 3.07
N ASP A 438 -26.25 -11.52 2.83
CA ASP A 438 -27.36 -11.92 3.71
C ASP A 438 -26.88 -12.30 5.10
N ASN A 439 -25.60 -12.66 5.23
CA ASN A 439 -25.07 -13.04 6.54
C ASN A 439 -25.04 -11.85 7.49
N TRP A 440 -24.48 -10.73 7.03
CA TRP A 440 -24.42 -9.54 7.87
C TRP A 440 -25.75 -8.80 7.94
N ARG A 441 -26.64 -9.04 6.98
CA ARG A 441 -27.93 -8.37 7.00
C ARG A 441 -28.79 -8.88 8.15
N SER A 442 -28.55 -10.11 8.61
CA SER A 442 -29.30 -10.67 9.73
C SER A 442 -28.90 -10.06 11.06
N GLU A 443 -27.80 -9.31 11.11
CA GLU A 443 -27.33 -8.68 12.34
C GLU A 443 -27.50 -7.18 12.35
N LEU A 444 -27.46 -6.53 11.19
CA LEU A 444 -27.61 -5.08 11.09
C LEU A 444 -29.06 -4.66 10.84
N TYR A 445 -30.01 -5.47 11.27
CA TYR A 445 -31.41 -5.13 11.07
C TYR A 445 -31.92 -4.09 12.06
N LYS A 446 -31.20 -3.88 13.16
CA LYS A 446 -31.61 -2.92 14.17
C LYS A 446 -31.02 -1.53 13.96
N TYR A 447 -30.10 -1.35 13.03
CA TYR A 447 -29.46 -0.07 12.83
C TYR A 447 -29.81 0.58 11.49
N LYS A 448 -29.50 1.88 11.42
CA LYS A 448 -29.69 2.74 10.25
C LYS A 448 -28.92 4.02 10.53
N VAL A 449 -28.31 4.60 9.51
CA VAL A 449 -27.55 5.83 9.68
C VAL A 449 -28.39 7.02 9.25
N VAL A 450 -28.31 8.11 10.01
CA VAL A 450 -29.07 9.32 9.73
C VAL A 450 -28.14 10.53 9.83
N GLU A 451 -28.59 11.63 9.23
CA GLU A 451 -27.86 12.89 9.23
C GLU A 451 -28.68 13.93 9.97
N ILE A 452 -28.16 14.40 11.10
CA ILE A 452 -28.84 15.40 11.91
C ILE A 452 -28.60 16.77 11.30
N GLU A 453 -29.66 17.60 11.28
CA GLU A 453 -29.59 18.94 10.74
C GLU A 453 -29.85 19.93 11.87
N PRO A 454 -28.80 20.46 12.51
CA PRO A 454 -29.01 21.41 13.62
C PRO A 454 -29.70 22.70 13.21
N LEU A 455 -29.70 23.07 11.94
CA LEU A 455 -30.34 24.29 11.51
C LEU A 455 -31.84 24.08 11.34
N GLY A 456 -32.62 24.97 11.96
CA GLY A 456 -34.06 24.88 11.88
C GLY A 456 -34.69 26.27 11.99
N VAL A 457 -35.82 26.43 11.34
CA VAL A 457 -36.55 27.69 11.33
C VAL A 457 -37.98 27.45 11.80
N ALA A 458 -38.55 28.43 12.48
CA ALA A 458 -39.91 28.37 12.99
C ALA A 458 -40.39 29.78 13.25
N PRO A 459 -41.67 30.07 13.02
CA PRO A 459 -42.20 31.41 13.25
C PRO A 459 -42.53 31.67 14.72
N THR A 460 -42.45 32.94 15.07
CA THR A 460 -42.74 33.42 16.43
C THR A 460 -43.02 34.92 16.33
N ARG A 461 -43.16 35.57 17.49
CA ARG A 461 -43.45 37.01 17.55
C ARG A 461 -42.31 37.75 18.23
N CYS A 462 -41.36 38.25 17.43
CA CYS A 462 -40.22 39.01 17.92
C CYS A 462 -39.54 39.66 16.72
N LYS A 463 -38.83 40.75 16.99
CA LYS A 463 -38.12 41.48 15.94
C LYS A 463 -36.77 41.92 16.48
N ARG A 464 -35.74 41.80 15.64
CA ARG A 464 -34.40 42.19 16.04
C ARG A 464 -34.28 43.71 16.09
N ARG A 465 -33.29 44.18 16.85
CA ARG A 465 -33.04 45.60 17.00
C ARG A 465 -32.27 46.14 15.79
N VAL A 466 -32.34 47.45 15.61
CA VAL A 466 -31.65 48.10 14.50
C VAL A 466 -30.78 49.23 15.03
N LEU B 9 -30.44 14.03 30.37
CA LEU B 9 -31.27 13.81 29.20
C LEU B 9 -30.46 13.19 28.08
N GLY B 10 -29.20 13.61 27.95
CA GLY B 10 -28.32 13.06 26.93
C GLY B 10 -28.44 13.72 25.58
N PHE B 11 -27.55 13.28 24.68
CA PHE B 11 -27.51 13.81 23.33
C PHE B 11 -28.71 13.33 22.53
N LEU B 12 -29.36 14.28 21.84
CA LEU B 12 -30.52 14.02 20.99
C LEU B 12 -31.65 13.33 21.77
N GLY B 13 -31.75 13.61 23.08
CA GLY B 13 -32.75 12.99 23.91
C GLY B 13 -34.07 13.74 24.00
N ALA B 14 -34.27 14.74 23.15
CA ALA B 14 -35.51 15.51 23.16
C ALA B 14 -36.12 15.63 21.77
N ALA B 15 -35.91 14.62 20.92
CA ALA B 15 -36.47 14.66 19.58
C ALA B 15 -37.99 14.58 19.60
N GLY B 16 -38.54 13.69 20.42
CA GLY B 16 -39.97 13.53 20.52
C GLY B 16 -40.65 14.45 21.51
N SER B 17 -39.90 15.35 22.13
CA SER B 17 -40.46 16.28 23.12
C SER B 17 -41.24 17.38 22.42
N THR B 18 -41.97 18.14 23.24
CA THR B 18 -42.77 19.25 22.74
C THR B 18 -41.86 20.35 22.17
N MET B 19 -42.41 21.10 21.21
CA MET B 19 -41.67 22.18 20.55
C MET B 19 -41.06 23.15 21.57
N GLY B 20 -41.86 23.59 22.54
CA GLY B 20 -41.35 24.51 23.54
C GLY B 20 -40.34 23.86 24.46
N ALA B 21 -40.58 22.60 24.84
CA ALA B 21 -39.66 21.90 25.72
C ALA B 21 -38.36 21.49 25.04
N ALA B 22 -38.40 21.27 23.73
CA ALA B 22 -37.18 20.88 23.02
C ALA B 22 -36.19 22.03 22.87
N SER B 23 -36.65 23.27 23.00
CA SER B 23 -35.76 24.42 22.87
C SER B 23 -34.85 24.60 24.09
N ILE B 24 -35.09 23.86 25.17
CA ILE B 24 -34.25 23.97 26.36
C ILE B 24 -32.94 23.20 26.23
N THR B 25 -32.98 22.01 25.64
CA THR B 25 -31.81 21.16 25.48
C THR B 25 -31.08 21.38 24.16
N LEU B 26 -31.08 22.61 23.63
CA LEU B 26 -30.38 22.85 22.37
C LEU B 26 -28.86 22.75 22.50
N THR B 27 -28.33 22.78 23.73
CA THR B 27 -26.88 22.70 23.90
C THR B 27 -26.37 21.27 23.97
N VAL B 28 -27.26 20.28 24.09
CA VAL B 28 -26.79 18.90 24.18
C VAL B 28 -26.48 18.34 22.80
N GLN B 29 -27.06 18.93 21.75
CA GLN B 29 -26.77 18.42 20.41
C GLN B 29 -25.65 19.19 19.73
N ALA B 30 -25.64 20.52 19.89
CA ALA B 30 -24.61 21.35 19.27
C ALA B 30 -23.22 21.03 19.80
N ARG B 31 -23.13 20.67 21.08
CA ARG B 31 -21.83 20.36 21.65
C ARG B 31 -21.26 19.06 21.09
N ASN B 32 -22.12 18.10 20.77
CA ASN B 32 -21.70 16.81 20.24
C ASN B 32 -21.44 16.82 18.72
N LEU B 33 -21.30 17.99 18.10
CA LEU B 33 -21.04 18.04 16.67
C LEU B 33 -19.63 17.59 16.31
N LEU B 34 -18.74 17.43 17.29
CA LEU B 34 -17.37 16.99 17.02
C LEU B 34 -16.89 16.04 18.11
N THR B 58 -4.40 -0.21 7.72
CA THR B 58 -4.18 0.81 6.69
C THR B 58 -5.51 1.29 6.14
N HIS B 59 -6.39 0.34 5.82
CA HIS B 59 -7.71 0.67 5.28
C HIS B 59 -8.54 1.43 6.31
N TRP B 60 -8.47 0.99 7.58
CA TRP B 60 -9.21 1.67 8.62
C TRP B 60 -8.68 3.09 8.85
N GLY B 61 -7.38 3.29 8.67
CA GLY B 61 -6.82 4.63 8.85
C GLY B 61 -7.35 5.62 7.85
N ILE B 62 -7.35 5.24 6.57
CA ILE B 62 -7.87 6.16 5.55
C ILE B 62 -9.37 6.34 5.71
N LYS B 63 -10.08 5.28 6.11
CA LYS B 63 -11.52 5.43 6.32
C LYS B 63 -11.81 6.38 7.46
N GLN B 64 -11.04 6.28 8.55
CA GLN B 64 -11.23 7.16 9.70
C GLN B 64 -10.89 8.59 9.33
N LEU B 65 -9.83 8.79 8.54
CA LEU B 65 -9.47 10.15 8.13
C LEU B 65 -10.56 10.75 7.25
N GLN B 66 -11.13 9.95 6.34
CA GLN B 66 -12.20 10.44 5.48
C GLN B 66 -13.42 10.80 6.31
N ALA B 67 -13.76 9.98 7.31
CA ALA B 67 -14.90 10.28 8.16
C ALA B 67 -14.66 11.54 8.98
N ARG B 68 -13.43 11.73 9.46
CA ARG B 68 -13.10 12.91 10.24
C ARG B 68 -13.22 14.19 9.41
N VAL B 69 -12.65 14.19 8.20
CA VAL B 69 -12.75 15.38 7.35
C VAL B 69 -14.20 15.60 6.94
N LEU B 70 -14.97 14.51 6.76
CA LEU B 70 -16.38 14.67 6.42
C LEU B 70 -17.14 15.33 7.56
N ALA B 71 -16.82 14.96 8.80
CA ALA B 71 -17.47 15.55 9.96
C ALA B 71 -17.13 17.03 10.07
N VAL B 72 -15.87 17.38 9.83
CA VAL B 72 -15.46 18.79 9.88
C VAL B 72 -16.19 19.60 8.82
N GLU B 73 -16.26 19.05 7.59
CA GLU B 73 -16.96 19.74 6.52
C GLU B 73 -18.42 19.90 6.86
N HIS B 74 -19.02 18.87 7.47
CA HIS B 74 -20.43 18.95 7.85
C HIS B 74 -20.66 20.04 8.88
N TYR B 75 -19.72 20.20 9.83
CA TYR B 75 -19.89 21.25 10.83
C TYR B 75 -19.79 22.63 10.19
N LEU B 76 -18.78 22.85 9.35
CA LEU B 76 -18.66 24.16 8.70
C LEU B 76 -19.82 24.45 7.75
N ARG B 77 -20.44 23.40 7.19
CA ARG B 77 -21.57 23.58 6.27
C ARG B 77 -22.68 24.39 6.92
N ASP B 78 -22.95 24.13 8.20
CA ASP B 78 -23.96 24.87 8.93
C ASP B 78 -23.40 26.07 9.67
N GLN B 79 -22.12 26.02 10.05
CA GLN B 79 -21.51 27.14 10.74
C GLN B 79 -21.45 28.38 9.85
N GLN B 80 -21.10 28.21 8.57
CA GLN B 80 -21.04 29.37 7.68
C GLN B 80 -22.43 29.97 7.48
N LEU B 81 -23.45 29.13 7.36
CA LEU B 81 -24.80 29.65 7.18
C LEU B 81 -25.27 30.40 8.42
N LEU B 82 -24.95 29.88 9.61
CA LEU B 82 -25.34 30.56 10.83
C LEU B 82 -24.54 31.83 11.04
N GLY B 83 -23.32 31.90 10.50
CA GLY B 83 -22.49 33.09 10.65
C GLY B 83 -22.81 34.21 9.69
N ILE B 84 -23.20 33.88 8.45
CA ILE B 84 -23.51 34.95 7.49
C ILE B 84 -24.82 35.65 7.80
N TRP B 85 -25.65 35.06 8.66
CA TRP B 85 -26.93 35.66 9.02
C TRP B 85 -26.84 36.60 10.22
N GLY B 86 -25.63 36.87 10.72
CA GLY B 86 -25.46 37.73 11.87
C GLY B 86 -25.81 37.08 13.18
N CYS B 87 -26.04 35.77 13.19
CA CYS B 87 -26.38 35.02 14.39
C CYS B 87 -25.24 34.10 14.81
N SER B 88 -24.01 34.57 14.64
CA SER B 88 -22.85 33.78 15.01
C SER B 88 -22.76 33.64 16.53
N GLY B 89 -22.60 32.40 17.00
CA GLY B 89 -22.51 32.17 18.41
C GLY B 89 -23.81 32.31 19.17
N LYS B 90 -24.95 32.30 18.49
CA LYS B 90 -26.25 32.43 19.12
C LYS B 90 -27.14 31.25 18.75
N LEU B 91 -27.67 30.58 19.77
CA LEU B 91 -28.56 29.44 19.55
C LEU B 91 -29.93 29.91 19.07
N ILE B 92 -30.40 31.04 19.59
CA ILE B 92 -31.68 31.62 19.23
C ILE B 92 -31.39 32.97 18.60
N CYS B 93 -31.88 33.17 17.38
CA CYS B 93 -31.66 34.43 16.67
C CYS B 93 -32.94 34.89 16.02
N CYS B 94 -33.05 36.20 15.84
CA CYS B 94 -34.20 36.84 15.23
C CYS B 94 -33.78 37.54 13.95
N THR B 95 -34.61 37.42 12.91
CA THR B 95 -34.33 38.04 11.63
C THR B 95 -35.48 38.96 11.24
N ASN B 96 -35.17 39.93 10.39
CA ASN B 96 -36.15 40.91 9.92
C ASN B 96 -36.79 40.38 8.63
N VAL B 97 -37.44 39.23 8.75
CA VAL B 97 -38.12 38.58 7.63
C VAL B 97 -39.51 38.18 8.10
N PRO B 98 -40.57 38.78 7.55
CA PRO B 98 -41.92 38.41 7.98
C PRO B 98 -42.30 37.01 7.51
N TRP B 99 -43.13 36.35 8.31
CA TRP B 99 -43.59 35.01 7.99
C TRP B 99 -44.64 35.07 6.89
N ASN B 100 -44.59 34.09 5.99
CA ASN B 100 -45.53 33.99 4.88
C ASN B 100 -46.52 32.88 5.18
N SER B 101 -47.80 33.19 5.02
CA SER B 101 -48.85 32.20 5.29
C SER B 101 -48.79 31.02 4.33
N SER B 102 -48.21 31.22 3.13
CA SER B 102 -48.12 30.13 2.17
C SER B 102 -47.24 29.00 2.67
N TRP B 103 -46.19 29.33 3.44
CA TRP B 103 -45.30 28.31 3.97
C TRP B 103 -46.02 27.42 4.97
N SER B 104 -46.82 28.02 5.86
CA SER B 104 -47.57 27.27 6.86
C SER B 104 -48.69 28.15 7.39
N ASN B 105 -49.92 27.67 7.30
CA ASN B 105 -51.09 28.39 7.78
C ASN B 105 -51.45 28.05 9.22
N LYS B 106 -50.68 27.19 9.88
CA LYS B 106 -50.97 26.82 11.26
C LYS B 106 -50.68 27.98 12.20
N SER B 107 -51.45 28.04 13.29
CA SER B 107 -51.29 29.10 14.28
C SER B 107 -50.04 28.86 15.13
N LEU B 108 -49.61 29.91 15.81
CA LEU B 108 -48.41 29.84 16.66
C LEU B 108 -48.61 28.85 17.80
N ASP B 109 -49.81 28.85 18.40
CA ASP B 109 -50.10 27.93 19.49
C ASP B 109 -50.03 26.48 19.00
N GLU B 110 -50.59 26.21 17.83
CA GLU B 110 -50.56 24.88 17.26
C GLU B 110 -49.15 24.40 16.93
N ILE B 111 -48.25 25.33 16.60
CA ILE B 111 -46.87 24.98 16.27
C ILE B 111 -46.05 24.73 17.53
N TRP B 112 -45.99 25.72 18.41
CA TRP B 112 -45.17 25.59 19.62
C TRP B 112 -45.79 24.76 20.74
N ASN B 113 -47.03 24.30 20.63
CA ASN B 113 -47.61 23.52 21.72
C ASN B 113 -48.33 22.25 21.30
N ASN B 114 -48.21 21.81 20.04
CA ASN B 114 -48.92 20.59 19.66
C ASN B 114 -48.12 19.65 18.76
N MET B 115 -46.84 19.91 18.50
CA MET B 115 -46.09 19.00 17.63
C MET B 115 -44.62 19.02 18.01
N THR B 116 -43.87 18.15 17.36
CA THR B 116 -42.44 18.00 17.57
C THR B 116 -41.67 18.63 16.40
N TRP B 117 -40.36 18.69 16.53
CA TRP B 117 -39.53 19.26 15.48
C TRP B 117 -39.49 18.36 14.25
N LEU B 118 -39.56 17.05 14.45
CA LEU B 118 -39.52 16.12 13.32
C LEU B 118 -40.75 16.26 12.44
N GLN B 119 -41.88 16.66 13.01
CA GLN B 119 -43.12 16.84 12.27
C GLN B 119 -43.28 18.25 11.71
N TRP B 120 -42.19 18.98 11.58
CA TRP B 120 -42.16 20.34 11.06
C TRP B 120 -41.13 20.52 9.95
N ASP B 121 -40.00 19.81 10.05
CA ASP B 121 -38.97 19.91 9.02
C ASP B 121 -39.48 19.32 7.70
N LYS B 122 -40.37 18.33 7.78
CA LYS B 122 -40.92 17.74 6.57
C LYS B 122 -41.87 18.69 5.86
N GLU B 123 -42.31 19.74 6.54
CA GLU B 123 -43.20 20.74 5.96
C GLU B 123 -42.43 21.97 5.51
N ILE B 124 -41.30 22.28 6.17
CA ILE B 124 -40.52 23.46 5.77
C ILE B 124 -39.39 23.11 4.81
N ASN B 125 -39.16 21.83 4.54
CA ASN B 125 -38.08 21.45 3.62
C ASN B 125 -38.35 21.93 2.19
N ASN B 126 -39.59 22.24 1.86
CA ASN B 126 -39.91 22.70 0.51
C ASN B 126 -39.39 24.10 0.23
N TYR B 127 -39.58 25.02 1.18
CA TYR B 127 -39.17 26.42 1.01
C TYR B 127 -38.01 26.80 1.90
N THR B 128 -37.19 25.85 2.32
CA THR B 128 -36.06 26.15 3.19
C THR B 128 -35.03 27.04 2.51
N GLN B 129 -34.68 26.72 1.25
CA GLN B 129 -33.69 27.51 0.53
C GLN B 129 -34.16 28.94 0.31
N LEU B 130 -35.45 29.12 -0.04
CA LEU B 130 -35.98 30.47 -0.25
C LEU B 130 -35.92 31.27 1.04
N ILE B 131 -36.24 30.63 2.17
CA ILE B 131 -36.18 31.31 3.45
C ILE B 131 -34.76 31.73 3.77
N TYR B 132 -33.79 30.86 3.47
CA TYR B 132 -32.39 31.22 3.72
C TYR B 132 -31.96 32.39 2.84
N ARG B 133 -32.39 32.41 1.57
CA ARG B 133 -32.04 33.52 0.70
C ARG B 133 -32.62 34.82 1.22
N LEU B 134 -33.88 34.79 1.67
CA LEU B 134 -34.50 36.00 2.20
C LEU B 134 -33.77 36.47 3.46
N ILE B 135 -33.38 35.54 4.33
CA ILE B 135 -32.68 35.91 5.56
C ILE B 135 -31.34 36.57 5.25
N GLU B 136 -30.55 35.96 4.35
CA GLU B 136 -29.24 36.56 4.05
C GLU B 136 -29.39 37.91 3.36
N GLU B 137 -30.35 38.04 2.44
CA GLU B 137 -30.54 39.32 1.76
C GLU B 137 -30.97 40.40 2.74
N SER B 138 -31.91 40.08 3.64
CA SER B 138 -32.36 41.04 4.64
C SER B 138 -31.24 41.42 5.60
N GLN B 139 -30.42 40.45 6.00
CA GLN B 139 -29.33 40.73 6.92
C GLN B 139 -28.30 41.65 6.25
N ASN B 140 -27.97 41.38 5.00
CA ASN B 140 -26.99 42.22 4.30
C ASN B 140 -27.53 43.64 4.12
N GLN B 141 -28.81 43.76 3.75
CA GLN B 141 -29.40 45.09 3.57
C GLN B 141 -29.43 45.86 4.90
N GLN B 142 -29.77 45.16 5.99
CA GLN B 142 -29.82 45.79 7.30
C GLN B 142 -28.43 46.25 7.73
N GLU B 143 -27.41 45.42 7.47
CA GLU B 143 -26.04 45.81 7.83
C GLU B 143 -25.60 47.02 7.02
N LYS B 144 -25.93 47.05 5.73
CA LYS B 144 -25.55 48.18 4.89
C LYS B 144 -26.23 49.46 5.37
N ASN B 145 -27.52 49.36 5.71
CA ASN B 145 -28.25 50.53 6.19
C ASN B 145 -27.70 51.01 7.52
N GLU B 146 -27.33 50.07 8.40
CA GLU B 146 -26.77 50.44 9.70
C GLU B 146 -25.43 51.13 9.52
N LYS B 147 -24.61 50.64 8.59
CA LYS B 147 -23.30 51.27 8.35
C LYS B 147 -23.48 52.67 7.78
N GLU B 148 -24.43 52.85 6.86
CA GLU B 148 -24.65 54.18 6.28
C GLU B 148 -25.25 55.13 7.32
N LEU B 149 -26.02 54.60 8.28
CA LEU B 149 -26.61 55.45 9.30
C LEU B 149 -25.54 55.99 10.25
N LEU B 150 -24.55 55.16 10.58
CA LEU B 150 -23.48 55.57 11.48
C LEU B 150 -22.42 56.39 10.73
N ASN C 3 -18.87 38.37 46.29
CA ASN C 3 -19.09 37.26 45.37
C ASN C 3 -18.35 37.47 44.06
N LEU C 4 -18.05 36.37 43.37
CA LEU C 4 -17.34 36.43 42.10
C LEU C 4 -18.03 35.50 41.10
N TRP C 5 -17.89 35.84 39.82
CA TRP C 5 -18.47 35.06 38.74
C TRP C 5 -17.37 34.53 37.84
N VAL C 6 -17.64 33.38 37.21
CA VAL C 6 -16.64 32.77 36.35
C VAL C 6 -16.50 33.55 35.04
N THR C 7 -15.30 33.52 34.47
CA THR C 7 -14.97 34.20 33.23
C THR C 7 -14.15 33.26 32.37
N VAL C 8 -14.12 33.54 31.07
CA VAL C 8 -13.38 32.73 30.11
C VAL C 8 -12.37 33.62 29.39
N TYR C 9 -11.25 33.03 28.99
CA TYR C 9 -10.17 33.71 28.29
C TYR C 9 -9.73 32.88 27.11
N TYR C 10 -9.32 33.55 26.03
CA TYR C 10 -8.88 32.90 24.82
C TYR C 10 -7.41 33.26 24.56
N GLY C 11 -6.71 32.33 23.90
CA GLY C 11 -5.30 32.55 23.63
C GLY C 11 -4.44 32.46 24.87
N VAL C 12 -4.91 31.76 25.89
CA VAL C 12 -4.23 31.60 27.16
C VAL C 12 -2.93 30.83 26.97
N PRO C 13 -1.86 31.16 27.72
CA PRO C 13 -0.57 30.45 27.58
C PRO C 13 -0.33 29.23 28.49
N VAL C 14 -1.01 28.13 28.17
CA VAL C 14 -0.87 26.89 28.92
C VAL C 14 -0.69 25.75 27.92
N TRP C 15 -0.16 24.63 28.41
CA TRP C 15 0.07 23.48 27.55
C TRP C 15 0.01 22.19 28.36
N ARG C 16 -0.13 21.09 27.63
CA ARG C 16 -0.20 19.75 28.21
C ARG C 16 0.70 18.83 27.39
N ASP C 17 1.26 17.82 28.07
CA ASP C 17 2.13 16.87 27.39
C ASP C 17 1.27 15.86 26.63
N ALA C 18 1.48 15.78 25.32
CA ALA C 18 0.72 14.88 24.47
C ALA C 18 1.58 14.45 23.29
N ASP C 19 1.08 13.48 22.54
CA ASP C 19 1.75 12.95 21.37
C ASP C 19 0.96 13.30 20.12
N THR C 20 1.67 13.64 19.04
CA THR C 20 1.03 14.00 17.79
C THR C 20 1.92 13.59 16.62
N THR C 21 1.32 13.51 15.44
CA THR C 21 2.03 13.13 14.23
C THR C 21 2.91 14.29 13.79
N LEU C 22 4.17 14.00 13.47
CA LEU C 22 5.11 15.01 13.05
C LEU C 22 5.40 14.91 11.56
N PHE C 23 5.72 16.05 10.95
CA PHE C 23 6.04 16.13 9.54
C PHE C 23 7.43 16.76 9.37
N CYS C 24 8.20 16.22 8.44
CA CYS C 24 9.55 16.67 8.18
C CYS C 24 9.59 17.89 7.26
N ALA C 25 10.65 18.67 7.43
CA ALA C 25 10.92 19.88 6.66
C ALA C 25 12.41 19.94 6.43
N SER C 26 12.82 20.24 5.20
CA SER C 26 14.23 20.30 4.86
C SER C 26 14.53 21.56 4.07
N ASP C 27 15.82 21.74 3.76
CA ASP C 27 16.29 22.89 3.01
C ASP C 27 15.97 22.72 1.52
N ALA C 28 16.45 23.63 0.69
CA ALA C 28 16.21 23.58 -0.74
C ALA C 28 17.05 22.47 -1.39
N LYS C 35 14.60 12.16 -7.67
CA LYS C 35 15.19 12.29 -6.34
C LYS C 35 16.56 11.62 -6.28
N HIS C 36 17.36 12.00 -5.30
CA HIS C 36 18.70 11.44 -5.12
C HIS C 36 19.01 11.01 -3.70
N ASN C 37 18.18 11.36 -2.72
CA ASN C 37 18.41 11.00 -1.33
C ASN C 37 17.49 9.85 -0.92
N VAL C 38 18.04 8.93 -0.13
CA VAL C 38 17.27 7.78 0.32
C VAL C 38 16.19 8.18 1.32
N TRP C 39 16.32 9.35 1.96
CA TRP C 39 15.34 9.80 2.94
C TRP C 39 14.15 10.51 2.29
N ALA C 40 14.13 10.63 0.96
CA ALA C 40 13.05 11.28 0.21
C ALA C 40 12.81 12.70 0.72
N THR C 41 13.88 13.51 0.69
CA THR C 41 13.80 14.89 1.15
C THR C 41 12.94 15.76 0.24
N HIS C 42 12.67 15.31 -0.99
CA HIS C 42 11.86 16.10 -1.91
C HIS C 42 10.40 16.15 -1.48
N ALA C 43 9.95 15.17 -0.70
CA ALA C 43 8.56 15.15 -0.24
C ALA C 43 8.33 16.06 0.95
N CYS C 44 9.37 16.44 1.69
CA CYS C 44 9.21 17.30 2.84
C CYS C 44 8.95 18.74 2.37
N VAL C 45 8.21 19.48 3.19
CA VAL C 45 7.89 20.87 2.89
C VAL C 45 9.14 21.72 3.04
N PRO C 46 9.27 22.81 2.28
CA PRO C 46 10.47 23.65 2.41
C PRO C 46 10.47 24.37 3.75
N THR C 47 11.60 24.26 4.45
CA THR C 47 11.72 24.89 5.76
C THR C 47 11.85 26.41 5.63
N ASP C 48 11.49 27.10 6.70
CA ASP C 48 11.58 28.55 6.74
C ASP C 48 13.05 28.98 6.87
N PRO C 49 13.38 30.21 6.49
CA PRO C 49 14.78 30.66 6.61
C PRO C 49 15.29 30.61 8.04
N ASN C 50 14.43 30.91 9.02
CA ASN C 50 14.79 30.88 10.43
C ASN C 50 13.52 30.85 11.27
N PRO C 51 13.43 29.94 12.24
CA PRO C 51 12.23 29.89 13.08
C PRO C 51 12.27 30.93 14.19
N GLN C 52 11.11 31.49 14.49
CA GLN C 52 10.98 32.50 15.53
C GLN C 52 11.01 31.82 16.89
N GLU C 53 12.23 31.49 17.34
CA GLU C 53 12.41 30.84 18.63
C GLU C 53 12.18 31.86 19.73
N ILE C 54 11.10 31.68 20.50
CA ILE C 54 10.75 32.59 21.59
C ILE C 54 11.28 32.02 22.89
N HIS C 55 12.17 32.78 23.53
CA HIS C 55 12.74 32.36 24.81
C HIS C 55 11.74 32.63 25.91
N LEU C 56 11.49 31.62 26.75
CA LEU C 56 10.54 31.73 27.84
C LEU C 56 11.24 32.12 29.14
N ASP C 57 10.61 33.03 29.88
CA ASP C 57 11.14 33.51 31.15
C ASP C 57 10.30 32.93 32.30
N ASN C 58 10.99 32.54 33.37
CA ASN C 58 10.37 31.96 34.57
C ASN C 58 9.53 30.72 34.26
N VAL C 59 9.98 29.89 33.32
CA VAL C 59 9.26 28.69 32.93
C VAL C 59 10.09 27.47 33.29
N THR C 60 9.52 26.59 34.12
CA THR C 60 10.19 25.37 34.54
C THR C 60 9.19 24.23 34.42
N GLU C 61 9.61 23.12 33.80
CA GLU C 61 8.75 21.97 33.64
C GLU C 61 9.60 20.70 33.60
N LYS C 62 8.95 19.57 33.83
CA LYS C 62 9.62 18.29 33.85
C LYS C 62 9.93 17.79 32.44
N PHE C 63 11.11 17.17 32.31
CA PHE C 63 11.60 16.61 31.06
C PHE C 63 11.98 15.15 31.27
N ASN C 64 11.80 14.35 30.22
CA ASN C 64 12.14 12.93 30.28
C ASN C 64 12.51 12.51 28.86
N MET C 65 13.82 12.49 28.59
CA MET C 65 14.29 12.11 27.26
C MET C 65 14.12 10.61 27.01
N TRP C 66 14.03 9.82 28.08
CA TRP C 66 13.88 8.38 27.94
C TRP C 66 12.45 7.94 27.70
N LYS C 67 11.48 8.85 27.81
CA LYS C 67 10.07 8.53 27.58
C LYS C 67 9.48 9.62 26.70
N ASN C 68 9.59 9.45 25.38
CA ASN C 68 9.05 10.42 24.43
C ASN C 68 8.66 9.66 23.17
N ASN C 69 7.45 9.93 22.67
CA ASN C 69 6.97 9.26 21.48
C ASN C 69 7.62 9.80 20.21
N MET C 70 8.37 10.90 20.33
CA MET C 70 9.02 11.48 19.15
C MET C 70 10.08 10.56 18.58
N VAL C 71 10.85 9.89 19.45
CA VAL C 71 11.89 8.98 18.96
C VAL C 71 11.25 7.77 18.26
N GLU C 72 10.10 7.31 18.74
CA GLU C 72 9.42 6.19 18.09
C GLU C 72 8.96 6.59 16.71
N GLN C 73 8.42 7.80 16.58
CA GLN C 73 7.97 8.29 15.29
C GLN C 73 9.14 8.47 14.34
N MET C 74 10.28 8.94 14.86
CA MET C 74 11.45 9.11 14.00
C MET C 74 11.95 7.76 13.49
N HIS C 75 11.99 6.76 14.38
CA HIS C 75 12.44 5.42 13.99
C HIS C 75 11.51 4.83 12.94
N GLU C 76 10.20 4.96 13.16
CA GLU C 76 9.23 4.44 12.21
C GLU C 76 9.33 5.16 10.87
N ASP C 77 9.53 6.48 10.90
CA ASP C 77 9.65 7.24 9.65
C ASP C 77 10.89 6.85 8.88
N ILE C 78 12.01 6.62 9.58
CA ILE C 78 13.24 6.23 8.90
C ILE C 78 13.05 4.86 8.24
N ILE C 79 12.45 3.91 8.96
CA ILE C 79 12.23 2.59 8.38
C ILE C 79 11.27 2.68 7.19
N SER C 80 10.23 3.51 7.32
CA SER C 80 9.26 3.67 6.23
C SER C 80 9.92 4.26 4.99
N LEU C 81 10.78 5.27 5.17
CA LEU C 81 11.45 5.87 4.02
C LEU C 81 12.42 4.88 3.38
N TRP C 82 13.09 4.07 4.21
CA TRP C 82 14.02 3.09 3.68
C TRP C 82 13.28 2.07 2.81
N ASP C 83 12.19 1.52 3.35
CA ASP C 83 11.39 0.55 2.59
C ASP C 83 10.78 1.20 1.35
N GLN C 84 10.38 2.47 1.45
CA GLN C 84 9.81 3.17 0.32
C GLN C 84 10.85 3.34 -0.78
N SER C 85 12.10 3.59 -0.39
CA SER C 85 13.17 3.75 -1.36
C SER C 85 13.53 2.42 -2.02
N LEU C 86 13.43 1.31 -1.30
CA LEU C 86 13.76 0.01 -1.89
C LEU C 86 12.61 -0.61 -2.69
N LYS C 87 11.39 -0.10 -2.55
CA LYS C 87 10.27 -0.69 -3.29
C LYS C 87 10.39 -0.56 -4.81
N PRO C 88 10.67 0.59 -5.41
CA PRO C 88 10.77 0.63 -6.88
C PRO C 88 12.13 0.22 -7.44
N CYS C 89 13.07 -0.16 -6.59
CA CYS C 89 14.39 -0.53 -7.07
C CYS C 89 14.37 -1.92 -7.71
N VAL C 90 15.48 -2.25 -8.38
CA VAL C 90 15.59 -3.52 -9.06
C VAL C 90 15.69 -4.68 -8.08
N LYS C 91 14.89 -5.73 -8.33
CA LYS C 91 14.89 -6.92 -7.51
C LYS C 91 16.02 -7.83 -7.97
N LEU C 92 16.67 -8.49 -7.01
CA LEU C 92 17.79 -9.36 -7.32
C LEU C 92 17.51 -10.79 -6.84
N THR C 93 16.31 -11.28 -7.11
CA THR C 93 15.96 -12.64 -6.70
C THR C 93 16.62 -13.78 -7.50
N PRO C 94 16.96 -13.65 -8.79
CA PRO C 94 17.57 -14.81 -9.47
C PRO C 94 19.03 -15.03 -9.10
N LEU C 95 19.65 -14.13 -8.33
CA LEU C 95 21.06 -14.28 -7.97
C LEU C 95 21.35 -15.48 -7.08
N CYS C 96 20.33 -16.07 -6.44
CA CYS C 96 20.55 -17.22 -5.57
C CYS C 96 20.86 -18.44 -6.44
N VAL C 97 22.12 -18.53 -6.85
CA VAL C 97 22.65 -19.60 -7.69
C VAL C 97 23.91 -20.10 -7.00
N THR C 98 24.26 -21.36 -7.23
CA THR C 98 25.47 -21.93 -6.64
C THR C 98 26.71 -21.23 -7.18
N LEU C 99 27.66 -20.96 -6.30
CA LEU C 99 28.91 -20.29 -6.65
C LEU C 99 30.11 -21.22 -6.50
N HIS C 100 31.05 -21.10 -7.43
CA HIS C 100 32.29 -21.87 -7.45
C HIS C 100 33.39 -20.85 -7.17
N CYS C 101 33.71 -20.66 -5.89
CA CYS C 101 34.71 -19.69 -5.47
C CYS C 101 36.09 -20.30 -5.34
N THR C 102 37.09 -19.51 -5.73
CA THR C 102 38.49 -19.89 -5.66
C THR C 102 39.26 -18.73 -5.05
N ASN C 103 40.53 -18.98 -4.73
CA ASN C 103 41.36 -17.95 -4.14
C ASN C 103 41.65 -16.83 -5.14
N VAL C 104 41.84 -15.62 -4.62
CA VAL C 104 42.13 -14.48 -5.47
C VAL C 104 43.55 -14.59 -6.03
N THR C 105 43.73 -14.10 -7.26
CA THR C 105 45.04 -14.16 -7.91
C THR C 105 46.00 -13.10 -7.36
N SER C 106 45.48 -11.96 -6.92
CA SER C 106 46.33 -10.90 -6.40
C SER C 106 47.03 -11.34 -5.11
N VAL C 107 48.26 -10.87 -4.93
CA VAL C 107 49.05 -11.19 -3.77
C VAL C 107 48.73 -10.19 -2.66
N ASN C 108 48.90 -10.64 -1.41
CA ASN C 108 48.65 -9.84 -0.21
C ASN C 108 47.23 -9.31 -0.17
N ASP C 112 45.71 -11.07 3.33
CA ASP C 112 44.32 -10.63 3.29
C ASP C 112 43.56 -11.35 2.18
N ARG C 113 44.20 -12.34 1.57
CA ARG C 113 43.57 -13.10 0.49
C ARG C 113 42.46 -14.01 1.00
N GLU C 114 42.44 -14.32 2.29
CA GLU C 114 41.40 -15.20 2.82
C GLU C 114 40.07 -14.48 2.95
N GLY C 115 40.07 -13.15 3.02
CA GLY C 115 38.85 -12.39 3.14
C GLY C 115 38.12 -12.12 1.85
N LEU C 116 38.72 -12.46 0.71
CA LEU C 116 38.11 -12.24 -0.59
C LEU C 116 38.19 -13.52 -1.41
N LYS C 117 37.14 -13.79 -2.17
CA LYS C 117 37.07 -14.99 -3.01
C LYS C 117 36.69 -14.62 -4.43
N ASN C 118 37.26 -15.35 -5.39
CA ASN C 118 37.00 -15.17 -6.81
C ASN C 118 36.00 -16.25 -7.18
N CYS C 119 34.75 -15.85 -7.40
CA CYS C 119 33.68 -16.80 -7.70
C CYS C 119 33.17 -16.65 -9.13
N SER C 120 32.70 -17.76 -9.68
CA SER C 120 32.14 -17.84 -11.02
C SER C 120 30.82 -18.59 -10.94
N PHE C 121 29.82 -18.10 -11.67
CA PHE C 121 28.50 -18.73 -11.64
C PHE C 121 27.73 -18.35 -12.90
N ASN C 122 26.70 -19.14 -13.17
CA ASN C 122 25.83 -18.90 -14.32
C ASN C 122 24.84 -17.79 -13.98
N MET C 123 24.32 -17.13 -15.02
CA MET C 123 23.36 -16.07 -14.79
C MET C 123 22.40 -15.99 -15.96
N THR C 124 21.20 -15.49 -15.67
CA THR C 124 20.16 -15.36 -16.70
C THR C 124 20.33 -14.01 -17.39
N THR C 125 20.47 -14.04 -18.71
CA THR C 125 20.63 -12.82 -19.50
C THR C 125 19.26 -12.18 -19.73
N GLU C 126 19.22 -11.17 -20.60
CA GLU C 126 17.96 -10.48 -20.91
C GLU C 126 16.94 -11.45 -21.49
N LEU C 127 17.39 -12.35 -22.36
CA LEU C 127 16.48 -13.34 -22.95
C LEU C 127 16.17 -14.42 -21.93
N ARG C 128 14.90 -14.83 -21.88
CA ARG C 128 14.50 -15.86 -20.92
C ARG C 128 15.07 -17.23 -21.29
N ASP C 129 15.23 -17.50 -22.58
CA ASP C 129 15.75 -18.78 -23.07
C ASP C 129 17.25 -18.73 -23.35
N LYS C 130 18.01 -17.95 -22.58
CA LYS C 130 19.45 -17.86 -22.77
C LYS C 130 20.10 -17.57 -21.43
N ARG C 131 21.30 -18.13 -21.22
CA ARG C 131 22.06 -17.95 -20.00
C ARG C 131 23.49 -17.60 -20.32
N GLN C 132 24.16 -16.92 -19.39
CA GLN C 132 25.54 -16.50 -19.57
C GLN C 132 26.37 -16.87 -18.34
N LYS C 133 27.68 -16.71 -18.49
CA LYS C 133 28.65 -16.99 -17.45
C LYS C 133 29.34 -15.69 -17.06
N VAL C 134 29.47 -15.45 -15.75
CA VAL C 134 30.09 -14.23 -15.25
C VAL C 134 31.04 -14.55 -14.11
N TYR C 135 32.13 -13.79 -14.05
CA TYR C 135 33.14 -13.92 -13.02
C TYR C 135 33.07 -12.71 -12.11
N SER C 136 33.14 -12.93 -10.80
CA SER C 136 33.04 -11.81 -9.87
C SER C 136 33.80 -12.11 -8.59
N LEU C 137 34.04 -11.05 -7.83
CA LEU C 137 34.74 -11.12 -6.55
C LEU C 137 33.73 -10.84 -5.44
N PHE C 138 33.59 -11.78 -4.52
CA PHE C 138 32.66 -11.64 -3.41
C PHE C 138 33.39 -11.82 -2.09
N TYR C 139 32.96 -11.04 -1.09
CA TYR C 139 33.58 -11.13 0.23
C TYR C 139 33.20 -12.42 0.91
N ARG C 140 34.06 -12.88 1.82
CA ARG C 140 33.80 -14.13 2.53
C ARG C 140 32.70 -13.98 3.58
N LEU C 141 32.47 -12.76 4.07
CA LEU C 141 31.45 -12.55 5.10
C LEU C 141 30.05 -12.90 4.61
N ASP C 142 29.70 -12.49 3.39
CA ASP C 142 28.38 -12.76 2.85
C ASP C 142 28.34 -14.01 1.99
N ILE C 143 29.19 -14.99 2.28
CA ILE C 143 29.24 -16.24 1.54
C ILE C 143 29.34 -17.39 2.53
N VAL C 144 28.44 -18.35 2.40
CA VAL C 144 28.43 -19.51 3.29
C VAL C 144 28.59 -20.79 2.45
N PRO C 145 29.24 -21.82 2.98
CA PRO C 145 29.41 -23.05 2.20
C PRO C 145 28.10 -23.83 2.09
N ILE C 146 28.04 -24.69 1.08
CA ILE C 146 26.86 -25.52 0.85
C ILE C 146 27.03 -26.89 1.46
N ASN C 147 28.08 -27.62 1.08
CA ASN C 147 28.33 -28.95 1.62
C ASN C 147 29.79 -29.21 1.94
N GLU C 148 30.64 -28.17 1.91
CA GLU C 148 32.07 -28.28 2.21
C GLU C 148 32.77 -29.30 1.31
N ASN C 149 32.40 -29.32 0.03
CA ASN C 149 32.99 -30.25 -0.92
C ASN C 149 34.42 -29.84 -1.25
N SER C 152 34.91 -26.16 -4.60
CA SER C 152 33.90 -26.07 -3.56
C SER C 152 32.71 -25.25 -4.03
N GLU C 153 31.52 -25.61 -3.55
CA GLU C 153 30.29 -24.92 -3.90
C GLU C 153 29.87 -24.01 -2.77
N TYR C 154 29.71 -22.73 -3.06
CA TYR C 154 29.32 -21.73 -2.08
C TYR C 154 27.99 -21.09 -2.45
N ARG C 155 27.30 -20.59 -1.42
CA ARG C 155 26.01 -19.93 -1.57
C ARG C 155 26.04 -18.63 -0.77
N LEU C 156 25.39 -17.60 -1.31
CA LEU C 156 25.34 -16.31 -0.63
C LEU C 156 24.53 -16.42 0.65
N ILE C 157 24.88 -15.59 1.63
CA ILE C 157 24.16 -15.60 2.90
C ILE C 157 22.83 -14.88 2.74
N ASN C 158 21.90 -15.19 3.66
CA ASN C 158 20.55 -14.63 3.72
C ASN C 158 19.80 -15.02 2.45
N CYS C 159 20.22 -16.12 1.83
CA CYS C 159 19.55 -16.58 0.62
C CYS C 159 18.38 -17.49 0.96
N ASN C 160 18.49 -18.25 2.06
CA ASN C 160 17.46 -19.15 2.53
C ASN C 160 16.55 -18.51 3.58
N THR C 161 16.64 -17.19 3.75
CA THR C 161 15.81 -16.48 4.72
C THR C 161 15.01 -15.33 4.14
N SER C 162 15.50 -14.66 3.10
CA SER C 162 14.79 -13.54 2.50
C SER C 162 15.34 -13.30 1.10
N ALA C 163 14.60 -12.52 0.32
CA ALA C 163 14.99 -12.18 -1.04
C ALA C 163 15.79 -10.88 -1.02
N ILE C 164 17.03 -10.94 -1.50
CA ILE C 164 17.90 -9.78 -1.52
C ILE C 164 17.43 -8.80 -2.61
N THR C 165 17.65 -7.52 -2.36
CA THR C 165 17.28 -6.46 -3.29
C THR C 165 18.47 -5.53 -3.48
N GLN C 166 18.88 -5.34 -4.73
CA GLN C 166 19.99 -4.47 -5.04
C GLN C 166 19.60 -3.01 -4.85
N ALA C 167 20.46 -2.26 -4.17
CA ALA C 167 20.18 -0.84 -3.95
C ALA C 167 20.35 -0.07 -5.25
N CYS C 168 19.54 0.96 -5.42
CA CYS C 168 19.59 1.77 -6.62
C CYS C 168 20.89 2.57 -6.67
N PRO C 169 21.71 2.42 -7.72
CA PRO C 169 22.97 3.17 -7.78
C PRO C 169 22.79 4.68 -7.87
N LYS C 170 21.67 5.15 -8.43
CA LYS C 170 21.47 6.59 -8.56
C LYS C 170 21.24 7.25 -7.20
N VAL C 171 20.46 6.61 -6.32
CA VAL C 171 20.21 7.19 -5.01
C VAL C 171 21.45 7.06 -4.14
N SER C 172 21.51 7.90 -3.10
CA SER C 172 22.62 7.92 -2.17
C SER C 172 22.10 7.93 -0.74
N PHE C 173 22.95 7.46 0.18
CA PHE C 173 22.63 7.41 1.60
C PHE C 173 23.24 8.56 2.38
N GLU C 174 23.34 9.74 1.77
CA GLU C 174 23.92 10.90 2.43
C GLU C 174 23.09 11.32 3.64
N PRO C 175 23.70 11.41 4.83
CA PRO C 175 22.93 11.80 6.02
C PRO C 175 22.55 13.28 6.02
N ILE C 176 21.71 13.71 5.09
CA ILE C 176 21.31 15.11 5.05
C ILE C 176 20.39 15.41 6.24
N PRO C 177 20.58 16.52 6.93
CA PRO C 177 19.73 16.81 8.09
C PRO C 177 18.28 17.10 7.71
N ILE C 178 17.38 16.73 8.62
CA ILE C 178 15.95 16.92 8.45
C ILE C 178 15.42 17.57 9.71
N HIS C 179 14.44 18.46 9.56
CA HIS C 179 13.84 19.16 10.69
C HIS C 179 12.44 18.63 10.95
N TYR C 180 12.17 18.29 12.21
CA TYR C 180 10.87 17.77 12.61
C TYR C 180 10.01 18.93 13.09
N CYS C 181 8.81 19.04 12.52
CA CYS C 181 7.88 20.10 12.86
C CYS C 181 6.58 19.52 13.40
N THR C 182 5.80 20.38 14.05
CA THR C 182 4.50 20.14 14.66
C THR C 182 3.42 20.90 13.91
N PRO C 183 2.20 20.36 13.83
CA PRO C 183 1.13 21.08 13.13
C PRO C 183 0.66 22.27 13.96
N ALA C 184 -0.31 22.99 13.42
CA ALA C 184 -0.86 24.15 14.11
C ALA C 184 -1.53 23.71 15.40
N GLY C 185 -1.23 24.43 16.49
CA GLY C 185 -1.78 24.13 17.78
C GLY C 185 -0.83 23.37 18.69
N PHE C 186 0.33 22.95 18.18
CA PHE C 186 1.31 22.21 18.96
C PHE C 186 2.66 22.93 18.86
N ALA C 187 3.40 22.90 19.96
CA ALA C 187 4.71 23.53 20.03
C ALA C 187 5.72 22.57 20.64
N ILE C 188 6.99 22.82 20.34
CA ILE C 188 8.09 21.99 20.84
C ILE C 188 8.89 22.80 21.84
N LEU C 189 9.05 22.27 23.04
CA LEU C 189 9.81 22.94 24.09
C LEU C 189 11.27 22.53 23.97
N LYS C 190 12.14 23.52 23.77
CA LYS C 190 13.57 23.29 23.63
C LYS C 190 14.27 23.58 24.94
N CYS C 191 14.91 22.56 25.52
CA CYS C 191 15.64 22.68 26.78
C CYS C 191 17.10 22.94 26.45
N LYS C 192 17.44 24.22 26.28
CA LYS C 192 18.80 24.64 25.96
C LYS C 192 19.64 24.90 27.20
N ASP C 193 19.23 24.37 28.35
CA ASP C 193 19.99 24.57 29.58
C ASP C 193 21.31 23.83 29.53
N GLU C 194 22.34 24.46 30.08
CA GLU C 194 23.67 23.88 30.13
C GLU C 194 23.74 22.82 31.22
N GLY C 195 24.48 21.74 30.96
CA GLY C 195 24.59 20.69 31.94
C GLY C 195 23.35 19.84 32.09
N PHE C 196 22.49 19.80 31.07
CA PHE C 196 21.26 19.03 31.10
C PHE C 196 21.61 17.55 30.97
N ASN C 197 21.73 16.88 32.12
CA ASN C 197 22.10 15.46 32.12
C ASN C 197 21.02 14.58 31.51
N GLY C 198 19.75 14.87 31.79
CA GLY C 198 18.68 14.06 31.24
C GLY C 198 17.34 14.33 31.89
N THR C 199 16.65 13.27 32.32
CA THR C 199 15.33 13.42 32.94
C THR C 199 15.43 14.28 34.19
N GLY C 200 14.41 15.10 34.40
CA GLY C 200 14.38 15.99 35.55
C GLY C 200 13.63 17.27 35.21
N LEU C 201 14.04 18.35 35.88
CA LEU C 201 13.43 19.66 35.68
C LEU C 201 14.40 20.55 34.90
N CYS C 202 13.91 21.18 33.84
CA CYS C 202 14.72 22.06 33.00
C CYS C 202 14.51 23.52 33.38
N LYS C 203 15.29 24.39 32.75
CA LYS C 203 15.24 25.83 32.97
C LYS C 203 15.77 26.48 31.70
N ASN C 204 15.52 27.79 31.56
CA ASN C 204 15.95 28.56 30.40
C ASN C 204 15.37 27.95 29.12
N VAL C 205 14.13 27.49 29.22
CA VAL C 205 13.43 26.83 28.14
C VAL C 205 13.00 27.82 27.07
N SER C 206 13.09 27.40 25.82
CA SER C 206 12.69 28.20 24.67
C SER C 206 11.73 27.38 23.81
N THR C 207 10.82 28.06 23.14
CA THR C 207 9.83 27.41 22.29
C THR C 207 10.16 27.67 20.83
N VAL C 208 10.20 26.59 20.04
CA VAL C 208 10.49 26.67 18.62
C VAL C 208 9.47 25.82 17.88
N GLN C 209 9.12 26.25 16.66
CA GLN C 209 8.14 25.51 15.86
C GLN C 209 8.74 24.24 15.28
N CYS C 210 9.99 24.28 14.83
CA CYS C 210 10.65 23.12 14.25
C CYS C 210 12.01 22.92 14.89
N THR C 211 12.41 21.66 15.00
CA THR C 211 13.69 21.32 15.58
C THR C 211 14.81 21.62 14.60
N HIS C 212 16.04 21.60 15.12
CA HIS C 212 17.20 21.87 14.29
C HIS C 212 17.49 20.68 13.38
N GLY C 213 18.56 20.80 12.60
CA GLY C 213 18.94 19.74 11.69
C GLY C 213 19.37 18.46 12.39
N ILE C 214 18.53 17.43 12.32
CA ILE C 214 18.81 16.15 12.95
C ILE C 214 19.49 15.26 11.92
N LYS C 215 20.68 14.77 12.26
CA LYS C 215 21.43 13.91 11.35
C LYS C 215 20.84 12.51 11.37
N PRO C 216 20.41 11.97 10.23
CA PRO C 216 19.83 10.63 10.21
C PRO C 216 20.89 9.54 10.04
N VAL C 217 22.14 9.87 10.34
CA VAL C 217 23.24 8.92 10.22
C VAL C 217 22.98 7.73 11.14
N VAL C 218 23.37 6.54 10.67
CA VAL C 218 23.19 5.30 11.41
C VAL C 218 24.56 4.74 11.76
N SER C 219 24.73 4.35 13.02
CA SER C 219 25.98 3.80 13.51
C SER C 219 25.70 2.92 14.73
N THR C 220 26.69 2.14 15.11
CA THR C 220 26.59 1.24 16.25
C THR C 220 27.74 1.48 17.21
N GLN C 221 27.42 1.49 18.52
CA GLN C 221 28.32 1.68 19.67
C GLN C 221 29.22 2.92 19.57
N LEU C 222 28.91 3.83 18.65
CA LEU C 222 29.66 5.06 18.44
C LEU C 222 28.78 6.07 17.72
N LEU C 223 28.80 7.32 18.17
CA LEU C 223 27.99 8.37 17.53
C LEU C 223 28.90 9.24 16.68
N LEU C 224 28.57 9.37 15.40
CA LEU C 224 29.33 10.16 14.45
C LEU C 224 28.48 11.31 13.93
N ASN C 225 29.14 12.46 13.73
CA ASN C 225 28.50 13.68 13.23
C ASN C 225 27.31 14.10 14.10
N GLY C 226 27.42 13.89 15.40
CA GLY C 226 26.36 14.24 16.33
C GLY C 226 26.57 15.61 16.96
N SER C 227 25.68 15.93 17.90
CA SER C 227 25.75 17.20 18.58
C SER C 227 26.73 17.14 19.75
N LEU C 228 27.59 18.14 19.84
CA LEU C 228 28.59 18.21 20.90
C LEU C 228 28.00 18.81 22.17
N ALA C 229 28.67 18.54 23.29
CA ALA C 229 28.20 19.07 24.56
C ALA C 229 28.53 20.55 24.67
N GLU C 230 27.91 21.21 25.65
CA GLU C 230 28.15 22.64 25.82
C GLU C 230 29.49 22.95 26.47
N LYS C 231 29.72 22.48 27.70
CA LYS C 231 30.99 22.78 28.35
C LYS C 231 31.58 21.55 29.04
N ASN C 232 30.74 20.75 29.69
CA ASN C 232 31.19 19.56 30.40
C ASN C 232 30.59 18.31 29.77
N ILE C 233 31.27 17.19 29.96
CA ILE C 233 30.81 15.92 29.40
C ILE C 233 29.51 15.51 30.07
N ILE C 234 28.51 15.19 29.25
CA ILE C 234 27.19 14.80 29.72
C ILE C 234 27.01 13.30 29.54
N ILE C 235 26.66 12.61 30.62
CA ILE C 235 26.42 11.19 30.62
C ILE C 235 24.93 10.99 30.89
N ARG C 236 24.28 10.16 30.09
CA ARG C 236 22.84 9.94 30.23
C ARG C 236 22.51 8.47 30.42
N SER C 237 21.54 8.22 31.30
CA SER C 237 21.07 6.88 31.62
C SER C 237 19.76 6.98 32.38
N GLU C 238 18.75 6.19 32.00
CA GLU C 238 17.48 6.25 32.72
C GLU C 238 17.63 5.69 34.12
N ASN C 239 18.58 4.77 34.31
CA ASN C 239 18.89 4.16 35.61
C ASN C 239 20.38 3.80 35.53
N ILE C 240 21.23 4.71 36.00
CA ILE C 240 22.68 4.48 35.95
C ILE C 240 23.06 3.32 36.87
N THR C 241 22.29 3.09 37.93
CA THR C 241 22.60 2.01 38.84
C THR C 241 22.22 0.65 38.25
N ASN C 242 21.21 0.63 37.39
CA ASN C 242 20.76 -0.61 36.77
C ASN C 242 21.77 -1.05 35.71
N ASN C 243 22.06 -2.36 35.67
CA ASN C 243 23.00 -2.89 34.70
C ASN C 243 22.36 -3.24 33.37
N ALA C 244 21.04 -3.20 33.27
CA ALA C 244 20.33 -3.52 32.04
C ALA C 244 19.95 -2.31 31.22
N LYS C 245 20.46 -1.12 31.56
CA LYS C 245 20.15 0.09 30.83
C LYS C 245 21.35 0.60 30.05
N ILE C 246 21.08 1.10 28.84
CA ILE C 246 22.13 1.62 27.97
C ILE C 246 22.50 3.03 28.43
N ILE C 247 23.80 3.28 28.55
CA ILE C 247 24.32 4.56 28.99
C ILE C 247 24.90 5.29 27.79
N ILE C 248 24.50 6.56 27.61
CA ILE C 248 24.96 7.40 26.52
C ILE C 248 25.85 8.49 27.10
N VAL C 249 26.96 8.76 26.42
CA VAL C 249 27.91 9.79 26.85
C VAL C 249 28.12 10.76 25.68
N GLN C 250 28.05 12.06 25.98
CA GLN C 250 28.24 13.12 25.00
C GLN C 250 29.55 13.83 25.31
N LEU C 251 30.47 13.86 24.35
CA LEU C 251 31.76 14.51 24.54
C LEU C 251 31.72 15.98 24.19
N VAL C 252 32.71 16.72 24.68
CA VAL C 252 32.82 18.15 24.42
C VAL C 252 33.76 18.42 23.25
N GLN C 253 34.80 17.61 23.10
CA GLN C 253 35.77 17.77 22.01
C GLN C 253 35.64 16.57 21.09
N PRO C 254 35.18 16.75 19.85
CA PRO C 254 35.05 15.61 18.94
C PRO C 254 36.39 15.01 18.58
N VAL C 255 36.40 13.70 18.38
CA VAL C 255 37.58 12.94 18.02
C VAL C 255 37.46 12.62 16.54
N THR C 256 38.39 13.12 15.74
CA THR C 256 38.36 12.87 14.31
C THR C 256 38.70 11.43 13.99
N ILE C 257 37.91 10.83 13.10
CA ILE C 257 38.09 9.44 12.66
C ILE C 257 38.07 9.45 11.14
N LYS C 258 38.85 8.55 10.54
CA LYS C 258 38.93 8.46 9.09
C LYS C 258 39.21 7.03 8.68
N CYS C 259 38.48 6.57 7.65
CA CYS C 259 38.63 5.22 7.14
C CYS C 259 38.79 5.28 5.63
N ILE C 260 39.54 4.31 5.09
CA ILE C 260 39.79 4.23 3.66
C ILE C 260 39.64 2.79 3.20
N ARG C 261 39.48 2.62 1.89
CA ARG C 261 39.35 1.31 1.24
C ARG C 261 40.40 1.29 0.14
N PRO C 262 41.61 0.80 0.44
CA PRO C 262 42.68 0.78 -0.58
C PRO C 262 42.41 -0.08 -1.80
N ASN C 263 41.44 -1.00 -1.74
CA ASN C 263 41.16 -1.84 -2.88
C ASN C 263 40.56 -1.02 -4.02
N ASN C 264 41.27 -0.95 -5.14
CA ASN C 264 40.82 -0.21 -6.31
C ASN C 264 39.85 -1.10 -7.08
N ASN C 265 38.61 -1.13 -6.62
CA ASN C 265 37.57 -1.97 -7.22
C ASN C 265 37.10 -1.41 -8.55
N THR C 266 36.72 -2.32 -9.45
CA THR C 266 36.20 -1.99 -10.77
C THR C 266 34.76 -2.46 -10.84
N VAL C 267 33.89 -1.63 -11.41
CA VAL C 267 32.48 -1.93 -11.51
C VAL C 267 32.10 -2.26 -12.95
N LYS C 268 31.39 -3.37 -13.12
CA LYS C 268 30.90 -3.84 -14.41
C LYS C 268 29.40 -4.07 -14.29
N SER C 269 28.72 -4.13 -15.43
CA SER C 269 27.28 -4.30 -15.43
C SER C 269 26.86 -5.46 -16.33
N ILE C 270 25.84 -6.19 -15.88
CA ILE C 270 25.28 -7.33 -16.60
C ILE C 270 23.76 -7.17 -16.60
N ARG C 271 23.15 -7.35 -17.77
CA ARG C 271 21.69 -7.23 -17.91
C ARG C 271 21.08 -8.47 -17.24
N ILE C 272 20.72 -8.29 -15.98
CA ILE C 272 20.15 -9.39 -15.19
C ILE C 272 18.75 -9.77 -15.70
N GLY C 273 17.94 -8.78 -16.07
CA GLY C 273 16.61 -9.06 -16.55
C GLY C 273 16.22 -8.28 -17.78
N PRO C 274 14.94 -8.34 -18.15
CA PRO C 274 14.47 -7.61 -19.33
C PRO C 274 14.39 -6.11 -19.09
N GLY C 275 15.55 -5.46 -19.03
CA GLY C 275 15.61 -4.03 -18.82
C GLY C 275 16.43 -3.62 -17.61
N GLN C 276 16.30 -4.36 -16.51
CA GLN C 276 17.05 -4.04 -15.32
C GLN C 276 18.50 -4.51 -15.45
N ALA C 277 19.39 -3.84 -14.72
CA ALA C 277 20.81 -4.15 -14.75
C ALA C 277 21.29 -4.55 -13.36
N PHE C 278 22.38 -5.31 -13.32
CA PHE C 278 22.99 -5.78 -12.09
C PHE C 278 24.44 -5.33 -12.06
N TYR C 279 24.85 -4.74 -10.94
CA TYR C 279 26.21 -4.27 -10.76
C TYR C 279 26.97 -5.16 -9.80
N TYR C 280 28.20 -5.52 -10.18
CA TYR C 280 29.04 -6.38 -9.36
C TYR C 280 30.45 -5.82 -9.35
N THR C 281 31.32 -6.47 -8.57
CA THR C 281 32.70 -6.06 -8.44
C THR C 281 33.59 -6.85 -9.40
N GLY C 282 34.40 -6.13 -10.17
CA GLY C 282 35.31 -6.72 -11.12
C GLY C 282 36.67 -6.98 -10.50
N ASP C 283 37.66 -7.17 -11.37
CA ASP C 283 39.01 -7.42 -10.91
C ASP C 283 39.60 -6.18 -10.24
N ILE C 284 40.33 -6.40 -9.16
CA ILE C 284 40.95 -5.30 -8.41
C ILE C 284 42.34 -5.02 -8.97
N ILE C 285 42.58 -3.76 -9.32
CA ILE C 285 43.87 -3.34 -9.88
C ILE C 285 44.87 -3.20 -8.72
N GLY C 286 46.00 -3.89 -8.86
CA GLY C 286 47.03 -3.83 -7.83
C GLY C 286 46.77 -4.79 -6.68
N ASP C 287 47.65 -4.70 -5.68
CA ASP C 287 47.54 -5.55 -4.51
C ASP C 287 46.32 -5.18 -3.68
N ILE C 288 45.77 -6.16 -2.97
CA ILE C 288 44.60 -5.96 -2.14
C ILE C 288 45.02 -5.80 -0.69
N ARG C 289 44.29 -4.94 0.02
CA ARG C 289 44.55 -4.66 1.43
C ARG C 289 43.21 -4.43 2.12
N GLN C 290 43.09 -4.92 3.34
CA GLN C 290 41.85 -4.75 4.09
C GLN C 290 41.66 -3.31 4.52
N ALA C 291 40.40 -2.90 4.68
CA ALA C 291 40.09 -1.55 5.09
C ALA C 291 40.41 -1.35 6.57
N HIS C 292 40.72 -0.12 6.93
CA HIS C 292 41.06 0.20 8.32
C HIS C 292 40.77 1.67 8.58
N CYS C 293 40.76 2.03 9.86
CA CYS C 293 40.49 3.39 10.31
C CYS C 293 41.61 3.86 11.23
N ASN C 294 41.74 5.18 11.31
CA ASN C 294 42.77 5.81 12.14
C ASN C 294 42.14 6.77 13.14
N VAL C 295 42.66 6.71 14.37
CA VAL C 295 42.23 7.58 15.46
C VAL C 295 43.49 8.04 16.18
N THR C 296 43.51 9.30 16.60
CA THR C 296 44.68 9.84 17.28
C THR C 296 44.74 9.29 18.71
N ARG C 297 45.91 8.75 19.08
CA ARG C 297 46.07 8.17 20.41
C ARG C 297 45.99 9.23 21.51
N SER C 298 46.56 10.41 21.27
CA SER C 298 46.55 11.46 22.29
C SER C 298 45.13 11.95 22.59
N ARG C 299 44.38 12.32 21.55
CA ARG C 299 43.02 12.82 21.74
C ARG C 299 42.12 11.76 22.35
N TRP C 300 42.20 10.52 21.84
CA TRP C 300 41.38 9.45 22.38
C TRP C 300 41.75 9.13 23.82
N ASN C 301 43.04 9.16 24.14
CA ASN C 301 43.48 8.88 25.49
C ASN C 301 42.98 9.93 26.47
N LYS C 302 43.11 11.22 26.11
CA LYS C 302 42.64 12.28 26.98
C LYS C 302 41.13 12.24 27.13
N THR C 303 40.42 11.99 26.03
CA THR C 303 38.97 11.91 26.07
C THR C 303 38.53 10.73 26.93
N LEU C 304 39.24 9.61 26.84
CA LEU C 304 38.91 8.44 27.64
C LEU C 304 39.14 8.72 29.11
N GLN C 305 40.21 9.44 29.44
CA GLN C 305 40.46 9.79 30.84
C GLN C 305 39.35 10.69 31.38
N GLU C 306 38.93 11.66 30.56
CA GLU C 306 37.87 12.58 30.99
C GLU C 306 36.54 11.85 31.18
N VAL C 307 36.18 10.98 30.24
CA VAL C 307 34.92 10.25 30.39
C VAL C 307 35.01 9.28 31.57
N ALA C 308 36.21 8.75 31.83
CA ALA C 308 36.38 7.86 32.97
C ALA C 308 36.14 8.62 34.27
N GLU C 309 36.64 9.86 34.36
CA GLU C 309 36.42 10.67 35.54
C GLU C 309 34.94 11.00 35.71
N LYS C 310 34.28 11.37 34.60
CA LYS C 310 32.86 11.70 34.66
C LYS C 310 32.03 10.48 35.10
N LEU C 311 32.36 9.30 34.57
CA LEU C 311 31.64 8.10 34.95
C LEU C 311 31.93 7.72 36.40
N ARG C 312 33.15 7.96 36.86
CA ARG C 312 33.53 7.66 38.24
C ARG C 312 32.86 8.61 39.23
N THR C 313 32.48 9.82 38.77
CA THR C 313 31.82 10.78 39.66
C THR C 313 30.50 10.24 40.21
N TYR C 314 29.63 9.76 39.31
CA TYR C 314 28.35 9.23 39.76
C TYR C 314 28.52 7.94 40.56
N PHE C 315 29.35 7.03 40.08
CA PHE C 315 29.60 5.79 40.81
C PHE C 315 30.55 6.05 41.95
N GLY C 316 30.99 4.98 42.60
CA GLY C 316 31.93 5.11 43.69
C GLY C 316 33.32 5.41 43.18
N ASN C 317 34.24 5.62 44.12
CA ASN C 317 35.62 5.91 43.77
C ASN C 317 36.39 4.63 43.41
N LYS C 318 35.76 3.80 42.58
CA LYS C 318 36.29 2.53 42.14
C LYS C 318 37.08 2.69 40.84
N THR C 319 37.66 1.58 40.38
CA THR C 319 38.48 1.55 39.17
C THR C 319 37.62 1.25 37.95
N ILE C 320 37.59 2.20 37.02
CA ILE C 320 36.86 2.02 35.77
C ILE C 320 37.78 1.14 34.93
N ILE C 321 37.24 0.16 34.21
CA ILE C 321 38.13 -0.71 33.46
C ILE C 321 37.96 -0.72 31.95
N PHE C 322 36.71 -0.75 31.45
CA PHE C 322 36.39 -0.82 30.02
C PHE C 322 36.86 -2.15 29.42
N ALA C 323 36.21 -2.61 28.36
CA ALA C 323 36.59 -3.87 27.73
C ALA C 323 36.00 -3.89 26.32
N ASN C 324 36.36 -4.92 25.57
CA ASN C 324 35.84 -5.10 24.22
C ASN C 324 34.46 -5.73 24.26
N SER C 325 33.85 -5.86 23.08
CA SER C 325 32.51 -6.42 22.98
C SER C 325 32.49 -7.86 23.46
N SER C 326 31.35 -8.25 24.04
CA SER C 326 31.19 -9.61 24.55
C SER C 326 31.25 -10.63 23.42
N GLY C 327 30.65 -10.29 22.29
CA GLY C 327 30.64 -11.20 21.15
C GLY C 327 29.29 -11.31 20.49
N GLY C 328 28.98 -12.49 19.95
CA GLY C 328 27.71 -12.71 19.30
C GLY C 328 27.75 -12.43 17.81
N ASP C 329 26.74 -11.72 17.31
CA ASP C 329 26.68 -11.39 15.90
C ASP C 329 27.70 -10.31 15.56
N LEU C 330 28.06 -10.25 14.27
CA LEU C 330 29.05 -9.27 13.80
C LEU C 330 28.50 -7.84 13.91
N GLU C 331 27.19 -7.68 13.70
CA GLU C 331 26.60 -6.34 13.76
C GLU C 331 26.65 -5.75 15.17
N ILE C 332 26.26 -6.54 16.18
CA ILE C 332 26.27 -6.05 17.55
C ILE C 332 27.68 -5.96 18.12
N THR C 333 28.67 -6.58 17.49
CA THR C 333 30.03 -6.54 17.99
C THR C 333 30.83 -5.41 17.36
N THR C 334 30.85 -5.36 16.04
CA THR C 334 31.59 -4.34 15.29
C THR C 334 30.80 -3.04 15.17
N HIS C 335 31.49 -2.02 14.70
CA HIS C 335 30.92 -0.69 14.49
C HIS C 335 30.68 -0.47 13.01
N SER C 336 29.57 0.18 12.68
CA SER C 336 29.19 0.41 11.29
C SER C 336 29.56 1.81 10.79
N PHE C 337 29.61 1.95 9.47
CA PHE C 337 29.91 3.17 8.76
C PHE C 337 29.06 3.24 7.49
N ASN C 338 29.00 4.44 6.92
CA ASN C 338 28.26 4.71 5.69
C ASN C 338 29.10 5.60 4.80
N CYS C 339 30.38 5.28 4.68
CA CYS C 339 31.31 6.08 3.87
C CYS C 339 31.00 5.90 2.38
N GLY C 340 30.14 6.77 1.86
CA GLY C 340 29.76 6.79 0.46
C GLY C 340 28.71 5.77 0.06
N GLY C 341 29.13 4.53 -0.16
CA GLY C 341 28.20 3.48 -0.56
C GLY C 341 28.54 2.13 0.01
N GLU C 342 29.53 2.09 0.91
CA GLU C 342 29.97 0.86 1.54
C GLU C 342 29.67 0.92 3.03
N PHE C 343 29.28 -0.22 3.59
CA PHE C 343 28.93 -0.35 5.01
C PHE C 343 30.04 -1.14 5.68
N PHE C 344 30.90 -0.43 6.41
CA PHE C 344 32.02 -1.08 7.09
C PHE C 344 31.58 -1.72 8.40
N TYR C 345 32.44 -2.61 8.89
CA TYR C 345 32.28 -3.34 10.16
C TYR C 345 33.69 -3.46 10.71
N CYS C 346 34.08 -2.49 11.54
CA CYS C 346 35.40 -2.45 12.14
C CYS C 346 35.42 -2.96 13.56
N ASN C 347 36.56 -3.51 13.97
CA ASN C 347 36.78 -4.04 15.29
C ASN C 347 36.75 -2.90 16.31
N THR C 348 36.70 -3.25 17.60
CA THR C 348 36.66 -2.23 18.63
C THR C 348 37.60 -2.50 19.80
N SER C 349 38.46 -3.52 19.72
CA SER C 349 39.37 -3.80 20.82
C SER C 349 40.50 -2.78 20.92
N GLY C 350 40.61 -1.90 19.93
CA GLY C 350 41.66 -0.89 19.95
C GLY C 350 41.32 0.37 20.71
N LEU C 351 40.06 0.56 21.09
CA LEU C 351 39.66 1.77 21.81
C LEU C 351 39.34 1.50 23.28
N PHE C 352 38.42 0.58 23.53
CA PHE C 352 37.99 0.26 24.90
C PHE C 352 38.86 -0.84 25.47
N ASN C 353 40.16 -0.54 25.64
CA ASN C 353 41.10 -1.52 26.15
C ASN C 353 42.04 -0.82 27.14
N SER C 354 41.45 0.01 28.01
CA SER C 354 42.25 0.73 28.99
C SER C 354 41.47 1.03 30.26
N THR C 355 42.06 0.70 31.41
CA THR C 355 41.48 0.92 32.72
C THR C 355 41.93 2.27 33.27
N TRP C 356 41.19 2.75 34.28
CA TRP C 356 41.51 4.03 34.91
C TRP C 356 41.18 3.99 36.39
N TYR C 357 42.12 4.43 37.21
CA TYR C 357 41.95 4.48 38.66
C TYR C 357 41.40 5.86 39.03
N VAL C 358 41.42 6.19 40.33
CA VAL C 358 40.93 7.49 40.78
C VAL C 358 41.87 8.60 40.33
N ASN C 359 43.13 8.26 40.03
CA ASN C 359 44.12 9.23 39.57
C ASN C 359 44.86 8.66 38.37
N SER C 360 45.26 9.54 37.46
CA SER C 360 45.97 9.14 36.26
C SER C 360 46.72 10.32 35.65
N SER C 371 55.07 4.38 17.24
CA SER C 371 53.78 4.75 16.68
C SER C 371 53.67 6.26 16.48
N ASN C 372 53.05 6.66 15.38
CA ASN C 372 52.86 8.08 15.07
C ASN C 372 51.56 8.62 15.62
N ASP C 373 51.30 8.34 16.90
CA ASP C 373 50.09 8.77 17.61
C ASP C 373 48.83 8.36 16.85
N THR C 374 48.81 7.12 16.37
CA THR C 374 47.69 6.60 15.61
C THR C 374 47.44 5.15 15.98
N ILE C 375 46.16 4.82 16.15
CA ILE C 375 45.72 3.47 16.50
C ILE C 375 45.04 2.87 15.28
N THR C 376 45.51 1.71 14.85
CA THR C 376 44.95 1.04 13.68
C THR C 376 43.71 0.25 14.10
N LEU C 377 42.68 0.27 13.25
CA LEU C 377 41.45 -0.44 13.52
C LEU C 377 41.06 -1.29 12.32
N PRO C 378 41.22 -2.61 12.38
CA PRO C 378 40.86 -3.45 11.23
C PRO C 378 39.37 -3.40 10.92
N CYS C 379 39.05 -3.51 9.63
CA CYS C 379 37.67 -3.47 9.17
C CYS C 379 37.47 -4.51 8.08
N ARG C 380 36.20 -4.91 7.90
CA ARG C 380 35.80 -5.87 6.89
C ARG C 380 34.58 -5.34 6.15
N ILE C 381 34.57 -5.47 4.84
CA ILE C 381 33.48 -4.98 4.03
C ILE C 381 32.45 -6.10 3.85
N LYS C 382 31.17 -5.71 3.81
CA LYS C 382 30.09 -6.67 3.65
C LYS C 382 29.02 -6.06 2.75
N GLN C 383 28.54 -6.85 1.79
CA GLN C 383 27.51 -6.38 0.87
C GLN C 383 26.12 -6.78 1.33
N ILE C 384 25.86 -8.09 1.50
CA ILE C 384 24.56 -8.54 1.97
C ILE C 384 24.45 -8.15 3.43
N ILE C 385 23.63 -7.14 3.74
CA ILE C 385 23.48 -6.63 5.09
C ILE C 385 22.02 -6.47 5.45
N ASN C 386 21.75 -6.35 6.76
CA ASN C 386 20.43 -6.13 7.31
C ASN C 386 20.54 -4.82 8.10
N MET C 387 20.21 -3.73 7.41
CA MET C 387 20.34 -2.39 7.98
C MET C 387 19.47 -2.17 9.22
N TRP C 388 18.29 -2.79 9.29
CA TRP C 388 17.46 -2.54 10.45
C TRP C 388 17.12 -3.80 11.23
N GLN C 389 18.09 -4.71 11.35
CA GLN C 389 17.97 -6.00 12.07
C GLN C 389 16.64 -6.69 11.76
N ARG C 390 16.28 -6.68 10.48
CA ARG C 390 15.04 -7.27 9.99
C ARG C 390 15.40 -8.37 9.01
N ALA C 391 14.92 -9.58 9.27
CA ALA C 391 15.19 -10.73 8.42
C ALA C 391 14.19 -10.88 7.28
N GLY C 392 13.21 -9.96 7.16
CA GLY C 392 12.25 -10.06 6.09
C GLY C 392 12.78 -9.71 4.71
N GLN C 393 13.91 -9.02 4.65
CA GLN C 393 14.52 -8.61 3.39
C GLN C 393 16.00 -8.39 3.65
N ALA C 394 16.72 -8.02 2.58
CA ALA C 394 18.14 -7.78 2.71
C ALA C 394 18.58 -6.75 1.68
N MET C 395 19.75 -6.16 1.94
CA MET C 395 20.36 -5.15 1.11
C MET C 395 21.61 -5.68 0.42
N TYR C 396 21.75 -5.35 -0.86
CA TYR C 396 22.91 -5.74 -1.65
C TYR C 396 23.51 -4.40 -2.07
N ALA C 397 24.49 -3.93 -1.32
CA ALA C 397 25.12 -2.65 -1.62
C ALA C 397 26.02 -2.79 -2.85
N PRO C 398 25.78 -2.02 -3.91
CA PRO C 398 26.65 -2.12 -5.08
C PRO C 398 28.03 -1.59 -4.77
N PRO C 399 29.07 -2.14 -5.41
CA PRO C 399 30.43 -1.65 -5.13
C PRO C 399 30.67 -0.27 -5.73
N ILE C 400 31.42 0.54 -5.01
CA ILE C 400 31.74 1.89 -5.47
C ILE C 400 33.08 1.86 -6.20
N PRO C 401 33.15 2.33 -7.44
CA PRO C 401 34.43 2.29 -8.16
C PRO C 401 35.47 3.21 -7.55
N GLY C 402 36.73 2.81 -7.71
CA GLY C 402 37.83 3.60 -7.18
C GLY C 402 38.03 3.39 -5.68
N VAL C 403 38.84 4.27 -5.10
CA VAL C 403 39.16 4.25 -3.69
C VAL C 403 38.29 5.30 -2.99
N ILE C 404 37.64 4.89 -1.90
CA ILE C 404 36.76 5.76 -1.14
C ILE C 404 37.40 6.11 0.19
N LYS C 405 37.30 7.38 0.57
CA LYS C 405 37.84 7.89 1.82
C LYS C 405 36.75 8.68 2.52
N CYS C 406 36.79 8.67 3.85
CA CYS C 406 35.78 9.40 4.62
C CYS C 406 36.40 9.91 5.90
N GLU C 407 35.75 10.91 6.49
CA GLU C 407 36.18 11.52 7.74
C GLU C 407 34.95 11.86 8.55
N SER C 408 35.01 11.61 9.86
CA SER C 408 33.89 11.89 10.73
C SER C 408 34.40 12.29 12.12
N ASN C 409 33.51 12.87 12.91
CA ASN C 409 33.81 13.31 14.26
C ASN C 409 33.11 12.40 15.26
N ILE C 410 33.86 11.90 16.24
CA ILE C 410 33.29 11.04 17.27
C ILE C 410 32.70 11.97 18.32
N THR C 411 31.37 11.92 18.47
CA THR C 411 30.69 12.78 19.43
C THR C 411 30.09 12.03 20.61
N GLY C 412 29.81 10.74 20.45
CA GLY C 412 29.24 9.99 21.55
C GLY C 412 29.62 8.53 21.52
N LEU C 413 29.44 7.88 22.67
CA LEU C 413 29.76 6.47 22.83
C LEU C 413 28.67 5.80 23.64
N LEU C 414 28.25 4.62 23.21
CA LEU C 414 27.22 3.85 23.91
C LEU C 414 27.92 2.83 24.80
N LEU C 415 27.64 2.87 26.10
CA LEU C 415 28.26 1.96 27.04
C LEU C 415 27.23 1.25 27.89
N THR C 416 27.52 -0.01 28.21
CA THR C 416 26.67 -0.85 29.03
C THR C 416 27.55 -1.50 30.09
N ARG C 417 27.03 -1.63 31.31
CA ARG C 417 27.77 -2.24 32.41
C ARG C 417 27.26 -3.66 32.62
N ASP C 418 28.18 -4.57 32.90
CA ASP C 418 27.84 -5.97 33.13
C ASP C 418 28.18 -6.40 34.55
N GLY C 419 27.70 -7.59 34.91
CA GLY C 419 27.93 -8.13 36.24
C GLY C 419 26.84 -7.72 37.22
N GLY C 420 26.78 -8.46 38.32
CA GLY C 420 25.80 -8.19 39.35
C GLY C 420 26.38 -8.13 40.75
N LYS C 421 27.65 -8.48 40.89
CA LYS C 421 28.30 -8.46 42.19
C LYS C 421 28.67 -7.03 42.56
N ASP C 422 29.02 -6.84 43.84
CA ASP C 422 29.37 -5.51 44.31
C ASP C 422 30.66 -5.02 43.66
N ASN C 423 31.72 -5.83 43.70
CA ASN C 423 33.03 -5.50 43.12
C ASN C 423 33.51 -4.12 43.57
N ASN C 424 33.76 -3.99 44.88
CA ASN C 424 34.20 -2.72 45.44
C ASN C 424 35.58 -2.30 44.94
N VAL C 425 36.32 -3.21 44.31
CA VAL C 425 37.66 -2.87 43.82
C VAL C 425 37.59 -2.16 42.47
N ASN C 426 36.74 -2.66 41.57
CA ASN C 426 36.63 -2.08 40.24
C ASN C 426 35.26 -2.31 39.63
N GLU C 427 34.93 -1.51 38.63
CA GLU C 427 33.67 -1.57 37.90
C GLU C 427 33.96 -1.86 36.43
N THR C 428 33.09 -2.60 35.78
CA THR C 428 33.26 -2.98 34.38
C THR C 428 32.20 -2.31 33.50
N PHE C 429 32.61 -1.92 32.29
CA PHE C 429 31.74 -1.29 31.31
C PHE C 429 32.12 -1.79 29.92
N ARG C 430 31.11 -2.10 29.11
CA ARG C 430 31.34 -2.59 27.76
C ARG C 430 30.52 -1.79 26.76
N PRO C 431 31.04 -1.54 25.57
CA PRO C 431 30.28 -0.79 24.57
C PRO C 431 29.36 -1.70 23.76
N GLY C 432 28.43 -1.07 23.06
CA GLY C 432 27.48 -1.80 22.25
C GLY C 432 26.04 -1.53 22.62
N GLY C 433 25.26 -1.03 21.65
CA GLY C 433 23.88 -0.71 21.86
C GLY C 433 22.98 -1.90 21.59
N SER C 434 21.67 -1.65 21.66
CA SER C 434 20.67 -2.69 21.41
C SER C 434 19.95 -2.46 20.10
N ASP C 435 19.36 -1.27 19.90
CA ASP C 435 18.66 -0.93 18.68
C ASP C 435 19.06 0.46 18.24
N MET C 436 18.66 0.82 17.01
CA MET C 436 18.97 2.13 16.49
C MET C 436 18.10 3.22 17.10
N ARG C 437 17.07 2.83 17.86
CA ARG C 437 16.19 3.79 18.50
C ARG C 437 16.96 4.60 19.54
N ASP C 438 17.84 3.93 20.29
CA ASP C 438 18.64 4.59 21.30
C ASP C 438 19.64 5.56 20.65
N ASN C 439 20.08 5.25 19.44
CA ASN C 439 21.02 6.09 18.73
C ASN C 439 20.42 7.48 18.47
N TRP C 440 19.15 7.53 18.09
CA TRP C 440 18.47 8.80 17.81
C TRP C 440 18.07 9.57 19.06
N ARG C 441 18.21 8.99 20.25
CA ARG C 441 17.86 9.71 21.46
C ARG C 441 18.89 10.76 21.82
N SER C 442 20.09 10.70 21.23
CA SER C 442 21.13 11.68 21.53
C SER C 442 20.78 13.05 20.93
N GLU C 443 20.11 13.06 19.78
CA GLU C 443 19.76 14.33 19.15
C GLU C 443 18.43 14.89 19.66
N LEU C 444 17.51 14.02 20.09
CA LEU C 444 16.21 14.45 20.58
C LEU C 444 16.14 14.53 22.10
N TYR C 445 17.26 14.82 22.77
CA TYR C 445 17.25 14.90 24.22
C TYR C 445 16.78 16.25 24.75
N LYS C 446 16.77 17.30 23.91
CA LYS C 446 16.36 18.62 24.33
C LYS C 446 15.03 19.06 23.73
N TYR C 447 14.23 18.13 23.22
CA TYR C 447 12.95 18.50 22.62
C TYR C 447 11.82 17.70 23.23
N LYS C 448 10.67 18.36 23.35
CA LYS C 448 9.45 17.76 23.91
C LYS C 448 8.26 18.41 23.23
N VAL C 449 7.33 17.58 22.77
CA VAL C 449 6.13 18.04 22.09
C VAL C 449 5.00 18.21 23.09
N VAL C 450 4.31 19.36 23.03
CA VAL C 450 3.21 19.67 23.93
C VAL C 450 2.03 20.16 23.09
N GLU C 451 0.85 20.09 23.70
CA GLU C 451 -0.40 20.52 23.08
C GLU C 451 -0.81 21.85 23.69
N ILE C 452 -1.03 22.84 22.84
CA ILE C 452 -1.41 24.19 23.28
C ILE C 452 -2.92 24.30 23.30
N GLU C 453 -3.48 24.67 24.46
CA GLU C 453 -4.92 24.86 24.59
C GLU C 453 -5.19 26.31 24.99
N PRO C 454 -5.84 27.09 24.13
CA PRO C 454 -6.09 28.51 24.45
C PRO C 454 -7.28 28.76 25.36
N LEU C 455 -7.96 27.73 25.87
CA LEU C 455 -9.11 27.96 26.73
C LEU C 455 -8.69 27.98 28.20
N GLY C 456 -9.26 28.91 28.95
CA GLY C 456 -8.97 29.04 30.36
C GLY C 456 -10.12 29.67 31.10
N VAL C 457 -10.27 29.29 32.36
CA VAL C 457 -11.34 29.79 33.22
C VAL C 457 -10.72 30.42 34.47
N ALA C 458 -11.21 31.60 34.82
CA ALA C 458 -10.72 32.33 35.99
C ALA C 458 -11.84 33.21 36.52
N PRO C 459 -11.96 33.36 37.83
CA PRO C 459 -13.01 34.19 38.40
C PRO C 459 -12.64 35.67 38.46
N THR C 460 -13.63 36.50 38.12
CA THR C 460 -13.45 37.95 38.12
C THR C 460 -14.80 38.59 38.43
N ARG C 461 -14.76 39.78 39.01
CA ARG C 461 -15.97 40.53 39.36
C ARG C 461 -16.58 41.15 38.09
N CYS C 462 -17.15 40.29 37.26
CA CYS C 462 -17.78 40.71 36.01
C CYS C 462 -19.22 40.22 35.98
N LYS C 463 -20.14 41.15 35.70
CA LYS C 463 -21.57 40.85 35.62
C LYS C 463 -22.00 41.02 34.18
N ARG C 464 -22.54 39.96 33.59
CA ARG C 464 -22.99 40.03 32.19
C ARG C 464 -24.27 40.84 32.09
N ARG C 465 -24.35 41.70 31.08
CA ARG C 465 -25.52 42.52 30.86
C ARG C 465 -26.68 41.69 30.32
N VAL C 466 -27.87 42.28 30.38
CA VAL C 466 -29.07 41.61 29.89
C VAL C 466 -29.10 41.60 28.37
N ASN D 3 -12.75 62.90 9.65
CA ASN D 3 -11.58 62.02 9.64
C ASN D 3 -11.92 60.71 8.95
N LEU D 4 -10.91 59.89 8.70
CA LEU D 4 -11.07 58.61 8.05
C LEU D 4 -10.65 57.49 8.99
N TRP D 5 -11.32 56.34 8.89
CA TRP D 5 -11.03 55.20 9.74
C TRP D 5 -10.94 53.94 8.89
N VAL D 6 -10.15 52.99 9.38
CA VAL D 6 -9.93 51.73 8.69
C VAL D 6 -11.10 50.79 8.94
N THR D 7 -11.66 50.23 7.86
CA THR D 7 -12.78 49.30 7.94
C THR D 7 -12.47 48.08 7.08
N VAL D 8 -13.08 46.96 7.43
CA VAL D 8 -12.89 45.70 6.71
C VAL D 8 -14.21 45.28 6.08
N TYR D 9 -14.12 44.56 4.97
CA TYR D 9 -15.27 44.06 4.24
C TYR D 9 -15.08 42.58 3.95
N TYR D 10 -16.07 41.78 4.30
CA TYR D 10 -16.03 40.34 4.09
C TYR D 10 -16.81 39.97 2.84
N GLY D 11 -16.39 38.88 2.20
CA GLY D 11 -17.04 38.42 0.99
C GLY D 11 -16.86 39.38 -0.16
N VAL D 12 -15.72 40.06 -0.22
CA VAL D 12 -15.42 41.04 -1.27
C VAL D 12 -15.09 40.27 -2.55
N PRO D 13 -15.52 40.75 -3.72
CA PRO D 13 -15.22 40.04 -4.99
C PRO D 13 -13.91 40.40 -5.70
N VAL D 14 -12.81 39.85 -5.21
CA VAL D 14 -11.50 40.07 -5.79
C VAL D 14 -10.74 38.75 -5.75
N TRP D 15 -9.92 38.51 -6.78
CA TRP D 15 -9.15 37.29 -6.88
C TRP D 15 -7.67 37.60 -7.08
N ARG D 16 -6.87 36.53 -7.09
CA ARG D 16 -5.43 36.62 -7.28
C ARG D 16 -4.95 35.31 -7.89
N ASP D 17 -3.97 35.40 -8.79
CA ASP D 17 -3.44 34.21 -9.44
C ASP D 17 -2.73 33.32 -8.43
N ALA D 18 -3.00 32.02 -8.50
CA ALA D 18 -2.40 31.05 -7.60
C ALA D 18 -2.44 29.67 -8.25
N ASP D 19 -1.84 28.71 -7.58
CA ASP D 19 -1.77 27.32 -8.03
C ASP D 19 -2.46 26.42 -7.04
N THR D 20 -3.27 25.49 -7.54
CA THR D 20 -4.00 24.56 -6.68
C THR D 20 -4.15 23.22 -7.41
N THR D 21 -4.57 22.22 -6.66
CA THR D 21 -4.76 20.87 -7.19
C THR D 21 -6.17 20.75 -7.77
N LEU D 22 -6.25 20.38 -9.05
CA LEU D 22 -7.52 20.21 -9.73
C LEU D 22 -7.95 18.75 -9.69
N PHE D 23 -9.26 18.53 -9.80
CA PHE D 23 -9.82 17.18 -9.79
C PHE D 23 -10.75 17.01 -10.98
N CYS D 24 -10.85 15.77 -11.45
CA CYS D 24 -11.66 15.40 -12.60
C CYS D 24 -13.15 15.58 -12.33
N ALA D 25 -13.92 15.46 -13.42
CA ALA D 25 -15.38 15.54 -13.39
C ALA D 25 -15.84 14.81 -14.65
N SER D 26 -16.24 13.55 -14.50
CA SER D 26 -16.67 12.76 -15.64
C SER D 26 -18.00 12.07 -15.34
N ASP D 27 -18.73 11.76 -16.40
CA ASP D 27 -20.02 11.10 -16.29
C ASP D 27 -19.83 9.67 -15.80
N ALA D 28 -20.83 9.17 -15.08
CA ALA D 28 -20.79 7.81 -14.55
C ALA D 28 -20.90 6.77 -15.67
N LYS D 35 -14.68 2.39 -15.22
CA LYS D 35 -14.24 1.03 -14.90
C LYS D 35 -13.76 0.30 -16.15
N HIS D 36 -14.44 0.56 -17.28
CA HIS D 36 -14.10 -0.06 -18.56
C HIS D 36 -13.37 0.92 -19.48
N ASN D 37 -12.84 2.00 -18.94
CA ASN D 37 -12.12 3.00 -19.73
C ASN D 37 -10.78 3.27 -19.06
N VAL D 38 -9.78 3.62 -19.88
CA VAL D 38 -8.44 3.89 -19.37
C VAL D 38 -8.36 5.20 -18.59
N TRP D 39 -9.34 6.09 -18.75
CA TRP D 39 -9.30 7.36 -18.04
C TRP D 39 -10.02 7.32 -16.69
N ALA D 40 -10.48 6.14 -16.27
CA ALA D 40 -11.17 5.94 -14.99
C ALA D 40 -12.36 6.89 -14.83
N THR D 41 -13.35 6.71 -15.69
CA THR D 41 -14.54 7.56 -15.64
C THR D 41 -15.39 7.25 -14.41
N HIS D 42 -15.55 5.96 -14.11
CA HIS D 42 -16.35 5.57 -12.95
C HIS D 42 -15.68 5.95 -11.64
N ALA D 43 -14.35 5.86 -11.59
CA ALA D 43 -13.63 6.21 -10.37
C ALA D 43 -13.66 7.71 -10.12
N CYS D 44 -13.93 8.51 -11.14
CA CYS D 44 -13.98 9.95 -10.99
C CYS D 44 -15.35 10.40 -10.52
N VAL D 45 -15.39 11.56 -9.86
CA VAL D 45 -16.63 12.13 -9.31
C VAL D 45 -17.56 12.49 -10.47
N PRO D 46 -18.87 12.31 -10.31
CA PRO D 46 -19.80 12.64 -11.41
C PRO D 46 -19.78 14.11 -11.79
N THR D 47 -20.02 14.35 -13.08
CA THR D 47 -20.04 15.69 -13.65
C THR D 47 -21.25 16.48 -13.16
N ASP D 48 -21.04 17.77 -12.90
CA ASP D 48 -22.11 18.65 -12.47
C ASP D 48 -23.16 18.71 -13.58
N PRO D 49 -24.43 18.38 -13.28
CA PRO D 49 -25.46 18.41 -14.34
C PRO D 49 -25.71 19.78 -14.95
N ASN D 50 -25.36 20.87 -14.27
CA ASN D 50 -25.59 22.21 -14.81
C ASN D 50 -24.51 23.18 -14.31
N PRO D 51 -23.38 23.24 -15.01
CA PRO D 51 -22.32 24.18 -14.59
C PRO D 51 -22.76 25.62 -14.79
N GLN D 52 -22.96 26.33 -13.70
CA GLN D 52 -23.41 27.73 -13.76
C GLN D 52 -22.24 28.62 -14.17
N GLU D 53 -22.28 29.12 -15.40
CA GLU D 53 -21.26 30.02 -15.91
C GLU D 53 -21.74 31.45 -15.73
N ILE D 54 -21.11 32.18 -14.84
CA ILE D 54 -21.47 33.56 -14.54
C ILE D 54 -20.64 34.49 -15.42
N HIS D 55 -21.33 35.30 -16.22
CA HIS D 55 -20.65 36.24 -17.09
C HIS D 55 -20.24 37.48 -16.30
N LEU D 56 -19.13 38.09 -16.69
CA LEU D 56 -18.62 39.27 -16.02
C LEU D 56 -18.56 40.45 -16.98
N ASP D 57 -18.53 41.66 -16.40
CA ASP D 57 -18.46 42.90 -17.14
C ASP D 57 -17.54 43.86 -16.41
N ASN D 58 -17.11 44.91 -17.14
CA ASN D 58 -16.21 45.94 -16.62
C ASN D 58 -14.87 45.40 -16.14
N VAL D 59 -14.52 44.17 -16.50
CA VAL D 59 -13.28 43.56 -16.05
C VAL D 59 -12.49 43.00 -17.22
N THR D 60 -11.16 43.17 -17.17
CA THR D 60 -10.23 42.67 -18.17
C THR D 60 -9.18 41.86 -17.44
N GLU D 61 -8.95 40.63 -17.88
CA GLU D 61 -7.99 39.75 -17.24
C GLU D 61 -6.81 39.46 -18.17
N LYS D 62 -5.61 39.39 -17.58
CA LYS D 62 -4.38 39.12 -18.30
C LYS D 62 -4.18 37.61 -18.34
N PHE D 63 -4.43 37.00 -19.51
CA PHE D 63 -4.30 35.56 -19.68
C PHE D 63 -2.94 35.22 -20.31
N ASN D 64 -2.43 34.05 -19.94
CA ASN D 64 -1.16 33.57 -20.46
C ASN D 64 -1.18 32.04 -20.33
N MET D 65 -1.45 31.37 -21.45
CA MET D 65 -1.51 29.90 -21.42
C MET D 65 -0.13 29.26 -21.53
N TRP D 66 0.93 30.03 -21.75
CA TRP D 66 2.27 29.47 -21.82
C TRP D 66 2.95 29.39 -20.46
N LYS D 67 2.26 29.81 -19.40
CA LYS D 67 2.82 29.78 -18.06
C LYS D 67 1.89 29.14 -17.04
N ASN D 68 0.66 28.80 -17.41
CA ASN D 68 -0.28 28.18 -16.47
C ASN D 68 0.24 26.83 -15.99
N ASN D 69 -0.14 26.48 -14.77
CA ASN D 69 0.27 25.23 -14.15
C ASN D 69 -0.77 24.12 -14.29
N MET D 70 -2.00 24.44 -14.69
CA MET D 70 -3.03 23.42 -14.83
C MET D 70 -2.67 22.40 -15.91
N VAL D 71 -1.94 22.83 -16.95
CA VAL D 71 -1.56 21.90 -18.01
C VAL D 71 -0.58 20.85 -17.47
N GLU D 72 0.30 21.25 -16.54
CA GLU D 72 1.24 20.31 -15.96
C GLU D 72 0.48 19.26 -15.14
N GLN D 73 -0.51 19.71 -14.36
CA GLN D 73 -1.31 18.77 -13.58
C GLN D 73 -2.10 17.86 -14.50
N MET D 74 -2.55 18.38 -15.64
CA MET D 74 -3.27 17.55 -16.60
C MET D 74 -2.37 16.45 -17.14
N HIS D 75 -1.13 16.80 -17.48
CA HIS D 75 -0.18 15.81 -17.98
C HIS D 75 0.11 14.74 -16.92
N GLU D 76 0.33 15.19 -15.68
CA GLU D 76 0.60 14.24 -14.60
C GLU D 76 -0.60 13.33 -14.35
N ASP D 77 -1.81 13.89 -14.39
CA ASP D 77 -3.01 13.09 -14.18
C ASP D 77 -3.19 12.07 -15.29
N ILE D 78 -2.91 12.45 -16.54
CA ILE D 78 -3.04 11.52 -17.65
C ILE D 78 -2.04 10.37 -17.50
N ILE D 79 -0.79 10.70 -17.13
CA ILE D 79 0.22 9.65 -16.95
C ILE D 79 -0.17 8.73 -15.81
N SER D 80 -0.64 9.29 -14.69
CA SER D 80 -1.04 8.48 -13.55
C SER D 80 -2.22 7.59 -13.89
N LEU D 81 -3.20 8.12 -14.65
CA LEU D 81 -4.36 7.32 -15.03
C LEU D 81 -3.95 6.19 -15.97
N TRP D 82 -3.03 6.46 -16.89
CA TRP D 82 -2.58 5.43 -17.82
C TRP D 82 -1.87 4.31 -17.06
N ASP D 83 -0.99 4.69 -16.13
CA ASP D 83 -0.29 3.69 -15.33
C ASP D 83 -1.26 2.91 -14.45
N GLN D 84 -2.27 3.58 -13.90
CA GLN D 84 -3.27 2.92 -13.08
C GLN D 84 -4.13 1.97 -13.90
N SER D 85 -4.32 2.26 -15.17
CA SER D 85 -5.10 1.42 -16.05
C SER D 85 -4.32 0.23 -16.60
N LEU D 86 -2.99 0.31 -16.66
CA LEU D 86 -2.19 -0.79 -17.18
C LEU D 86 -1.75 -1.82 -16.15
N LYS D 87 -1.50 -1.41 -14.91
CA LYS D 87 -1.03 -2.36 -13.88
C LYS D 87 -2.00 -3.42 -13.35
N PRO D 88 -3.33 -3.25 -13.32
CA PRO D 88 -4.17 -4.30 -12.74
C PRO D 88 -4.46 -5.50 -13.64
N CYS D 89 -3.76 -5.69 -14.75
CA CYS D 89 -4.06 -6.85 -15.58
C CYS D 89 -2.76 -7.55 -15.97
N VAL D 90 -2.89 -8.49 -16.90
CA VAL D 90 -1.83 -9.35 -17.43
C VAL D 90 -0.52 -8.64 -17.76
N LYS D 91 0.59 -9.27 -17.38
CA LYS D 91 1.95 -8.81 -17.63
C LYS D 91 2.55 -9.74 -18.67
N LEU D 92 3.57 -9.28 -19.39
CA LEU D 92 4.15 -10.12 -20.43
C LEU D 92 5.67 -10.27 -20.36
N THR D 93 6.20 -10.62 -19.21
CA THR D 93 7.65 -10.79 -19.08
C THR D 93 8.23 -12.06 -19.74
N PRO D 94 7.58 -13.23 -19.71
CA PRO D 94 8.21 -14.40 -20.34
C PRO D 94 8.23 -14.39 -21.86
N LEU D 95 7.79 -13.30 -22.51
CA LEU D 95 7.80 -13.26 -23.97
C LEU D 95 9.19 -13.01 -24.54
N CYS D 96 10.11 -12.45 -23.75
CA CYS D 96 11.47 -12.17 -24.22
C CYS D 96 12.22 -13.48 -24.40
N VAL D 97 11.94 -14.14 -25.53
CA VAL D 97 12.54 -15.41 -25.91
C VAL D 97 13.09 -15.24 -27.32
N THR D 98 14.12 -16.02 -27.66
CA THR D 98 14.73 -15.94 -28.99
C THR D 98 13.73 -16.38 -30.05
N LEU D 99 13.20 -15.43 -30.82
CA LEU D 99 12.23 -15.71 -31.86
C LEU D 99 12.92 -16.12 -33.16
N HIS D 100 12.38 -17.16 -33.79
CA HIS D 100 12.88 -17.66 -35.07
C HIS D 100 11.86 -17.23 -36.13
N CYS D 101 12.24 -16.26 -36.96
CA CYS D 101 11.34 -15.75 -37.99
C CYS D 101 11.87 -16.03 -39.38
N THR D 102 10.95 -15.98 -40.34
CA THR D 102 11.22 -16.19 -41.75
C THR D 102 10.27 -15.33 -42.54
N ASN D 103 10.46 -15.30 -43.86
CA ASN D 103 9.58 -14.50 -44.72
C ASN D 103 8.18 -15.08 -44.75
N VAL D 104 7.20 -14.17 -44.81
CA VAL D 104 5.78 -14.52 -44.85
C VAL D 104 5.48 -15.11 -46.22
N THR D 105 4.29 -15.68 -46.39
CA THR D 105 3.88 -16.29 -47.66
C THR D 105 3.89 -15.27 -48.80
N SER D 106 3.81 -13.97 -48.47
CA SER D 106 3.83 -12.87 -49.46
C SER D 106 2.64 -12.95 -50.40
N VAL D 107 1.44 -12.98 -49.83
CA VAL D 107 0.20 -13.02 -50.62
C VAL D 107 -0.18 -11.57 -50.89
N ASN D 108 0.38 -11.03 -51.97
CA ASN D 108 0.23 -9.65 -52.48
C ASN D 108 -0.78 -8.71 -51.82
N ASP D 112 5.85 -4.19 -48.93
CA ASP D 112 4.90 -4.99 -48.18
C ASP D 112 5.50 -6.33 -47.74
N ARG D 113 6.55 -6.76 -48.46
CA ARG D 113 7.20 -8.02 -48.12
C ARG D 113 7.89 -7.93 -46.76
N GLU D 114 8.52 -6.80 -46.47
CA GLU D 114 9.21 -6.60 -45.20
C GLU D 114 8.30 -5.97 -44.15
N GLY D 115 7.02 -5.78 -44.44
CA GLY D 115 6.12 -5.18 -43.48
C GLY D 115 5.57 -6.12 -42.43
N LEU D 116 5.74 -7.42 -42.59
CA LEU D 116 5.25 -8.39 -41.63
C LEU D 116 6.14 -9.63 -41.68
N LYS D 117 6.39 -10.22 -40.51
CA LYS D 117 7.24 -11.41 -40.42
C LYS D 117 6.50 -12.54 -39.72
N ASN D 118 6.79 -13.77 -40.16
CA ASN D 118 6.21 -14.99 -39.60
C ASN D 118 7.24 -15.55 -38.63
N CYS D 119 6.97 -15.42 -37.33
CA CYS D 119 7.87 -15.87 -36.30
C CYS D 119 7.33 -17.09 -35.55
N SER D 120 8.27 -17.83 -34.95
CA SER D 120 7.98 -19.03 -34.18
C SER D 120 8.88 -19.01 -32.95
N PHE D 121 8.32 -19.35 -31.79
CA PHE D 121 9.10 -19.34 -30.57
C PHE D 121 8.47 -20.26 -29.54
N ASN D 122 9.24 -20.57 -28.50
CA ASN D 122 8.78 -21.42 -27.42
C ASN D 122 8.07 -20.57 -26.36
N MET D 123 7.09 -21.17 -25.71
CA MET D 123 6.34 -20.47 -24.69
C MET D 123 5.96 -21.44 -23.58
N THR D 124 5.74 -20.90 -22.39
CA THR D 124 5.38 -21.70 -21.23
C THR D 124 3.87 -21.72 -21.08
N THR D 125 3.29 -22.93 -21.07
CA THR D 125 1.85 -23.09 -20.94
C THR D 125 1.45 -22.91 -19.48
N GLU D 126 0.19 -23.22 -19.16
CA GLU D 126 -0.29 -23.07 -17.79
C GLU D 126 0.51 -23.95 -16.82
N LEU D 127 1.03 -25.07 -17.31
CA LEU D 127 1.85 -25.95 -16.49
C LEU D 127 3.27 -25.42 -16.49
N ARG D 128 3.85 -25.24 -15.30
CA ARG D 128 5.21 -24.71 -15.23
C ARG D 128 6.23 -25.69 -15.80
N ASP D 129 5.95 -26.99 -15.70
CA ASP D 129 6.86 -28.02 -16.21
C ASP D 129 6.60 -28.37 -17.67
N LYS D 130 5.68 -27.70 -18.35
CA LYS D 130 5.38 -28.01 -19.74
C LYS D 130 5.64 -26.79 -20.61
N ARG D 131 6.17 -27.03 -21.82
CA ARG D 131 6.50 -26.00 -22.78
C ARG D 131 5.72 -26.24 -24.08
N GLN D 132 5.23 -25.15 -24.68
CA GLN D 132 4.47 -25.24 -25.91
C GLN D 132 5.10 -24.36 -26.98
N LYS D 133 4.87 -24.70 -28.24
CA LYS D 133 5.39 -23.97 -29.38
C LYS D 133 4.23 -23.29 -30.11
N VAL D 134 4.37 -21.99 -30.37
CA VAL D 134 3.33 -21.23 -31.04
C VAL D 134 3.90 -20.52 -32.26
N TYR D 135 3.01 -20.18 -33.17
CA TYR D 135 3.33 -19.48 -34.41
C TYR D 135 2.53 -18.18 -34.42
N SER D 136 3.21 -17.06 -34.65
CA SER D 136 2.54 -15.77 -34.67
C SER D 136 3.24 -14.83 -35.63
N LEU D 137 2.52 -13.77 -36.00
CA LEU D 137 3.03 -12.75 -36.91
C LEU D 137 3.27 -11.45 -36.16
N PHE D 138 4.45 -10.88 -36.38
CA PHE D 138 4.84 -9.63 -35.75
C PHE D 138 5.34 -8.67 -36.81
N TYR D 139 5.11 -7.38 -36.59
CA TYR D 139 5.56 -6.37 -37.55
C TYR D 139 7.08 -6.21 -37.47
N ARG D 140 7.67 -5.74 -38.57
CA ARG D 140 9.12 -5.57 -38.61
C ARG D 140 9.59 -4.51 -37.62
N LEU D 141 8.79 -3.45 -37.44
CA LEU D 141 9.16 -2.41 -36.49
C LEU D 141 9.16 -2.90 -35.06
N ASP D 142 8.55 -4.05 -34.81
CA ASP D 142 8.46 -4.64 -33.48
C ASP D 142 9.54 -5.69 -33.21
N ILE D 143 10.43 -5.93 -34.16
CA ILE D 143 11.48 -6.94 -33.99
C ILE D 143 12.80 -6.45 -34.58
N VAL D 144 13.88 -6.68 -33.85
CA VAL D 144 15.22 -6.30 -34.26
C VAL D 144 16.10 -7.55 -34.21
N PRO D 145 17.17 -7.63 -35.01
CA PRO D 145 18.02 -8.82 -34.98
C PRO D 145 18.74 -8.97 -33.63
N ILE D 146 19.01 -10.21 -33.27
CA ILE D 146 19.68 -10.49 -32.00
C ILE D 146 21.20 -10.59 -32.16
N ASN D 147 21.68 -11.00 -33.34
CA ASN D 147 23.12 -11.11 -33.55
C ASN D 147 23.56 -10.70 -34.95
N GLU D 148 22.67 -10.12 -35.76
CA GLU D 148 22.97 -9.69 -37.12
C GLU D 148 23.52 -10.83 -37.98
N ASN D 149 22.98 -12.04 -37.78
CA ASN D 149 23.38 -13.24 -38.51
C ASN D 149 24.88 -13.51 -38.41
N SER D 152 17.69 -14.81 -39.40
CA SER D 152 17.39 -16.05 -38.70
C SER D 152 16.73 -15.76 -37.35
N GLU D 153 17.54 -15.74 -36.29
CA GLU D 153 17.03 -15.47 -34.96
C GLU D 153 16.66 -14.00 -34.81
N TYR D 154 15.71 -13.73 -33.93
CA TYR D 154 15.25 -12.36 -33.71
C TYR D 154 14.82 -12.17 -32.26
N ARG D 155 14.71 -10.90 -31.88
CA ARG D 155 14.31 -10.49 -30.54
C ARG D 155 13.40 -9.27 -30.68
N LEU D 156 12.52 -9.08 -29.70
CA LEU D 156 11.61 -7.94 -29.73
C LEU D 156 12.38 -6.63 -29.63
N ILE D 157 11.72 -5.55 -30.08
CA ILE D 157 12.36 -4.24 -30.10
C ILE D 157 12.69 -3.76 -28.68
N ASN D 158 11.73 -3.86 -27.77
CA ASN D 158 11.95 -3.40 -26.41
C ASN D 158 12.02 -4.66 -25.54
N CYS D 159 13.24 -5.12 -25.33
CA CYS D 159 13.51 -6.29 -24.48
C CYS D 159 14.71 -6.05 -23.57
N ASN D 160 15.52 -5.04 -23.85
CA ASN D 160 16.69 -4.69 -23.05
C ASN D 160 16.50 -3.40 -22.27
N THR D 161 15.31 -2.82 -22.30
CA THR D 161 15.04 -1.56 -21.60
C THR D 161 13.92 -1.62 -20.58
N SER D 162 12.85 -2.38 -20.82
CA SER D 162 11.75 -2.43 -19.87
C SER D 162 10.97 -3.73 -20.03
N ALA D 163 10.15 -4.03 -19.04
CA ALA D 163 9.33 -5.22 -19.03
C ALA D 163 8.05 -4.95 -19.82
N ILE D 164 7.74 -5.86 -20.74
CA ILE D 164 6.55 -5.71 -21.57
C ILE D 164 5.31 -6.08 -20.78
N THR D 165 4.28 -5.24 -20.88
CA THR D 165 3.02 -5.44 -20.19
C THR D 165 1.90 -5.34 -21.21
N GLN D 166 1.16 -6.42 -21.41
CA GLN D 166 0.07 -6.42 -22.38
C GLN D 166 -1.06 -5.52 -21.89
N ALA D 167 -1.62 -4.74 -22.81
CA ALA D 167 -2.71 -3.84 -22.46
C ALA D 167 -3.94 -4.65 -22.04
N CYS D 168 -4.75 -4.06 -21.18
CA CYS D 168 -5.95 -4.72 -20.68
C CYS D 168 -6.96 -4.82 -21.82
N PRO D 169 -7.40 -6.02 -22.20
CA PRO D 169 -8.36 -6.11 -23.31
C PRO D 169 -9.74 -5.58 -22.98
N LYS D 170 -10.13 -5.56 -21.70
CA LYS D 170 -11.45 -5.08 -21.32
C LYS D 170 -11.58 -3.56 -21.49
N VAL D 171 -10.56 -2.82 -21.07
CA VAL D 171 -10.61 -1.37 -21.17
C VAL D 171 -10.51 -0.92 -22.62
N SER D 172 -10.89 0.33 -22.86
CA SER D 172 -10.86 0.95 -24.18
C SER D 172 -10.08 2.25 -24.11
N PHE D 173 -9.38 2.56 -25.20
CA PHE D 173 -8.56 3.77 -25.28
C PHE D 173 -9.29 4.92 -25.96
N GLU D 174 -10.62 4.96 -25.89
CA GLU D 174 -11.36 6.04 -26.52
C GLU D 174 -11.18 7.33 -25.72
N PRO D 175 -10.80 8.43 -26.37
CA PRO D 175 -10.62 9.70 -25.63
C PRO D 175 -11.94 10.29 -25.15
N ILE D 176 -12.49 9.72 -24.09
CA ILE D 176 -13.76 10.22 -23.54
C ILE D 176 -13.53 11.58 -22.90
N PRO D 177 -14.38 12.58 -23.14
CA PRO D 177 -14.17 13.90 -22.54
C PRO D 177 -14.36 13.89 -21.03
N ILE D 178 -13.58 14.74 -20.37
CA ILE D 178 -13.63 14.90 -18.92
C ILE D 178 -13.65 16.39 -18.61
N HIS D 179 -14.08 16.74 -17.40
CA HIS D 179 -14.14 18.13 -16.97
C HIS D 179 -13.19 18.34 -15.80
N TYR D 180 -12.51 19.48 -15.79
CA TYR D 180 -11.57 19.82 -14.73
C TYR D 180 -12.20 20.86 -13.81
N CYS D 181 -12.29 20.54 -12.53
CA CYS D 181 -12.86 21.43 -11.53
C CYS D 181 -11.81 21.83 -10.52
N THR D 182 -12.15 22.81 -9.69
CA THR D 182 -11.29 23.32 -8.65
C THR D 182 -12.03 23.28 -7.31
N PRO D 183 -11.31 23.12 -6.20
CA PRO D 183 -11.99 23.07 -4.90
C PRO D 183 -12.60 24.41 -4.54
N ALA D 184 -13.34 24.40 -3.42
CA ALA D 184 -13.99 25.61 -2.94
C ALA D 184 -12.95 26.68 -2.59
N GLY D 185 -13.33 27.93 -2.77
CA GLY D 185 -12.46 29.05 -2.51
C GLY D 185 -11.63 29.48 -3.70
N PHE D 186 -11.69 28.72 -4.79
CA PHE D 186 -10.96 29.01 -6.02
C PHE D 186 -11.95 29.13 -7.17
N ALA D 187 -11.45 29.62 -8.30
CA ALA D 187 -12.30 29.79 -9.47
C ALA D 187 -11.42 29.69 -10.72
N ILE D 188 -12.06 29.38 -11.84
CA ILE D 188 -11.40 29.24 -13.12
C ILE D 188 -11.97 30.32 -14.05
N LEU D 189 -11.10 31.21 -14.51
CA LEU D 189 -11.50 32.28 -15.41
C LEU D 189 -11.48 31.76 -16.85
N LYS D 190 -12.60 31.89 -17.55
CA LYS D 190 -12.72 31.42 -18.92
C LYS D 190 -12.77 32.62 -19.87
N CYS D 191 -11.77 32.75 -20.72
CA CYS D 191 -11.71 33.84 -21.68
C CYS D 191 -12.61 33.53 -22.87
N LYS D 192 -13.43 34.51 -23.24
CA LYS D 192 -14.36 34.36 -24.35
C LYS D 192 -14.20 35.45 -25.40
N ASP D 193 -13.02 36.07 -25.49
CA ASP D 193 -12.78 37.11 -26.48
C ASP D 193 -12.76 36.51 -27.89
N GLU D 194 -13.22 37.31 -28.85
CA GLU D 194 -13.26 36.85 -30.23
C GLU D 194 -11.85 36.84 -30.82
N GLY D 195 -11.40 35.67 -31.25
CA GLY D 195 -10.07 35.54 -31.83
C GLY D 195 -8.96 35.82 -30.84
N PHE D 196 -9.09 35.34 -29.61
CA PHE D 196 -8.06 35.57 -28.60
C PHE D 196 -6.83 34.71 -28.91
N ASN D 197 -5.66 35.36 -28.92
CA ASN D 197 -4.41 34.68 -29.21
C ASN D 197 -3.91 33.98 -27.94
N GLY D 198 -2.66 33.51 -27.97
CA GLY D 198 -2.11 32.82 -26.81
C GLY D 198 -1.98 33.71 -25.58
N THR D 199 -1.43 34.90 -25.75
CA THR D 199 -1.23 35.82 -24.63
C THR D 199 -1.81 37.20 -24.97
N GLY D 200 -2.50 37.77 -24.01
CA GLY D 200 -3.10 39.08 -24.19
C GLY D 200 -4.14 39.34 -23.12
N LEU D 201 -4.70 40.54 -23.17
CA LEU D 201 -5.72 40.96 -22.23
C LEU D 201 -7.09 40.57 -22.77
N CYS D 202 -7.82 39.76 -22.01
CA CYS D 202 -9.14 39.29 -22.41
C CYS D 202 -10.20 40.25 -21.88
N LYS D 203 -10.95 40.87 -22.79
CA LYS D 203 -11.99 41.82 -22.42
C LYS D 203 -13.36 41.17 -22.31
N ASN D 204 -13.44 39.85 -22.46
CA ASN D 204 -14.71 39.11 -22.37
C ASN D 204 -14.37 37.87 -21.55
N VAL D 205 -14.49 37.99 -20.23
CA VAL D 205 -14.16 36.91 -19.31
C VAL D 205 -15.40 36.51 -18.52
N SER D 206 -15.57 35.21 -18.34
CA SER D 206 -16.68 34.64 -17.60
C SER D 206 -16.12 33.67 -16.56
N THR D 207 -16.75 33.63 -15.39
CA THR D 207 -16.31 32.75 -14.32
C THR D 207 -17.11 31.46 -14.33
N VAL D 208 -16.40 30.33 -14.33
CA VAL D 208 -17.03 29.01 -14.33
C VAL D 208 -16.35 28.15 -13.28
N GLN D 209 -17.12 27.25 -12.67
CA GLN D 209 -16.58 26.37 -11.65
C GLN D 209 -15.75 25.24 -12.24
N CYS D 210 -16.18 24.69 -13.38
CA CYS D 210 -15.46 23.60 -14.02
C CYS D 210 -15.30 23.89 -15.51
N THR D 211 -14.22 23.36 -16.07
CA THR D 211 -13.93 23.54 -17.48
C THR D 211 -14.85 22.67 -18.33
N HIS D 212 -14.90 22.97 -19.62
CA HIS D 212 -15.72 22.21 -20.54
C HIS D 212 -15.11 20.83 -20.78
N GLY D 213 -15.88 19.99 -21.47
CA GLY D 213 -15.42 18.65 -21.78
C GLY D 213 -14.22 18.62 -22.70
N ILE D 214 -13.08 18.24 -22.16
CA ILE D 214 -11.83 18.17 -22.91
C ILE D 214 -11.49 16.70 -23.15
N LYS D 215 -11.26 16.36 -24.41
CA LYS D 215 -10.93 14.98 -24.76
C LYS D 215 -9.42 14.80 -24.74
N PRO D 216 -8.89 13.89 -23.92
CA PRO D 216 -7.43 13.68 -23.84
C PRO D 216 -6.87 12.91 -25.03
N VAL D 217 -6.74 13.61 -26.16
CA VAL D 217 -6.19 12.99 -27.36
C VAL D 217 -4.69 12.80 -27.18
N VAL D 218 -4.12 11.88 -27.95
CA VAL D 218 -2.69 11.60 -27.84
C VAL D 218 -2.03 11.72 -29.21
N SER D 219 -2.71 12.38 -30.14
CA SER D 219 -2.16 12.56 -31.48
C SER D 219 -0.99 13.55 -31.44
N THR D 220 -0.12 13.44 -32.44
CA THR D 220 1.04 14.33 -32.54
C THR D 220 1.17 14.87 -33.95
N GLN D 221 1.70 16.09 -34.05
CA GLN D 221 1.95 16.85 -35.28
C GLN D 221 0.67 17.31 -35.97
N LEU D 222 -0.47 16.81 -35.50
CA LEU D 222 -1.78 17.18 -36.04
C LEU D 222 -2.81 16.90 -34.96
N LEU D 223 -3.55 17.93 -34.57
CA LEU D 223 -4.56 17.77 -33.53
C LEU D 223 -5.82 17.13 -34.12
N LEU D 224 -6.31 16.09 -33.44
CA LEU D 224 -7.49 15.36 -33.87
C LEU D 224 -8.62 15.56 -32.87
N ASN D 225 -9.82 15.83 -33.39
CA ASN D 225 -11.03 16.04 -32.58
C ASN D 225 -10.84 17.15 -31.55
N GLY D 226 -10.04 18.15 -31.89
CA GLY D 226 -9.76 19.25 -31.00
C GLY D 226 -10.77 20.38 -31.13
N SER D 227 -10.45 21.50 -30.48
CA SER D 227 -11.30 22.66 -30.51
C SER D 227 -11.26 23.33 -31.89
N LEU D 228 -12.32 24.07 -32.20
CA LEU D 228 -12.46 24.75 -33.48
C LEU D 228 -12.45 26.27 -33.26
N ALA D 229 -11.89 26.99 -34.23
CA ALA D 229 -11.87 28.44 -34.15
C ALA D 229 -13.25 29.00 -34.46
N GLU D 230 -13.43 30.28 -34.22
CA GLU D 230 -14.72 30.92 -34.46
C GLU D 230 -14.81 31.55 -35.84
N LYS D 231 -13.93 32.50 -36.17
CA LYS D 231 -14.01 33.15 -37.47
C LYS D 231 -12.74 33.07 -38.31
N ASN D 232 -11.54 33.16 -37.73
CA ASN D 232 -10.32 33.11 -38.52
C ASN D 232 -9.30 32.20 -37.85
N ILE D 233 -8.31 31.80 -38.63
CA ILE D 233 -7.23 30.95 -38.15
C ILE D 233 -6.32 31.78 -37.24
N ILE D 234 -6.07 31.28 -36.03
CA ILE D 234 -5.24 31.97 -35.06
C ILE D 234 -3.97 31.16 -34.83
N ILE D 235 -2.90 31.87 -34.44
CA ILE D 235 -1.59 31.28 -34.18
C ILE D 235 -1.20 31.58 -32.75
N ARG D 236 -0.74 30.55 -32.04
CA ARG D 236 -0.31 30.68 -30.66
C ARG D 236 1.17 30.34 -30.57
N SER D 237 1.94 31.21 -29.91
CA SER D 237 3.37 31.00 -29.75
C SER D 237 3.88 31.92 -28.64
N GLU D 238 4.73 31.37 -27.77
CA GLU D 238 5.29 32.18 -26.69
C GLU D 238 6.22 33.24 -27.25
N ASN D 239 6.94 32.92 -28.31
CA ASN D 239 7.87 33.84 -28.96
C ASN D 239 7.88 33.44 -30.43
N ILE D 240 7.12 34.17 -31.25
CA ILE D 240 7.05 33.88 -32.68
C ILE D 240 8.40 34.11 -33.34
N THR D 241 9.21 35.04 -32.83
CA THR D 241 10.51 35.30 -33.41
C THR D 241 11.46 34.12 -33.16
N ASN D 242 11.41 33.53 -31.97
CA ASN D 242 12.26 32.40 -31.64
C ASN D 242 11.84 31.18 -32.43
N ASN D 243 12.80 30.52 -33.07
CA ASN D 243 12.52 29.33 -33.85
C ASN D 243 12.53 28.05 -33.02
N ALA D 244 12.88 28.14 -31.75
CA ALA D 244 12.93 26.97 -30.87
C ALA D 244 11.61 26.72 -30.14
N LYS D 245 10.58 27.52 -30.40
CA LYS D 245 9.28 27.36 -29.75
C LYS D 245 8.28 26.77 -30.73
N ILE D 246 7.44 25.87 -30.22
CA ILE D 246 6.43 25.22 -31.06
C ILE D 246 5.36 26.23 -31.44
N ILE D 247 5.07 26.31 -32.73
CA ILE D 247 4.07 27.22 -33.28
C ILE D 247 2.77 26.43 -33.41
N ILE D 248 1.83 26.69 -32.52
CA ILE D 248 0.54 26.00 -32.55
C ILE D 248 -0.42 26.79 -33.42
N VAL D 249 -1.08 26.10 -34.35
CA VAL D 249 -2.03 26.70 -35.28
C VAL D 249 -3.38 26.03 -35.09
N GLN D 250 -4.43 26.83 -34.94
CA GLN D 250 -5.79 26.34 -34.77
C GLN D 250 -6.59 26.70 -36.01
N LEU D 251 -7.23 25.69 -36.61
CA LEU D 251 -8.02 25.90 -37.82
C LEU D 251 -9.45 26.29 -37.48
N VAL D 252 -10.12 26.88 -38.46
CA VAL D 252 -11.51 27.30 -38.32
C VAL D 252 -12.47 26.27 -38.89
N GLN D 253 -12.07 25.56 -39.93
CA GLN D 253 -12.90 24.52 -40.53
C GLN D 253 -12.17 23.20 -40.46
N PRO D 254 -12.79 22.13 -39.97
CA PRO D 254 -12.09 20.85 -39.87
C PRO D 254 -11.85 20.21 -41.23
N VAL D 255 -10.82 19.38 -41.26
CA VAL D 255 -10.44 18.64 -42.46
C VAL D 255 -10.65 17.16 -42.14
N THR D 256 -11.61 16.54 -42.82
CA THR D 256 -11.92 15.14 -42.58
C THR D 256 -10.76 14.23 -42.98
N ILE D 257 -10.44 13.29 -42.10
CA ILE D 257 -9.37 12.32 -42.32
C ILE D 257 -9.89 10.95 -41.92
N LYS D 258 -9.59 9.94 -42.72
CA LYS D 258 -10.02 8.59 -42.46
C LYS D 258 -8.89 7.62 -42.77
N CYS D 259 -8.72 6.62 -41.92
CA CYS D 259 -7.68 5.62 -42.07
C CYS D 259 -8.30 4.24 -42.06
N ILE D 260 -7.64 3.32 -42.78
CA ILE D 260 -8.15 1.95 -42.90
C ILE D 260 -7.01 0.99 -43.22
N ARG D 261 -7.00 -0.17 -42.55
CA ARG D 261 -6.01 -1.20 -42.79
C ARG D 261 -6.72 -2.32 -43.55
N PRO D 262 -6.20 -2.77 -44.69
CA PRO D 262 -6.88 -3.82 -45.46
C PRO D 262 -6.61 -5.24 -45.00
N ASN D 263 -6.02 -5.45 -43.82
CA ASN D 263 -5.73 -6.79 -43.36
C ASN D 263 -6.89 -7.32 -42.52
N ASN D 264 -7.44 -8.46 -42.94
CA ASN D 264 -8.52 -9.11 -42.21
C ASN D 264 -7.89 -10.02 -41.14
N ASN D 265 -7.27 -9.34 -40.17
CA ASN D 265 -6.56 -10.00 -39.09
C ASN D 265 -7.46 -10.91 -38.26
N THR D 266 -6.92 -12.07 -37.90
CA THR D 266 -7.59 -13.06 -37.07
C THR D 266 -6.82 -13.17 -35.77
N VAL D 267 -7.51 -13.03 -34.66
CA VAL D 267 -6.86 -13.09 -33.35
C VAL D 267 -6.92 -14.51 -32.80
N LYS D 268 -5.85 -14.87 -32.09
CA LYS D 268 -5.72 -16.16 -31.45
C LYS D 268 -5.25 -15.90 -30.02
N SER D 269 -5.71 -16.74 -29.10
CA SER D 269 -5.34 -16.54 -27.70
C SER D 269 -4.79 -17.83 -27.09
N ILE D 270 -3.77 -17.66 -26.27
CA ILE D 270 -3.13 -18.74 -25.54
C ILE D 270 -2.98 -18.27 -24.11
N ARG D 271 -2.87 -19.23 -23.18
CA ARG D 271 -2.74 -18.93 -21.77
C ARG D 271 -1.37 -19.35 -21.26
N ILE D 272 -0.70 -18.44 -20.57
CA ILE D 272 0.62 -18.68 -20.00
C ILE D 272 0.50 -18.49 -18.49
N GLY D 273 1.04 -19.45 -17.73
CA GLY D 273 0.95 -19.40 -16.29
C GLY D 273 -0.46 -19.72 -15.85
N PRO D 274 -0.81 -19.37 -14.61
CA PRO D 274 -2.17 -19.66 -14.12
C PRO D 274 -3.26 -19.02 -14.97
N GLY D 275 -3.25 -17.69 -15.07
CA GLY D 275 -4.21 -16.98 -15.89
C GLY D 275 -3.41 -16.29 -16.97
N GLN D 276 -3.40 -14.96 -16.97
CA GLN D 276 -2.64 -14.14 -17.90
C GLN D 276 -2.86 -14.55 -19.37
N ALA D 277 -4.07 -14.31 -19.83
CA ALA D 277 -4.41 -14.63 -21.21
C ALA D 277 -3.60 -13.74 -22.16
N PHE D 278 -2.94 -14.35 -23.14
CA PHE D 278 -2.12 -13.65 -24.10
C PHE D 278 -2.74 -13.73 -25.49
N TYR D 279 -2.76 -12.62 -26.20
CA TYR D 279 -3.33 -12.54 -27.53
C TYR D 279 -2.25 -12.21 -28.55
N TYR D 280 -2.42 -12.73 -29.76
CA TYR D 280 -1.46 -12.50 -30.83
C TYR D 280 -2.19 -12.61 -32.17
N THR D 281 -1.42 -12.41 -33.25
CA THR D 281 -1.96 -12.48 -34.60
C THR D 281 -1.81 -13.91 -35.10
N GLY D 282 -2.93 -14.57 -35.37
CA GLY D 282 -2.90 -15.94 -35.84
C GLY D 282 -2.65 -16.08 -37.33
N ASP D 283 -3.53 -15.50 -38.14
CA ASP D 283 -3.40 -15.58 -39.59
C ASP D 283 -4.11 -14.38 -40.21
N ILE D 284 -3.79 -14.12 -41.47
CA ILE D 284 -4.36 -13.02 -42.23
C ILE D 284 -5.16 -13.59 -43.38
N ILE D 285 -6.43 -13.22 -43.48
CA ILE D 285 -7.30 -13.69 -44.54
C ILE D 285 -7.28 -12.68 -45.68
N GLY D 286 -6.99 -13.15 -46.89
CA GLY D 286 -6.92 -12.30 -48.05
C GLY D 286 -5.51 -11.84 -48.34
N ASP D 287 -5.42 -10.82 -49.21
CA ASP D 287 -4.14 -10.27 -49.60
C ASP D 287 -3.63 -9.30 -48.55
N ILE D 288 -2.36 -9.46 -48.16
CA ILE D 288 -1.77 -8.57 -47.16
C ILE D 288 -1.59 -7.19 -47.78
N ARG D 289 -1.77 -6.15 -46.97
CA ARG D 289 -1.65 -4.80 -47.47
C ARG D 289 -1.31 -3.86 -46.32
N GLN D 290 -0.73 -2.71 -46.66
CA GLN D 290 -0.34 -1.72 -45.66
C GLN D 290 -1.49 -0.73 -45.43
N ALA D 291 -1.47 -0.12 -44.25
CA ALA D 291 -2.50 0.84 -43.88
C ALA D 291 -2.24 2.17 -44.59
N HIS D 292 -3.30 2.97 -44.71
CA HIS D 292 -3.19 4.26 -45.37
C HIS D 292 -4.30 5.17 -44.84
N CYS D 293 -4.11 6.47 -45.08
CA CYS D 293 -5.06 7.48 -44.65
C CYS D 293 -5.35 8.42 -45.82
N ASN D 294 -6.59 8.91 -45.89
CA ASN D 294 -7.00 9.81 -46.96
C ASN D 294 -7.45 11.15 -46.42
N VAL D 295 -7.11 12.20 -47.17
CA VAL D 295 -7.48 13.58 -46.87
C VAL D 295 -7.85 14.24 -48.19
N THR D 296 -8.86 15.12 -48.14
CA THR D 296 -9.31 15.78 -49.36
C THR D 296 -8.21 16.69 -49.91
N ARG D 297 -8.01 16.63 -51.23
CA ARG D 297 -6.98 17.43 -51.89
C ARG D 297 -7.30 18.92 -51.82
N SER D 298 -8.47 19.30 -52.33
CA SER D 298 -8.85 20.72 -52.35
C SER D 298 -9.00 21.29 -50.95
N ARG D 299 -9.62 20.55 -50.04
CA ARG D 299 -9.81 21.03 -48.68
C ARG D 299 -8.48 21.28 -47.98
N TRP D 300 -7.59 20.29 -48.01
CA TRP D 300 -6.29 20.46 -47.36
C TRP D 300 -5.46 21.55 -48.04
N ASN D 301 -5.53 21.63 -49.37
CA ASN D 301 -4.77 22.65 -50.08
C ASN D 301 -5.24 24.05 -49.69
N LYS D 302 -6.56 24.25 -49.64
CA LYS D 302 -7.11 25.55 -49.27
C LYS D 302 -6.77 25.89 -47.82
N THR D 303 -6.88 24.90 -46.91
CA THR D 303 -6.55 25.15 -45.51
C THR D 303 -5.08 25.51 -45.35
N LEU D 304 -4.21 24.81 -46.06
CA LEU D 304 -2.78 25.10 -46.00
C LEU D 304 -2.49 26.48 -46.56
N GLN D 305 -3.21 26.89 -47.62
CA GLN D 305 -3.02 28.22 -48.19
C GLN D 305 -3.42 29.28 -47.18
N GLU D 306 -4.53 29.07 -46.47
CA GLU D 306 -4.97 30.03 -45.47
C GLU D 306 -3.96 30.12 -44.32
N VAL D 307 -3.40 28.98 -43.92
CA VAL D 307 -2.41 28.98 -42.85
C VAL D 307 -1.16 29.73 -43.30
N ALA D 308 -0.76 29.53 -44.56
CA ALA D 308 0.40 30.23 -45.10
C ALA D 308 0.15 31.73 -45.13
N GLU D 309 -1.07 32.14 -45.50
CA GLU D 309 -1.39 33.57 -45.52
C GLU D 309 -1.35 34.16 -44.12
N LYS D 310 -1.86 33.43 -43.14
CA LYS D 310 -1.84 33.92 -41.77
C LYS D 310 -0.40 34.03 -41.26
N LEU D 311 0.46 33.08 -41.62
CA LEU D 311 1.86 33.16 -41.22
C LEU D 311 2.54 34.34 -41.91
N ARG D 312 2.19 34.59 -43.17
CA ARG D 312 2.75 35.72 -43.90
C ARG D 312 2.36 37.03 -43.23
N THR D 313 1.14 37.09 -42.68
CA THR D 313 0.70 38.28 -41.98
C THR D 313 1.61 38.58 -40.79
N TYR D 314 2.00 37.55 -40.05
CA TYR D 314 2.90 37.75 -38.91
C TYR D 314 4.31 38.12 -39.36
N PHE D 315 4.83 37.43 -40.37
CA PHE D 315 6.18 37.75 -40.81
C PHE D 315 6.21 38.99 -41.71
N GLY D 316 5.41 39.01 -42.78
CA GLY D 316 5.38 40.17 -43.65
C GLY D 316 5.97 40.00 -45.03
N ASN D 317 5.09 39.81 -46.02
CA ASN D 317 5.47 39.64 -47.43
C ASN D 317 6.50 38.55 -47.64
N LYS D 318 6.31 37.42 -46.97
CA LYS D 318 7.22 36.29 -47.07
C LYS D 318 6.50 35.08 -47.66
N THR D 319 7.22 34.36 -48.51
CA THR D 319 6.71 33.16 -49.18
C THR D 319 6.91 31.98 -48.22
N ILE D 320 5.81 31.49 -47.65
CA ILE D 320 5.89 30.38 -46.71
C ILE D 320 5.95 29.06 -47.45
N ILE D 321 6.92 28.22 -47.06
CA ILE D 321 7.11 26.90 -47.64
C ILE D 321 7.19 25.90 -46.49
N PHE D 322 6.85 24.64 -46.77
CA PHE D 322 6.86 23.60 -45.76
C PHE D 322 7.69 22.41 -46.21
N ALA D 323 8.32 21.73 -45.25
CA ALA D 323 9.16 20.56 -45.50
C ALA D 323 8.55 19.34 -44.81
N ASN D 324 9.16 18.18 -45.06
CA ASN D 324 8.69 16.91 -44.51
C ASN D 324 9.45 16.59 -43.21
N SER D 325 9.24 17.44 -42.22
CA SER D 325 9.84 17.33 -40.89
C SER D 325 11.36 17.36 -40.94
N SER D 326 12.00 17.10 -39.80
CA SER D 326 13.46 17.10 -39.72
C SER D 326 14.07 15.72 -39.95
N GLY D 327 13.49 14.69 -39.34
CA GLY D 327 14.02 13.35 -39.48
C GLY D 327 14.53 12.77 -38.19
N GLY D 328 14.20 11.51 -37.92
CA GLY D 328 14.65 10.86 -36.69
C GLY D 328 13.82 9.61 -36.44
N ASP D 329 13.47 9.39 -35.17
CA ASP D 329 12.66 8.19 -34.80
C ASP D 329 11.21 8.38 -35.29
N LEU D 330 10.50 7.28 -35.49
CA LEU D 330 9.10 7.36 -35.95
C LEU D 330 8.28 8.12 -34.91
N GLU D 331 8.36 7.70 -33.65
CA GLU D 331 7.52 8.33 -32.61
C GLU D 331 7.67 9.86 -32.66
N ILE D 332 8.80 10.37 -33.12
CA ILE D 332 9.04 11.84 -33.08
C ILE D 332 8.66 12.49 -34.42
N THR D 333 9.00 11.86 -35.53
CA THR D 333 8.77 12.48 -36.83
C THR D 333 7.60 11.88 -37.62
N THR D 334 6.71 11.14 -36.96
CA THR D 334 5.59 10.56 -37.70
C THR D 334 4.30 10.79 -36.93
N HIS D 335 3.19 10.79 -37.65
CA HIS D 335 1.88 10.99 -37.06
C HIS D 335 1.47 9.76 -36.25
N SER D 336 0.91 9.99 -35.07
CA SER D 336 0.47 8.92 -34.18
C SER D 336 -1.04 8.96 -34.02
N PHE D 337 -1.65 7.78 -33.98
CA PHE D 337 -3.09 7.60 -33.83
C PHE D 337 -3.40 6.73 -32.63
N ASN D 338 -4.65 6.78 -32.21
CA ASN D 338 -5.15 6.02 -31.07
C ASN D 338 -6.46 5.30 -31.39
N CYS D 339 -7.31 5.87 -32.24
CA CYS D 339 -8.60 5.29 -32.60
C CYS D 339 -8.48 3.86 -33.11
N GLY D 340 -9.46 3.04 -32.75
CA GLY D 340 -9.53 1.66 -33.16
C GLY D 340 -8.70 0.69 -32.35
N GLY D 341 -8.01 1.15 -31.30
CA GLY D 341 -7.18 0.29 -30.49
C GLY D 341 -5.82 0.02 -31.07
N GLU D 342 -5.56 0.42 -32.31
CA GLU D 342 -4.28 0.24 -32.97
C GLU D 342 -3.59 1.59 -33.08
N PHE D 343 -2.31 1.62 -32.73
CA PHE D 343 -1.53 2.86 -32.77
C PHE D 343 -0.85 2.96 -34.13
N PHE D 344 -1.38 3.84 -34.97
CA PHE D 344 -0.84 4.04 -36.31
C PHE D 344 0.27 5.08 -36.28
N TYR D 345 1.48 4.65 -36.62
CA TYR D 345 2.65 5.53 -36.69
C TYR D 345 3.01 5.67 -38.15
N CYS D 346 2.81 6.85 -38.73
CA CYS D 346 3.14 6.95 -40.15
C CYS D 346 3.47 8.36 -40.60
N ASN D 347 4.02 8.40 -41.82
CA ASN D 347 4.49 9.53 -42.60
C ASN D 347 3.51 10.70 -42.72
N THR D 348 4.06 11.88 -43.01
CA THR D 348 3.27 13.09 -43.18
C THR D 348 3.81 13.92 -44.35
N SER D 349 4.75 13.39 -45.14
CA SER D 349 5.33 14.10 -46.26
C SER D 349 4.32 14.44 -47.36
N GLY D 350 3.18 13.74 -47.39
CA GLY D 350 2.19 14.03 -48.42
C GLY D 350 1.35 15.26 -48.16
N LEU D 351 1.56 15.93 -47.03
CA LEU D 351 0.81 17.13 -46.66
C LEU D 351 1.67 18.39 -46.63
N PHE D 352 2.77 18.35 -45.88
CA PHE D 352 3.67 19.50 -45.76
C PHE D 352 4.70 19.53 -46.88
N ASN D 353 4.24 19.46 -48.13
CA ASN D 353 5.11 19.46 -49.30
C ASN D 353 4.47 20.38 -50.35
N SER D 354 4.77 21.67 -50.26
CA SER D 354 4.24 22.67 -51.19
C SER D 354 4.98 23.97 -50.97
N THR D 355 4.63 24.97 -51.79
CA THR D 355 5.21 26.30 -51.74
C THR D 355 4.10 27.31 -51.95
N TRP D 356 4.32 28.53 -51.47
CA TRP D 356 3.33 29.59 -51.61
C TRP D 356 3.99 30.91 -51.96
N TYR D 357 3.17 31.83 -52.45
CA TYR D 357 3.62 33.17 -52.82
C TYR D 357 2.52 34.16 -52.48
N VAL D 358 2.82 35.44 -52.71
CA VAL D 358 1.86 36.49 -52.43
C VAL D 358 0.67 36.41 -53.39
N ASN D 359 0.94 36.07 -54.66
CA ASN D 359 -0.12 35.97 -55.64
C ASN D 359 -1.13 34.87 -55.29
N SER D 360 -0.64 33.72 -54.84
CA SER D 360 -1.51 32.62 -54.46
C SER D 360 -0.85 31.73 -53.42
N SER D 371 -14.85 17.07 -55.23
CA SER D 371 -14.50 16.02 -56.19
C SER D 371 -13.91 14.81 -55.47
N ASN D 372 -13.65 13.75 -56.22
CA ASN D 372 -13.08 12.52 -55.67
C ASN D 372 -11.57 12.53 -55.86
N ASP D 373 -10.92 13.46 -55.18
CA ASP D 373 -9.47 13.63 -55.22
C ASP D 373 -8.94 13.66 -53.80
N THR D 374 -8.21 12.61 -53.42
CA THR D 374 -7.66 12.51 -52.08
C THR D 374 -6.15 12.32 -52.15
N ILE D 375 -5.52 12.37 -50.98
CA ILE D 375 -4.08 12.19 -50.84
C ILE D 375 -3.87 10.91 -50.04
N THR D 376 -3.05 10.01 -50.58
CA THR D 376 -2.78 8.74 -49.93
C THR D 376 -1.49 8.84 -49.10
N LEU D 377 -1.60 8.52 -47.82
CA LEU D 377 -0.46 8.54 -46.90
C LEU D 377 -0.22 7.12 -46.42
N PRO D 378 0.82 6.43 -46.90
CA PRO D 378 1.08 5.06 -46.46
C PRO D 378 1.34 5.01 -44.95
N CYS D 379 0.86 3.95 -44.31
CA CYS D 379 1.03 3.82 -42.88
C CYS D 379 1.47 2.43 -42.46
N ARG D 380 2.17 2.39 -41.32
CA ARG D 380 2.70 1.19 -40.72
C ARG D 380 2.03 0.98 -39.37
N ILE D 381 2.10 -0.25 -38.86
CA ILE D 381 1.48 -0.60 -37.59
C ILE D 381 2.56 -1.03 -36.60
N LYS D 382 2.43 -0.56 -35.37
CA LYS D 382 3.37 -0.87 -34.30
C LYS D 382 2.57 -1.22 -33.05
N GLN D 383 2.99 -2.28 -32.35
CA GLN D 383 2.30 -2.72 -31.14
C GLN D 383 3.01 -2.24 -29.88
N ILE D 384 4.28 -2.59 -29.69
CA ILE D 384 5.01 -2.14 -28.52
C ILE D 384 5.31 -0.65 -28.69
N ILE D 385 4.84 0.16 -27.74
CA ILE D 385 5.04 1.61 -27.81
C ILE D 385 5.46 2.15 -26.45
N ASN D 386 6.09 3.33 -26.49
CA ASN D 386 6.56 4.08 -25.34
C ASN D 386 6.11 5.53 -25.49
N MET D 387 4.83 5.71 -25.85
CA MET D 387 4.16 6.98 -26.10
C MET D 387 4.52 8.12 -25.15
N TRP D 388 4.77 7.83 -23.89
CA TRP D 388 5.14 8.88 -22.94
C TRP D 388 6.63 9.14 -22.89
N GLN D 389 7.39 8.63 -23.87
CA GLN D 389 8.84 8.79 -23.97
C GLN D 389 9.56 8.28 -22.73
N ARG D 390 9.04 7.23 -22.11
CA ARG D 390 9.65 6.66 -20.93
C ARG D 390 10.37 5.36 -21.27
N ALA D 391 11.66 5.30 -20.93
CA ALA D 391 12.46 4.11 -21.20
C ALA D 391 12.21 2.99 -20.19
N GLY D 392 11.53 3.28 -19.09
CA GLY D 392 11.25 2.30 -18.08
C GLY D 392 9.88 1.64 -18.13
N GLN D 393 9.09 1.91 -19.16
CA GLN D 393 7.77 1.30 -19.26
C GLN D 393 7.44 1.03 -20.73
N ALA D 394 6.54 0.08 -20.95
CA ALA D 394 6.12 -0.30 -22.29
C ALA D 394 4.74 -0.93 -22.20
N MET D 395 4.08 -1.01 -23.35
CA MET D 395 2.75 -1.60 -23.44
C MET D 395 2.65 -2.41 -24.72
N TYR D 396 2.02 -3.58 -24.62
CA TYR D 396 1.84 -4.46 -25.78
C TYR D 396 0.37 -4.34 -26.18
N ALA D 397 0.13 -3.69 -27.31
CA ALA D 397 -1.24 -3.50 -27.79
C ALA D 397 -1.74 -4.79 -28.44
N PRO D 398 -2.82 -5.39 -27.93
CA PRO D 398 -3.32 -6.62 -28.55
C PRO D 398 -3.92 -6.33 -29.91
N PRO D 399 -3.84 -7.27 -30.85
CA PRO D 399 -4.41 -7.04 -32.17
C PRO D 399 -5.93 -6.99 -32.14
N ILE D 400 -6.49 -6.17 -33.03
CA ILE D 400 -7.94 -6.01 -33.13
C ILE D 400 -8.46 -6.99 -34.17
N PRO D 401 -9.44 -7.83 -33.83
CA PRO D 401 -9.96 -8.81 -34.80
C PRO D 401 -10.64 -8.14 -35.98
N GLY D 402 -10.45 -8.76 -37.16
CA GLY D 402 -11.05 -8.28 -38.38
C GLY D 402 -10.52 -6.95 -38.90
N VAL D 403 -11.32 -6.32 -39.75
CA VAL D 403 -10.95 -5.03 -40.34
C VAL D 403 -11.35 -3.90 -39.39
N ILE D 404 -10.45 -2.94 -39.23
CA ILE D 404 -10.67 -1.80 -38.34
C ILE D 404 -10.73 -0.52 -39.16
N LYS D 405 -11.74 0.30 -38.90
CA LYS D 405 -11.97 1.58 -39.55
C LYS D 405 -11.88 2.72 -38.55
N CYS D 406 -11.49 3.90 -39.04
CA CYS D 406 -11.38 5.06 -38.18
C CYS D 406 -11.60 6.32 -39.01
N GLU D 407 -12.06 7.38 -38.33
CA GLU D 407 -12.32 8.66 -38.97
C GLU D 407 -12.30 9.73 -37.89
N SER D 408 -11.69 10.87 -38.19
CA SER D 408 -11.61 11.96 -37.24
C SER D 408 -11.54 13.28 -38.00
N ASN D 409 -11.55 14.37 -37.24
CA ASN D 409 -11.49 15.73 -37.76
C ASN D 409 -10.17 16.37 -37.35
N ILE D 410 -9.48 16.96 -38.33
CA ILE D 410 -8.22 17.65 -38.07
C ILE D 410 -8.55 19.11 -37.76
N THR D 411 -8.13 19.57 -36.58
CA THR D 411 -8.40 20.94 -36.16
C THR D 411 -7.15 21.76 -35.89
N GLY D 412 -6.01 21.12 -35.64
CA GLY D 412 -4.81 21.89 -35.37
C GLY D 412 -3.57 21.20 -35.87
N LEU D 413 -2.50 21.99 -35.99
CA LEU D 413 -1.21 21.53 -36.47
C LEU D 413 -0.12 22.02 -35.53
N LEU D 414 0.97 21.27 -35.45
CA LEU D 414 2.10 21.61 -34.59
C LEU D 414 3.30 21.93 -35.48
N LEU D 415 3.40 23.19 -35.89
CA LEU D 415 4.51 23.62 -36.73
C LEU D 415 5.73 23.95 -35.89
N THR D 416 6.88 24.04 -36.58
CA THR D 416 8.14 24.35 -35.93
C THR D 416 9.03 25.00 -36.97
N ARG D 417 9.27 26.31 -36.84
CA ARG D 417 10.09 27.03 -37.78
C ARG D 417 11.55 26.59 -37.68
N ASP D 418 12.20 26.45 -38.83
CA ASP D 418 13.59 26.05 -38.87
C ASP D 418 14.50 27.19 -38.42
N GLY D 419 15.76 26.84 -38.15
CA GLY D 419 16.73 27.82 -37.70
C GLY D 419 17.37 28.61 -38.81
N GLY D 420 16.56 29.28 -39.63
CA GLY D 420 17.08 30.08 -40.71
C GLY D 420 17.70 31.36 -40.19
N LYS D 421 19.01 31.53 -40.39
CA LYS D 421 19.69 32.73 -39.92
C LYS D 421 19.46 33.90 -40.87
N ASP D 422 19.70 33.70 -42.16
CA ASP D 422 19.51 34.76 -43.13
C ASP D 422 18.03 35.08 -43.29
N ASN D 423 17.73 36.35 -43.55
CA ASN D 423 16.35 36.77 -43.72
C ASN D 423 15.74 36.14 -44.98
N ASN D 424 16.45 36.21 -46.10
CA ASN D 424 16.03 35.65 -47.38
C ASN D 424 14.63 36.08 -47.79
N VAL D 425 13.99 35.27 -48.62
CA VAL D 425 12.63 35.55 -49.08
C VAL D 425 11.64 34.52 -48.56
N ASN D 426 12.06 33.27 -48.34
CA ASN D 426 11.19 32.22 -47.86
C ASN D 426 11.64 31.70 -46.50
N GLU D 427 10.67 31.17 -45.76
CA GLU D 427 10.89 30.61 -44.43
C GLU D 427 10.42 29.16 -44.44
N THR D 428 11.24 28.28 -43.87
CA THR D 428 10.93 26.86 -43.81
C THR D 428 10.26 26.50 -42.50
N PHE D 429 9.14 25.79 -42.58
CA PHE D 429 8.39 25.34 -41.42
C PHE D 429 8.28 23.83 -41.48
N ARG D 430 8.53 23.17 -40.34
CA ARG D 430 8.48 21.72 -40.30
C ARG D 430 7.54 21.25 -39.19
N PRO D 431 6.75 20.21 -39.44
CA PRO D 431 5.84 19.72 -38.41
C PRO D 431 6.58 18.91 -37.36
N GLY D 432 6.25 19.17 -36.10
CA GLY D 432 6.88 18.47 -34.99
C GLY D 432 6.61 19.15 -33.66
N GLY D 433 6.38 18.36 -32.62
CA GLY D 433 6.10 18.91 -31.31
C GLY D 433 7.23 18.73 -30.31
N SER D 434 8.03 17.67 -30.50
CA SER D 434 9.17 17.28 -29.68
C SER D 434 8.79 16.85 -28.27
N ASP D 435 7.52 16.98 -27.88
CA ASP D 435 7.01 16.60 -26.58
C ASP D 435 5.49 16.57 -26.67
N MET D 436 4.86 16.05 -25.63
CA MET D 436 3.40 15.92 -25.57
C MET D 436 2.73 17.02 -24.74
N ARG D 437 3.50 17.85 -24.06
CA ARG D 437 2.94 18.91 -23.24
C ARG D 437 2.18 19.95 -24.06
N ASP D 438 2.70 20.31 -25.23
CA ASP D 438 2.05 21.32 -26.06
C ASP D 438 0.75 20.85 -26.68
N ASN D 439 0.48 19.55 -26.63
CA ASN D 439 -0.75 19.04 -27.29
C ASN D 439 -1.95 19.59 -26.52
N TRP D 440 -1.93 19.47 -25.19
CA TRP D 440 -3.06 19.91 -24.38
C TRP D 440 -3.07 21.41 -24.16
N ARG D 441 -2.00 22.13 -24.50
CA ARG D 441 -1.99 23.58 -24.31
C ARG D 441 -2.90 24.28 -25.31
N SER D 442 -3.23 23.62 -26.43
CA SER D 442 -4.11 24.22 -27.42
C SER D 442 -5.57 24.17 -26.99
N GLU D 443 -5.92 23.34 -26.03
CA GLU D 443 -7.30 23.24 -25.56
C GLU D 443 -7.53 24.02 -24.28
N LEU D 444 -6.52 24.11 -23.41
CA LEU D 444 -6.62 24.84 -22.15
C LEU D 444 -6.14 26.27 -22.28
N TYR D 445 -6.18 26.84 -23.48
CA TYR D 445 -5.73 28.22 -23.69
C TYR D 445 -6.70 29.23 -23.12
N LYS D 446 -7.95 28.85 -22.87
CA LYS D 446 -8.97 29.75 -22.35
C LYS D 446 -9.25 29.55 -20.87
N TYR D 447 -8.31 28.98 -20.12
CA TYR D 447 -8.53 28.75 -18.70
C TYR D 447 -7.34 29.23 -17.88
N LYS D 448 -7.64 29.68 -16.67
CA LYS D 448 -6.66 30.17 -15.71
C LYS D 448 -7.27 30.03 -14.33
N VAL D 449 -6.56 29.35 -13.43
CA VAL D 449 -7.04 29.14 -12.07
C VAL D 449 -6.58 30.28 -11.18
N VAL D 450 -7.48 30.78 -10.34
CA VAL D 450 -7.22 31.87 -9.42
C VAL D 450 -7.84 31.53 -8.07
N GLU D 451 -7.38 32.22 -7.03
CA GLU D 451 -7.89 32.02 -5.68
C GLU D 451 -8.71 33.23 -5.29
N ILE D 452 -9.77 33.00 -4.53
CA ILE D 452 -10.65 34.08 -4.09
C ILE D 452 -10.14 34.66 -2.78
N GLU D 453 -10.21 35.98 -2.67
CA GLU D 453 -9.79 36.72 -1.49
C GLU D 453 -11.00 37.52 -1.01
N PRO D 454 -11.89 36.88 -0.24
CA PRO D 454 -13.09 37.58 0.24
C PRO D 454 -12.84 38.62 1.32
N LEU D 455 -11.59 38.84 1.73
CA LEU D 455 -11.27 39.81 2.76
C LEU D 455 -10.65 41.05 2.12
N GLY D 456 -11.21 42.22 2.43
CA GLY D 456 -10.71 43.47 1.88
C GLY D 456 -10.75 44.57 2.92
N VAL D 457 -9.89 45.57 2.70
CA VAL D 457 -9.77 46.71 3.59
C VAL D 457 -10.01 47.98 2.78
N ALA D 458 -10.84 48.87 3.32
CA ALA D 458 -11.18 50.13 2.65
C ALA D 458 -11.54 51.15 3.73
N PRO D 459 -11.14 52.40 3.56
CA PRO D 459 -11.46 53.42 4.56
C PRO D 459 -12.90 53.90 4.44
N THR D 460 -13.49 54.18 5.60
CA THR D 460 -14.86 54.65 5.68
C THR D 460 -14.96 55.67 6.80
N ARG D 461 -15.94 56.58 6.68
CA ARG D 461 -16.16 57.62 7.68
C ARG D 461 -16.67 57.09 9.01
N CYS D 462 -17.17 55.85 9.05
CA CYS D 462 -17.68 55.31 10.30
C CYS D 462 -16.54 55.01 11.27
N LYS D 463 -16.89 54.95 12.55
CA LYS D 463 -15.94 54.69 13.61
C LYS D 463 -16.55 53.74 14.64
N ARG D 464 -15.74 52.86 15.19
CA ARG D 464 -16.22 51.92 16.19
C ARG D 464 -16.56 52.65 17.48
N ARG D 465 -17.66 52.22 18.11
CA ARG D 465 -18.12 52.81 19.36
C ARG D 465 -18.16 51.76 20.45
N VAL D 466 -18.03 52.22 21.70
CA VAL D 466 -18.04 51.34 22.86
C VAL D 466 -19.44 50.80 23.09
N LEU E 9 5.39 40.76 22.07
CA LEU E 9 6.76 40.48 22.47
C LEU E 9 7.23 39.14 21.92
N GLY E 10 6.27 38.27 21.61
CA GLY E 10 6.59 36.96 21.08
C GLY E 10 5.50 35.94 21.31
N PHE E 11 5.44 34.91 20.47
CA PHE E 11 4.43 33.87 20.61
C PHE E 11 4.71 33.03 21.84
N LEU E 12 3.72 32.95 22.75
CA LEU E 12 3.81 32.18 23.99
C LEU E 12 4.95 32.69 24.89
N GLY E 13 5.35 33.95 24.69
CA GLY E 13 6.44 34.52 25.47
C GLY E 13 6.11 34.84 26.90
N ALA E 14 4.84 35.13 27.21
CA ALA E 14 4.42 35.47 28.56
C ALA E 14 3.81 34.29 29.30
N ALA E 15 4.28 33.07 29.01
CA ALA E 15 3.74 31.89 29.69
C ALA E 15 4.07 31.90 31.17
N GLY E 16 5.33 32.13 31.52
CA GLY E 16 5.76 32.17 32.89
C GLY E 16 5.73 33.54 33.55
N SER E 17 5.17 34.53 32.88
CA SER E 17 5.10 35.88 33.42
C SER E 17 3.95 35.97 34.43
N THR E 18 3.62 37.18 34.85
CA THR E 18 2.54 37.37 35.80
C THR E 18 1.19 37.09 35.14
N MET E 19 0.19 36.87 36.00
CA MET E 19 -1.15 36.56 35.52
C MET E 19 -1.76 37.71 34.74
N GLY E 20 -1.64 38.94 35.26
CA GLY E 20 -2.22 40.09 34.60
C GLY E 20 -1.54 40.43 33.29
N ALA E 21 -0.21 40.36 33.25
CA ALA E 21 0.52 40.70 32.03
C ALA E 21 0.25 39.71 30.92
N ALA E 22 0.02 38.43 31.27
CA ALA E 22 -0.24 37.41 30.26
C ALA E 22 -1.60 37.58 29.59
N SER E 23 -2.48 38.40 30.14
CA SER E 23 -3.80 38.61 29.58
C SER E 23 -3.82 39.67 28.48
N ILE E 24 -2.69 40.29 28.18
CA ILE E 24 -2.65 41.31 27.13
C ILE E 24 -2.11 40.76 25.82
N THR E 25 -1.20 39.78 25.88
CA THR E 25 -0.58 39.18 24.71
C THR E 25 -1.39 38.00 24.16
N LEU E 26 -2.69 37.98 24.40
CA LEU E 26 -3.53 36.88 23.92
C LEU E 26 -3.81 36.97 22.43
N THR E 27 -3.79 38.19 21.86
CA THR E 27 -4.09 38.35 20.43
C THR E 27 -3.06 37.66 19.54
N VAL E 28 -1.77 37.78 19.86
CA VAL E 28 -0.75 37.13 19.04
C VAL E 28 -0.81 35.62 19.19
N GLN E 29 -1.14 35.13 20.39
CA GLN E 29 -1.23 33.69 20.61
C GLN E 29 -2.43 33.10 19.87
N ALA E 30 -3.54 33.84 19.80
CA ALA E 30 -4.71 33.34 19.10
C ALA E 30 -4.51 33.29 17.59
N ARG E 31 -3.58 34.09 17.06
CA ARG E 31 -3.31 34.11 15.62
C ARG E 31 -2.53 32.89 15.15
N ASN E 32 -1.53 32.47 15.93
CA ASN E 32 -0.68 31.34 15.59
C ASN E 32 -1.36 29.98 15.77
N LEU E 33 -2.65 29.95 16.16
CA LEU E 33 -3.33 28.68 16.34
C LEU E 33 -3.64 27.97 15.03
N LEU E 34 -3.49 28.64 13.89
CA LEU E 34 -3.76 28.03 12.60
C LEU E 34 -2.83 28.59 11.52
N THR E 58 5.87 10.27 -0.59
CA THR E 58 4.55 9.70 -0.37
C THR E 58 4.24 9.64 1.14
N HIS E 59 5.21 9.12 1.90
CA HIS E 59 5.03 9.01 3.34
C HIS E 59 4.93 10.39 3.99
N TRP E 60 5.79 11.33 3.59
CA TRP E 60 5.72 12.67 4.14
C TRP E 60 4.45 13.39 3.71
N GLY E 61 3.96 13.10 2.50
CA GLY E 61 2.74 13.75 2.05
C GLY E 61 1.53 13.34 2.87
N ILE E 62 1.39 12.04 3.11
CA ILE E 62 0.25 11.56 3.91
C ILE E 62 0.39 12.03 5.35
N LYS E 63 1.62 12.06 5.88
CA LYS E 63 1.78 12.55 7.25
C LYS E 63 1.46 14.04 7.34
N GLN E 64 1.82 14.80 6.30
CA GLN E 64 1.51 16.23 6.28
C GLN E 64 0.02 16.44 6.24
N LEU E 65 -0.70 15.66 5.42
CA LEU E 65 -2.14 15.79 5.35
C LEU E 65 -2.78 15.43 6.68
N GLN E 66 -2.28 14.37 7.33
CA GLN E 66 -2.82 13.97 8.63
C GLN E 66 -2.60 15.06 9.67
N ALA E 67 -1.41 15.64 9.70
CA ALA E 67 -1.11 16.70 10.66
C ALA E 67 -1.96 17.93 10.40
N ARG E 68 -2.18 18.27 9.12
CA ARG E 68 -3.01 19.42 8.79
C ARG E 68 -4.45 19.22 9.23
N VAL E 69 -4.99 18.02 8.98
CA VAL E 69 -6.36 17.73 9.40
C VAL E 69 -6.47 17.76 10.92
N LEU E 70 -5.46 17.22 11.60
CA LEU E 70 -5.47 17.23 13.06
C LEU E 70 -5.41 18.65 13.60
N ALA E 71 -4.63 19.51 12.96
CA ALA E 71 -4.55 20.91 13.39
C ALA E 71 -5.89 21.61 13.20
N VAL E 72 -6.55 21.36 12.07
CA VAL E 72 -7.86 21.96 11.82
C VAL E 72 -8.85 21.50 12.88
N GLU E 73 -8.85 20.20 13.19
CA GLU E 73 -9.75 19.67 14.21
C GLU E 73 -9.46 20.28 15.58
N HIS E 74 -8.16 20.43 15.89
CA HIS E 74 -7.78 21.00 17.18
C HIS E 74 -8.27 22.44 17.32
N TYR E 75 -8.17 23.23 16.25
CA TYR E 75 -8.64 24.60 16.34
C TYR E 75 -10.17 24.65 16.44
N LEU E 76 -10.86 23.81 15.65
CA LEU E 76 -12.32 23.80 15.69
C LEU E 76 -12.86 23.33 17.03
N ARG E 77 -12.13 22.42 17.69
CA ARG E 77 -12.57 21.91 18.99
C ARG E 77 -12.73 23.02 20.02
N ASP E 78 -11.79 23.95 20.06
CA ASP E 78 -11.89 25.06 20.99
C ASP E 78 -12.76 26.19 20.46
N GLN E 79 -12.78 26.39 19.13
CA GLN E 79 -13.62 27.45 18.59
C GLN E 79 -15.09 27.16 18.82
N GLN E 80 -15.50 25.89 18.72
CA GLN E 80 -16.89 25.52 18.94
C GLN E 80 -17.29 25.81 20.39
N LEU E 81 -16.43 25.47 21.33
CA LEU E 81 -16.72 25.72 22.74
C LEU E 81 -16.78 27.21 23.03
N LEU E 82 -15.88 27.99 22.41
CA LEU E 82 -15.91 29.43 22.64
C LEU E 82 -17.17 30.07 22.07
N GLY E 83 -17.58 29.67 20.86
CA GLY E 83 -18.77 30.24 20.26
C GLY E 83 -20.07 29.72 20.82
N ILE E 84 -20.05 28.56 21.46
CA ILE E 84 -21.30 28.01 22.00
C ILE E 84 -21.64 28.64 23.35
N TRP E 85 -20.70 29.35 23.96
CA TRP E 85 -20.93 30.01 25.24
C TRP E 85 -21.45 31.43 25.10
N GLY E 86 -21.74 31.88 23.88
CA GLY E 86 -22.21 33.22 23.65
C GLY E 86 -21.12 34.26 23.59
N CYS E 87 -19.86 33.87 23.74
CA CYS E 87 -18.72 34.77 23.69
C CYS E 87 -17.91 34.60 22.39
N SER E 88 -18.59 34.36 21.29
CA SER E 88 -17.91 34.18 20.00
C SER E 88 -17.25 35.48 19.56
N GLY E 89 -16.01 35.36 19.08
CA GLY E 89 -15.27 36.53 18.64
C GLY E 89 -14.88 37.46 19.76
N LYS E 90 -14.83 36.96 20.99
CA LYS E 90 -14.45 37.74 22.16
C LYS E 90 -13.30 37.06 22.86
N LEU E 91 -12.20 37.80 23.05
CA LEU E 91 -11.04 37.23 23.72
C LEU E 91 -11.29 37.09 25.22
N ILE E 92 -11.92 38.08 25.83
CA ILE E 92 -12.24 38.08 27.26
C ILE E 92 -13.75 38.19 27.39
N CYS E 93 -14.35 37.25 28.11
CA CYS E 93 -15.78 37.24 28.29
C CYS E 93 -16.13 36.68 29.67
N CYS E 94 -17.28 37.11 30.18
CA CYS E 94 -17.77 36.68 31.48
C CYS E 94 -19.24 36.29 31.36
N THR E 95 -19.63 35.28 32.14
CA THR E 95 -20.99 34.77 32.13
C THR E 95 -21.65 35.04 33.48
N ASN E 96 -22.88 34.53 33.64
CA ASN E 96 -23.66 34.71 34.86
C ASN E 96 -23.44 33.58 35.87
N VAL E 97 -22.62 32.59 35.55
CA VAL E 97 -22.38 31.49 36.48
C VAL E 97 -21.53 31.99 37.65
N PRO E 98 -22.00 31.87 38.88
CA PRO E 98 -21.20 32.33 40.03
C PRO E 98 -20.08 31.36 40.36
N TRP E 99 -18.96 31.93 40.81
CA TRP E 99 -17.82 31.11 41.18
C TRP E 99 -18.10 30.35 42.46
N ASN E 100 -17.73 29.07 42.47
CA ASN E 100 -17.93 28.20 43.62
C ASN E 100 -16.62 28.13 44.41
N SER E 101 -16.73 28.31 45.73
CA SER E 101 -15.56 28.26 46.58
C SER E 101 -14.95 26.87 46.67
N SER E 102 -15.72 25.82 46.36
CA SER E 102 -15.19 24.47 46.42
C SER E 102 -14.08 24.26 45.39
N TRP E 103 -14.16 24.98 44.26
CA TRP E 103 -13.13 24.84 43.23
C TRP E 103 -11.81 25.46 43.68
N SER E 104 -11.87 26.61 44.36
CA SER E 104 -10.68 27.30 44.82
C SER E 104 -11.05 28.23 45.96
N ASN E 105 -10.16 28.35 46.94
CA ASN E 105 -10.37 29.20 48.10
C ASN E 105 -9.35 30.33 48.21
N LYS E 106 -8.42 30.44 47.27
CA LYS E 106 -7.42 31.50 47.34
C LYS E 106 -8.03 32.86 47.01
N SER E 107 -7.40 33.91 47.52
CA SER E 107 -7.87 35.28 47.33
C SER E 107 -7.75 35.69 45.86
N LEU E 108 -8.52 36.71 45.50
CA LEU E 108 -8.51 37.23 44.13
C LEU E 108 -7.26 38.07 43.85
N ASP E 109 -6.74 38.78 44.84
CA ASP E 109 -5.56 39.61 44.63
C ASP E 109 -4.34 38.78 44.23
N GLU E 110 -4.12 37.65 44.91
CA GLU E 110 -2.98 36.82 44.56
C GLU E 110 -3.20 36.11 43.24
N ILE E 111 -4.46 35.97 42.82
CA ILE E 111 -4.75 35.32 41.54
C ILE E 111 -4.26 36.18 40.38
N TRP E 112 -4.55 37.49 40.42
CA TRP E 112 -4.15 38.39 39.35
C TRP E 112 -2.85 39.13 39.60
N ASN E 113 -2.20 38.92 40.74
CA ASN E 113 -0.96 39.63 41.01
C ASN E 113 0.22 38.72 41.36
N ASN E 114 -0.02 37.56 41.95
CA ASN E 114 1.05 36.64 42.34
C ASN E 114 0.69 35.21 41.90
N MET E 115 0.33 35.07 40.62
CA MET E 115 -0.02 33.73 40.16
C MET E 115 0.32 33.64 38.67
N THR E 116 0.46 32.40 38.20
CA THR E 116 0.79 32.11 36.80
C THR E 116 -0.20 31.07 36.30
N TRP E 117 -0.56 31.17 35.02
CA TRP E 117 -1.53 30.26 34.41
C TRP E 117 -1.11 28.79 34.49
N LEU E 118 0.19 28.50 34.37
CA LEU E 118 0.65 27.12 34.39
C LEU E 118 0.29 26.40 35.69
N GLN E 119 0.64 26.98 36.83
CA GLN E 119 0.33 26.34 38.11
C GLN E 119 -1.14 26.51 38.50
N TRP E 120 -1.90 27.33 37.79
CA TRP E 120 -3.32 27.54 38.06
C TRP E 120 -4.22 26.59 37.31
N ASP E 121 -3.83 26.20 36.10
CA ASP E 121 -4.62 25.28 35.28
C ASP E 121 -4.64 23.89 35.91
N LYS E 122 -3.61 23.53 36.68
CA LYS E 122 -3.52 22.21 37.30
C LYS E 122 -4.71 21.87 38.18
N GLU E 123 -5.10 22.78 39.08
CA GLU E 123 -6.22 22.48 39.98
C GLU E 123 -7.58 22.57 39.30
N ILE E 124 -7.70 23.34 38.22
CA ILE E 124 -8.99 23.48 37.53
C ILE E 124 -9.32 22.28 36.64
N ASN E 125 -8.34 21.42 36.37
CA ASN E 125 -8.58 20.25 35.52
C ASN E 125 -9.60 19.28 36.11
N ASN E 126 -9.79 19.32 37.43
CA ASN E 126 -10.75 18.40 38.05
C ASN E 126 -12.20 18.86 37.93
N TYR E 127 -12.44 20.17 37.77
CA TYR E 127 -13.80 20.68 37.68
C TYR E 127 -14.05 21.56 36.46
N THR E 128 -13.21 21.48 35.43
CA THR E 128 -13.41 22.33 34.25
C THR E 128 -14.63 21.91 33.43
N GLN E 129 -14.89 20.60 33.36
CA GLN E 129 -16.04 20.12 32.58
C GLN E 129 -17.36 20.58 33.21
N LEU E 130 -17.44 20.56 34.55
CA LEU E 130 -18.65 20.99 35.22
C LEU E 130 -18.88 22.48 34.98
N ILE E 131 -17.80 23.28 35.00
CA ILE E 131 -17.92 24.70 34.75
C ILE E 131 -18.41 24.94 33.33
N TYR E 132 -17.89 24.17 32.37
CA TYR E 132 -18.34 24.31 30.99
C TYR E 132 -19.82 23.99 30.86
N ARG E 133 -20.28 22.92 31.52
CA ARG E 133 -21.69 22.55 31.46
C ARG E 133 -22.57 23.63 32.08
N LEU E 134 -22.12 24.21 33.20
CA LEU E 134 -22.89 25.29 33.83
C LEU E 134 -22.98 26.50 32.91
N ILE E 135 -21.88 26.83 32.22
CA ILE E 135 -21.90 27.95 31.30
C ILE E 135 -22.86 27.67 30.15
N GLU E 136 -22.88 26.42 29.68
CA GLU E 136 -23.78 26.05 28.58
C GLU E 136 -25.24 26.24 29.00
N GLU E 137 -25.60 25.72 30.17
CA GLU E 137 -26.98 25.85 30.65
C GLU E 137 -27.35 27.31 30.88
N SER E 138 -26.44 28.09 31.47
CA SER E 138 -26.71 29.50 31.72
C SER E 138 -26.92 30.25 30.41
N GLN E 139 -26.08 29.97 29.40
CA GLN E 139 -26.22 30.63 28.12
C GLN E 139 -27.55 30.30 27.46
N ASN E 140 -27.94 29.02 27.51
CA ASN E 140 -29.20 28.62 26.90
C ASN E 140 -30.39 29.30 27.57
N GLN E 141 -30.44 29.27 28.91
CA GLN E 141 -31.56 29.89 29.62
C GLN E 141 -31.56 31.40 29.44
N GLN E 142 -30.38 32.04 29.42
CA GLN E 142 -30.31 33.47 29.24
C GLN E 142 -30.79 33.89 27.86
N GLU E 143 -30.38 33.16 26.82
CA GLU E 143 -30.82 33.50 25.47
C GLU E 143 -32.31 33.26 25.31
N LYS E 144 -32.84 32.19 25.93
CA LYS E 144 -34.27 31.93 25.84
C LYS E 144 -35.06 33.04 26.52
N ASN E 145 -34.59 33.50 27.68
CA ASN E 145 -35.28 34.58 28.38
C ASN E 145 -35.20 35.88 27.58
N GLU E 146 -34.05 36.13 26.94
CA GLU E 146 -33.90 37.34 26.14
C GLU E 146 -34.86 37.32 24.95
N LYS E 147 -35.02 36.17 24.32
CA LYS E 147 -35.95 36.08 23.19
C LYS E 147 -37.39 36.20 23.68
N GLU E 148 -37.69 35.61 24.83
CA GLU E 148 -39.04 35.68 25.38
C GLU E 148 -39.39 37.09 25.82
N LEU E 149 -38.39 37.93 26.09
CA LEU E 149 -38.66 39.31 26.50
C LEU E 149 -39.42 40.08 25.44
N LEU E 150 -39.12 39.85 24.17
CA LEU E 150 -39.82 40.54 23.08
C LEU E 150 -41.14 39.85 22.76
N LEU F 9 -28.15 38.01 -8.54
CA LEU F 9 -27.34 38.20 -9.74
C LEU F 9 -26.58 36.91 -10.01
N GLY F 10 -25.55 36.65 -9.23
CA GLY F 10 -24.74 35.45 -9.40
C GLY F 10 -23.49 35.53 -8.55
N PHE F 11 -22.78 34.40 -8.53
CA PHE F 11 -21.54 34.31 -7.77
C PHE F 11 -20.43 35.05 -8.48
N LEU F 12 -19.77 35.96 -7.76
CA LEU F 12 -18.65 36.76 -8.28
C LEU F 12 -19.08 37.60 -9.49
N GLY F 13 -20.39 37.88 -9.60
CA GLY F 13 -20.89 38.65 -10.73
C GLY F 13 -20.61 40.14 -10.66
N ALA F 14 -20.36 40.67 -9.46
CA ALA F 14 -20.09 42.09 -9.29
C ALA F 14 -18.60 42.38 -9.08
N ALA F 15 -17.72 41.56 -9.64
CA ALA F 15 -16.29 41.78 -9.46
C ALA F 15 -15.83 43.06 -10.12
N GLY F 16 -16.31 43.33 -11.33
CA GLY F 16 -15.94 44.53 -12.04
C GLY F 16 -16.80 45.75 -11.76
N SER F 17 -17.85 45.60 -10.96
CA SER F 17 -18.73 46.70 -10.64
C SER F 17 -18.06 47.67 -9.66
N THR F 18 -18.73 48.80 -9.43
CA THR F 18 -18.24 49.83 -8.53
C THR F 18 -18.18 49.28 -7.10
N MET F 19 -17.14 49.70 -6.37
CA MET F 19 -16.94 49.27 -4.98
C MET F 19 -18.19 49.50 -4.14
N GLY F 20 -18.84 50.65 -4.31
CA GLY F 20 -20.06 50.92 -3.55
C GLY F 20 -21.19 49.99 -3.94
N ALA F 21 -21.32 49.72 -5.24
CA ALA F 21 -22.39 48.84 -5.70
C ALA F 21 -22.06 47.37 -5.41
N ALA F 22 -20.77 47.02 -5.41
CA ALA F 22 -20.38 45.64 -5.15
C ALA F 22 -20.61 45.25 -3.70
N SER F 23 -20.67 46.23 -2.80
CA SER F 23 -20.89 45.94 -1.39
C SER F 23 -22.32 45.52 -1.09
N ILE F 24 -23.23 45.64 -2.07
CA ILE F 24 -24.62 45.27 -1.88
C ILE F 24 -24.86 43.78 -2.09
N THR F 25 -23.93 43.06 -2.69
CA THR F 25 -24.09 41.63 -2.94
C THR F 25 -22.89 40.83 -2.45
N LEU F 26 -22.39 41.17 -1.25
CA LEU F 26 -21.26 40.45 -0.69
C LEU F 26 -21.65 39.09 -0.13
N THR F 27 -22.93 38.94 0.26
CA THR F 27 -23.39 37.67 0.82
C THR F 27 -23.35 36.53 -0.20
N VAL F 28 -23.44 36.85 -1.49
CA VAL F 28 -23.41 35.78 -2.49
C VAL F 28 -21.98 35.30 -2.69
N GLN F 29 -20.99 36.15 -2.40
CA GLN F 29 -19.60 35.74 -2.52
C GLN F 29 -19.12 35.04 -1.25
N ALA F 30 -19.61 35.49 -0.09
CA ALA F 30 -19.20 34.87 1.16
C ALA F 30 -19.85 33.51 1.40
N ARG F 31 -21.08 33.31 0.89
CA ARG F 31 -21.77 32.04 1.11
C ARG F 31 -21.23 30.92 0.23
N ASN F 32 -20.75 31.23 -0.97
CA ASN F 32 -20.25 30.22 -1.90
C ASN F 32 -18.78 29.86 -1.66
N LEU F 33 -18.27 30.07 -0.46
CA LEU F 33 -16.87 29.73 -0.17
C LEU F 33 -16.69 28.25 0.14
N LEU F 34 -17.77 27.48 0.25
CA LEU F 34 -17.67 26.05 0.54
C LEU F 34 -18.70 25.28 -0.27
N THR F 58 -8.21 5.15 -8.19
CA THR F 58 -8.20 5.56 -6.80
C THR F 58 -7.44 6.88 -6.63
N HIS F 59 -6.83 7.35 -7.71
CA HIS F 59 -6.08 8.60 -7.67
C HIS F 59 -7.02 9.79 -7.45
N TRP F 60 -8.19 9.76 -8.09
CA TRP F 60 -9.13 10.87 -7.92
C TRP F 60 -9.66 10.94 -6.49
N GLY F 61 -9.69 9.82 -5.78
CA GLY F 61 -10.17 9.86 -4.40
C GLY F 61 -9.25 10.68 -3.51
N ILE F 62 -7.95 10.37 -3.54
CA ILE F 62 -7.00 11.12 -2.73
C ILE F 62 -6.89 12.56 -3.24
N LYS F 63 -7.01 12.75 -4.55
CA LYS F 63 -6.95 14.11 -5.10
C LYS F 63 -8.12 14.95 -4.59
N GLN F 64 -9.32 14.39 -4.59
CA GLN F 64 -10.50 15.09 -4.11
C GLN F 64 -10.40 15.33 -2.61
N LEU F 65 -9.82 14.37 -1.87
CA LEU F 65 -9.67 14.54 -0.43
C LEU F 65 -8.74 15.71 -0.13
N GLN F 66 -7.62 15.80 -0.86
CA GLN F 66 -6.69 16.89 -0.67
C GLN F 66 -7.32 18.22 -1.08
N ALA F 67 -8.09 18.23 -2.16
CA ALA F 67 -8.75 19.45 -2.58
C ALA F 67 -9.76 19.93 -1.54
N ARG F 68 -10.53 19.00 -0.97
CA ARG F 68 -11.52 19.37 0.04
C ARG F 68 -10.86 19.91 1.30
N VAL F 69 -9.80 19.24 1.78
CA VAL F 69 -9.14 19.76 2.98
C VAL F 69 -8.49 21.10 2.69
N LEU F 70 -7.97 21.29 1.47
CA LEU F 70 -7.37 22.58 1.12
C LEU F 70 -8.43 23.68 1.10
N ALA F 71 -9.63 23.35 0.60
CA ALA F 71 -10.72 24.33 0.57
C ALA F 71 -11.12 24.72 1.99
N VAL F 72 -11.25 23.73 2.88
CA VAL F 72 -11.61 24.02 4.26
C VAL F 72 -10.53 24.88 4.92
N GLU F 73 -9.26 24.57 4.64
CA GLU F 73 -8.16 25.36 5.18
C GLU F 73 -8.22 26.79 4.68
N HIS F 74 -8.50 26.98 3.40
CA HIS F 74 -8.58 28.32 2.82
C HIS F 74 -9.71 29.12 3.46
N TYR F 75 -10.86 28.48 3.69
CA TYR F 75 -11.98 29.19 4.30
C TYR F 75 -11.64 29.57 5.74
N LEU F 76 -11.07 28.63 6.50
CA LEU F 76 -10.72 28.93 7.89
C LEU F 76 -9.61 29.97 8.01
N ARG F 77 -8.72 30.05 7.02
CA ARG F 77 -7.63 31.02 7.07
C ARG F 77 -8.17 32.45 7.17
N ASP F 78 -9.30 32.71 6.53
CA ASP F 78 -9.91 34.03 6.57
C ASP F 78 -10.93 34.15 7.70
N GLN F 79 -11.66 33.05 7.99
CA GLN F 79 -12.66 33.10 9.06
C GLN F 79 -12.00 33.32 10.43
N GLN F 80 -10.89 32.61 10.70
CA GLN F 80 -10.21 32.77 11.97
C GLN F 80 -9.57 34.15 12.09
N LEU F 81 -9.01 34.64 10.98
CA LEU F 81 -8.38 35.96 10.99
C LEU F 81 -9.42 37.06 11.23
N LEU F 82 -10.62 36.90 10.65
CA LEU F 82 -11.66 37.91 10.86
C LEU F 82 -12.30 37.77 12.24
N GLY F 83 -12.29 36.57 12.81
CA GLY F 83 -12.91 36.38 14.10
C GLY F 83 -12.21 37.10 15.25
N ILE F 84 -10.87 37.09 15.24
CA ILE F 84 -10.11 37.75 16.30
C ILE F 84 -10.14 39.27 16.21
N TRP F 85 -10.68 39.83 15.12
CA TRP F 85 -10.76 41.28 14.97
C TRP F 85 -11.99 41.87 15.64
N GLY F 86 -12.82 41.04 16.28
CA GLY F 86 -14.03 41.52 16.92
C GLY F 86 -15.19 41.70 15.98
N CYS F 87 -15.03 41.37 14.71
CA CYS F 87 -16.08 41.50 13.70
C CYS F 87 -16.54 40.14 13.19
N SER F 88 -16.59 39.15 14.06
CA SER F 88 -17.01 37.82 13.66
C SER F 88 -18.50 37.81 13.34
N GLY F 89 -18.85 37.22 12.20
CA GLY F 89 -20.23 37.14 11.77
C GLY F 89 -20.79 38.42 11.20
N LYS F 90 -19.96 39.44 10.97
CA LYS F 90 -20.40 40.72 10.43
C LYS F 90 -19.75 40.94 9.07
N LEU F 91 -20.58 41.20 8.05
CA LEU F 91 -20.03 41.44 6.72
C LEU F 91 -19.36 42.81 6.64
N ILE F 92 -19.90 43.79 7.35
CA ILE F 92 -19.37 45.14 7.38
C ILE F 92 -19.00 45.46 8.83
N CYS F 93 -17.79 45.98 9.04
CA CYS F 93 -17.35 46.30 10.39
C CYS F 93 -16.47 47.54 10.38
N CYS F 94 -16.64 48.39 11.39
CA CYS F 94 -15.86 49.60 11.53
C CYS F 94 -14.87 49.42 12.67
N THR F 95 -13.61 49.75 12.43
CA THR F 95 -12.56 49.60 13.42
C THR F 95 -12.12 50.97 13.92
N ASN F 96 -11.37 50.95 15.02
CA ASN F 96 -10.86 52.16 15.65
C ASN F 96 -9.55 52.63 15.03
N VAL F 97 -8.92 51.82 14.20
CA VAL F 97 -7.65 52.21 13.57
C VAL F 97 -7.90 53.35 12.58
N PRO F 98 -7.21 54.47 12.70
CA PRO F 98 -7.44 55.59 11.78
C PRO F 98 -6.67 55.42 10.48
N TRP F 99 -7.31 55.84 9.38
CA TRP F 99 -6.69 55.75 8.07
C TRP F 99 -5.62 56.82 7.92
N ASN F 100 -4.58 56.50 7.14
CA ASN F 100 -3.48 57.42 6.91
C ASN F 100 -3.32 57.66 5.42
N SER F 101 -2.97 58.90 5.07
CA SER F 101 -2.79 59.26 3.66
C SER F 101 -1.53 58.64 3.06
N SER F 102 -0.61 58.15 3.88
CA SER F 102 0.60 57.53 3.37
C SER F 102 0.28 56.26 2.60
N TRP F 103 -0.66 55.47 3.11
CA TRP F 103 -1.06 54.24 2.43
C TRP F 103 -1.73 54.54 1.10
N SER F 104 -2.61 55.55 1.09
CA SER F 104 -3.33 55.95 -0.11
C SER F 104 -3.93 57.34 0.09
N ASN F 105 -3.60 58.27 -0.81
CA ASN F 105 -4.11 59.63 -0.74
C ASN F 105 -5.37 59.84 -1.58
N LYS F 106 -5.92 58.75 -2.14
CA LYS F 106 -7.11 58.84 -2.95
C LYS F 106 -8.32 59.25 -2.12
N SER F 107 -9.19 60.07 -2.71
CA SER F 107 -10.39 60.53 -2.03
C SER F 107 -11.48 59.47 -2.10
N LEU F 108 -12.34 59.46 -1.07
CA LEU F 108 -13.43 58.49 -1.00
C LEU F 108 -14.44 58.64 -2.13
N ASP F 109 -14.55 59.83 -2.73
CA ASP F 109 -15.50 60.05 -3.81
C ASP F 109 -15.25 59.11 -4.98
N GLU F 110 -14.06 59.20 -5.59
CA GLU F 110 -13.75 58.33 -6.71
C GLU F 110 -13.65 56.87 -6.29
N ILE F 111 -13.29 56.62 -5.03
CA ILE F 111 -13.18 55.24 -4.54
C ILE F 111 -14.54 54.56 -4.52
N TRP F 112 -15.56 55.24 -4.02
CA TRP F 112 -16.90 54.65 -3.94
C TRP F 112 -17.80 54.99 -5.10
N ASN F 113 -17.34 55.75 -6.10
CA ASN F 113 -18.21 56.07 -7.23
C ASN F 113 -17.86 55.31 -8.50
N ASN F 114 -16.57 55.21 -8.86
CA ASN F 114 -16.21 54.50 -10.08
C ASN F 114 -15.03 53.55 -9.95
N MET F 115 -14.36 53.52 -8.80
CA MET F 115 -13.20 52.66 -8.60
C MET F 115 -13.69 51.22 -8.39
N THR F 116 -12.87 50.26 -8.83
CA THR F 116 -13.22 48.86 -8.71
C THR F 116 -12.38 48.17 -7.63
N TRP F 117 -12.94 47.08 -7.09
CA TRP F 117 -12.26 46.31 -6.04
C TRP F 117 -10.98 45.66 -6.56
N LEU F 118 -10.99 45.17 -7.81
CA LEU F 118 -9.79 44.54 -8.37
C LEU F 118 -8.64 45.54 -8.41
N GLN F 119 -8.88 46.73 -8.94
CA GLN F 119 -7.84 47.74 -8.99
C GLN F 119 -7.50 48.24 -7.59
N TRP F 120 -8.49 48.22 -6.68
CA TRP F 120 -8.26 48.65 -5.31
C TRP F 120 -7.25 47.74 -4.63
N ASP F 121 -7.39 46.42 -4.84
CA ASP F 121 -6.44 45.48 -4.28
C ASP F 121 -5.11 45.54 -5.04
N LYS F 122 -5.18 45.87 -6.33
CA LYS F 122 -3.99 45.98 -7.16
C LYS F 122 -3.14 47.20 -6.78
N GLU F 123 -3.75 48.19 -6.10
CA GLU F 123 -3.03 49.39 -5.70
C GLU F 123 -2.38 49.27 -4.32
N ILE F 124 -2.94 48.46 -3.43
CA ILE F 124 -2.43 48.29 -2.08
C ILE F 124 -1.95 46.85 -1.87
N ASN F 125 -1.31 46.28 -2.89
CA ASN F 125 -0.82 44.90 -2.81
C ASN F 125 0.07 44.67 -1.59
N ASN F 126 0.99 45.60 -1.33
CA ASN F 126 1.90 45.46 -0.19
C ASN F 126 1.52 46.40 0.94
N TYR F 127 2.30 46.32 2.02
CA TYR F 127 2.15 47.08 3.28
C TYR F 127 0.73 47.00 3.85
N THR F 128 0.03 45.91 3.54
CA THR F 128 -1.33 45.68 4.01
C THR F 128 -1.35 44.81 5.27
N GLN F 129 -0.36 43.92 5.41
CA GLN F 129 -0.29 43.03 6.56
C GLN F 129 -0.20 43.79 7.88
N LEU F 130 0.42 44.97 7.88
CA LEU F 130 0.54 45.76 9.10
C LEU F 130 -0.81 46.23 9.60
N ILE F 131 -1.75 46.49 8.67
CA ILE F 131 -3.08 46.95 9.05
C ILE F 131 -3.76 45.91 9.94
N TYR F 132 -3.57 44.63 9.60
CA TYR F 132 -4.15 43.55 10.40
C TYR F 132 -3.59 43.57 11.82
N ARG F 133 -2.28 43.80 11.94
CA ARG F 133 -1.66 43.85 13.26
C ARG F 133 -2.22 45.00 14.08
N LEU F 134 -2.40 46.17 13.44
CA LEU F 134 -2.97 47.31 14.15
C LEU F 134 -4.39 47.01 14.61
N ILE F 135 -5.18 46.36 13.75
CA ILE F 135 -6.55 46.02 14.11
C ILE F 135 -6.57 45.04 15.27
N GLU F 136 -5.70 44.03 15.25
CA GLU F 136 -5.66 43.04 16.33
C GLU F 136 -5.28 43.69 17.66
N GLU F 137 -4.24 44.53 17.66
CA GLU F 137 -3.82 45.17 18.89
C GLU F 137 -4.89 46.11 19.41
N SER F 138 -5.52 46.89 18.53
CA SER F 138 -6.56 47.81 18.96
C SER F 138 -7.75 47.05 19.52
N GLN F 139 -8.15 45.94 18.89
CA GLN F 139 -9.28 45.16 19.37
C GLN F 139 -8.98 44.56 20.74
N ASN F 140 -7.76 44.04 20.94
CA ASN F 140 -7.41 43.47 22.24
C ASN F 140 -7.41 44.53 23.32
N GLN F 141 -6.86 45.71 23.01
CA GLN F 141 -6.84 46.80 23.99
C GLN F 141 -8.26 47.27 24.30
N GLN F 142 -9.12 47.31 23.29
CA GLN F 142 -10.50 47.71 23.51
C GLN F 142 -11.22 46.70 24.38
N GLU F 143 -10.95 45.41 24.18
CA GLU F 143 -11.57 44.38 25.00
C GLU F 143 -11.13 44.52 26.46
N LYS F 144 -9.83 44.78 26.67
CA LYS F 144 -9.34 44.95 28.03
C LYS F 144 -9.96 46.18 28.69
N ASN F 145 -10.10 47.26 27.91
CA ASN F 145 -10.71 48.48 28.45
C ASN F 145 -12.18 48.24 28.79
N GLU F 146 -12.88 47.46 27.96
CA GLU F 146 -14.28 47.15 28.22
C GLU F 146 -14.40 46.32 29.48
N LYS F 147 -13.48 45.38 29.67
CA LYS F 147 -13.50 44.55 30.87
C LYS F 147 -13.25 45.41 32.11
N GLU F 148 -12.32 46.35 32.01
CA GLU F 148 -12.02 47.23 33.15
C GLU F 148 -13.19 48.14 33.46
N LEU F 149 -13.88 48.62 32.42
CA LEU F 149 -15.02 49.51 32.63
C LEU F 149 -16.17 48.79 33.32
N LEU F 150 -16.43 47.54 32.94
CA LEU F 150 -17.50 46.76 33.54
C LEU F 150 -17.05 46.09 34.82
N GLU G 1 10.79 -59.15 2.75
CA GLU G 1 11.86 -58.54 1.98
C GLU G 1 11.39 -58.18 0.57
N VAL G 2 12.20 -57.39 -0.13
CA VAL G 2 11.85 -56.98 -1.48
C VAL G 2 12.14 -58.13 -2.45
N GLN G 3 11.14 -58.47 -3.25
CA GLN G 3 11.25 -59.55 -4.24
C GLN G 3 11.76 -58.96 -5.55
N LEU G 4 12.82 -59.55 -6.10
CA LEU G 4 13.41 -59.10 -7.34
C LEU G 4 13.95 -60.29 -8.11
N VAL G 5 13.41 -60.52 -9.30
CA VAL G 5 13.82 -61.64 -10.15
C VAL G 5 14.10 -61.12 -11.55
N GLU G 6 14.88 -61.91 -12.29
CA GLU G 6 15.26 -61.58 -13.66
C GLU G 6 15.29 -62.86 -14.48
N SER G 7 15.08 -62.72 -15.78
CA SER G 7 15.09 -63.85 -16.70
C SER G 7 15.34 -63.35 -18.11
N GLY G 8 15.35 -64.29 -19.06
CA GLY G 8 15.56 -63.98 -20.45
C GLY G 8 16.92 -64.36 -21.00
N GLY G 9 17.84 -64.83 -20.15
CA GLY G 9 19.15 -65.21 -20.63
C GLY G 9 19.14 -66.53 -21.37
N GLY G 10 20.18 -66.72 -22.17
CA GLY G 10 20.31 -67.94 -22.94
C GLY G 10 21.52 -67.87 -23.84
N LEU G 11 21.69 -68.94 -24.62
CA LEU G 11 22.82 -69.02 -25.55
C LEU G 11 22.64 -68.00 -26.68
N ALA G 12 23.77 -67.48 -27.16
CA ALA G 12 23.76 -66.50 -28.23
C ALA G 12 25.03 -66.64 -29.07
N LYS G 13 24.99 -66.04 -30.25
CA LYS G 13 26.05 -65.99 -31.24
C LYS G 13 26.78 -64.65 -31.15
N PRO G 14 28.11 -64.65 -31.25
CA PRO G 14 28.86 -63.39 -31.17
C PRO G 14 28.45 -62.44 -32.30
N GLY G 15 28.34 -61.16 -31.95
CA GLY G 15 27.94 -60.15 -32.91
C GLY G 15 26.45 -60.04 -33.12
N GLY G 16 25.65 -60.83 -32.41
CA GLY G 16 24.21 -60.79 -32.56
C GLY G 16 23.53 -59.87 -31.56
N SER G 17 22.39 -60.30 -31.02
CA SER G 17 21.67 -59.49 -30.05
C SER G 17 20.91 -60.40 -29.09
N LEU G 18 20.57 -59.84 -27.93
CA LEU G 18 19.82 -60.56 -26.90
C LEU G 18 19.16 -59.54 -26.00
N ARG G 19 18.01 -59.91 -25.45
CA ARG G 19 17.24 -59.04 -24.56
C ARG G 19 17.02 -59.72 -23.22
N LEU G 20 17.20 -58.94 -22.15
CA LEU G 20 17.02 -59.40 -20.78
C LEU G 20 15.86 -58.66 -20.13
N SER G 21 15.24 -59.30 -19.14
CA SER G 21 14.12 -58.72 -18.42
C SER G 21 14.27 -58.97 -16.93
N CYS G 22 13.94 -57.94 -16.13
CA CYS G 22 14.01 -58.02 -14.68
C CYS G 22 12.65 -57.61 -14.13
N ALA G 23 12.14 -58.39 -13.17
CA ALA G 23 10.85 -58.14 -12.57
C ALA G 23 11.04 -57.71 -11.11
N ALA G 24 10.24 -56.74 -10.68
CA ALA G 24 10.30 -56.21 -9.33
C ALA G 24 8.90 -56.17 -8.72
N SER G 25 8.84 -56.36 -7.41
CA SER G 25 7.58 -56.35 -6.69
C SER G 25 7.85 -56.09 -5.21
N GLY G 26 6.79 -55.71 -4.50
CA GLY G 26 6.89 -55.43 -3.08
C GLY G 26 7.33 -54.03 -2.72
N PHE G 27 7.52 -53.14 -3.69
CA PHE G 27 7.94 -51.78 -3.41
C PHE G 27 7.52 -50.89 -4.57
N THR G 28 7.63 -49.58 -4.36
CA THR G 28 7.30 -48.60 -5.38
C THR G 28 8.42 -48.60 -6.42
N PHE G 29 8.21 -49.33 -7.51
CA PHE G 29 9.22 -49.42 -8.56
C PHE G 29 9.46 -48.09 -9.24
N SER G 30 8.49 -47.19 -9.24
CA SER G 30 8.63 -45.88 -9.86
C SER G 30 9.28 -44.85 -8.96
N SER G 31 10.01 -45.29 -7.93
CA SER G 31 10.67 -44.36 -7.02
C SER G 31 12.08 -44.79 -6.63
N TYR G 32 12.70 -45.68 -7.40
CA TYR G 32 14.04 -46.13 -7.09
C TYR G 32 14.83 -46.37 -8.37
N TRP G 33 16.13 -46.08 -8.33
CA TRP G 33 16.99 -46.29 -9.47
C TRP G 33 17.28 -47.77 -9.64
N MET G 34 17.59 -48.16 -10.87
CA MET G 34 17.89 -49.54 -11.20
C MET G 34 19.26 -49.62 -11.85
N ASN G 35 20.02 -50.66 -11.51
CA ASN G 35 21.37 -50.84 -12.04
C ASN G 35 21.57 -52.28 -12.48
N TRP G 36 22.50 -52.46 -13.41
CA TRP G 36 22.86 -53.77 -13.95
C TRP G 36 24.36 -53.98 -13.77
N VAL G 37 24.72 -55.17 -13.26
CA VAL G 37 26.12 -55.52 -13.02
C VAL G 37 26.37 -56.91 -13.57
N ARG G 38 27.66 -57.24 -13.72
CA ARG G 38 28.08 -58.53 -14.24
C ARG G 38 29.12 -59.13 -13.29
N GLN G 39 29.23 -60.47 -13.34
CA GLN G 39 30.19 -61.20 -12.50
C GLN G 39 30.91 -62.21 -13.39
N THR G 40 32.12 -61.86 -13.80
CA THR G 40 32.94 -62.72 -14.63
C THR G 40 33.69 -63.71 -13.74
N PRO G 41 34.06 -64.88 -14.27
CA PRO G 41 34.81 -65.84 -13.45
C PRO G 41 36.20 -65.33 -13.14
N GLY G 42 36.51 -65.25 -11.85
CA GLY G 42 37.81 -64.77 -11.41
C GLY G 42 37.82 -63.28 -11.13
N LYS G 43 37.58 -62.47 -12.15
CA LYS G 43 37.57 -61.03 -12.00
C LYS G 43 36.33 -60.60 -11.22
N GLY G 44 36.49 -59.56 -10.41
CA GLY G 44 35.41 -59.04 -9.59
C GLY G 44 34.23 -58.50 -10.38
N LEU G 45 33.27 -57.97 -9.63
CA LEU G 45 32.06 -57.41 -10.21
C LEU G 45 32.36 -56.09 -10.91
N GLU G 46 31.70 -55.87 -12.05
CA GLU G 46 31.86 -54.65 -12.83
C GLU G 46 30.49 -54.06 -13.14
N TRP G 47 30.34 -52.76 -12.88
CA TRP G 47 29.08 -52.06 -13.16
C TRP G 47 29.05 -51.72 -14.64
N ILE G 48 27.89 -51.92 -15.27
CA ILE G 48 27.77 -51.66 -16.69
C ILE G 48 26.67 -50.67 -17.05
N SER G 49 25.61 -50.51 -16.27
CA SER G 49 24.56 -49.58 -16.66
C SER G 49 23.77 -49.11 -15.45
N ALA G 50 22.96 -48.07 -15.69
CA ALA G 50 22.10 -47.46 -14.69
C ALA G 50 20.96 -46.77 -15.41
N ILE G 51 19.89 -46.51 -14.68
CA ILE G 51 18.72 -45.84 -15.25
C ILE G 51 17.99 -45.12 -14.12
N ASN G 52 17.46 -43.93 -14.44
CA ASN G 52 16.74 -43.14 -13.44
C ASN G 52 15.30 -43.64 -13.30
N SER G 53 14.49 -42.90 -12.55
CA SER G 53 13.10 -43.29 -12.34
C SER G 53 12.26 -43.02 -13.58
N GLY G 54 12.50 -41.87 -14.23
CA GLY G 54 11.71 -41.54 -15.42
C GLY G 54 11.98 -42.47 -16.59
N GLY G 55 13.24 -42.79 -16.85
CA GLY G 55 13.63 -43.68 -17.93
C GLY G 55 14.76 -43.11 -18.79
N GLY G 56 14.82 -41.78 -18.93
CA GLY G 56 15.85 -41.15 -19.72
C GLY G 56 17.15 -40.99 -18.95
N SER G 57 18.09 -40.29 -19.58
CA SER G 57 19.42 -40.02 -19.00
C SER G 57 20.10 -41.33 -18.58
N THR G 58 20.09 -42.30 -19.47
CA THR G 58 20.71 -43.60 -19.19
C THR G 58 22.22 -43.48 -19.09
N TYR G 59 22.79 -44.24 -18.17
CA TYR G 59 24.23 -44.27 -17.95
C TYR G 59 24.79 -45.64 -18.32
N TYR G 60 25.98 -45.65 -18.89
CA TYR G 60 26.64 -46.89 -19.29
C TYR G 60 28.14 -46.77 -19.07
N ALA G 61 28.78 -47.91 -18.92
CA ALA G 61 30.22 -47.97 -18.73
C ALA G 61 30.93 -47.91 -20.07
N ASP G 62 32.22 -47.56 -20.02
CA ASP G 62 33.01 -47.46 -21.26
C ASP G 62 33.15 -48.80 -21.97
N SER G 63 33.12 -49.91 -21.22
CA SER G 63 33.25 -51.22 -21.85
C SER G 63 32.01 -51.63 -22.64
N VAL G 64 30.87 -51.01 -22.39
CA VAL G 64 29.64 -51.35 -23.09
C VAL G 64 28.95 -50.11 -23.62
N LYS G 65 29.68 -49.00 -23.70
CA LYS G 65 29.10 -47.75 -24.18
C LYS G 65 28.80 -47.86 -25.67
N GLY G 66 27.54 -47.59 -26.03
CA GLY G 66 27.10 -47.67 -27.41
C GLY G 66 26.69 -49.04 -27.86
N ARG G 67 26.89 -50.08 -27.05
CA ARG G 67 26.52 -51.43 -27.41
C ARG G 67 25.27 -51.90 -26.68
N PHE G 68 25.15 -51.61 -25.40
CA PHE G 68 23.99 -52.02 -24.61
C PHE G 68 23.01 -50.86 -24.44
N THR G 69 21.76 -51.22 -24.19
CA THR G 69 20.69 -50.26 -23.99
C THR G 69 19.84 -50.72 -22.82
N ILE G 70 19.50 -49.81 -21.93
CA ILE G 70 18.71 -50.10 -20.74
C ILE G 70 17.40 -49.33 -20.82
N SER G 71 16.32 -49.96 -20.35
CA SER G 71 15.00 -49.35 -20.36
C SER G 71 14.16 -49.98 -19.26
N ARG G 72 13.08 -49.30 -18.89
CA ARG G 72 12.20 -49.82 -17.85
C ARG G 72 10.78 -49.39 -18.13
N ASP G 73 9.84 -50.13 -17.53
CA ASP G 73 8.41 -49.86 -17.66
C ASP G 73 7.84 -49.66 -16.27
N ASN G 74 7.50 -48.41 -15.94
CA ASN G 74 6.95 -48.11 -14.62
C ASN G 74 5.59 -48.76 -14.43
N SER G 75 4.77 -48.77 -15.48
CA SER G 75 3.43 -49.37 -15.38
C SER G 75 3.51 -50.87 -15.19
N LYS G 76 4.46 -51.54 -15.84
CA LYS G 76 4.60 -52.98 -15.72
C LYS G 76 5.49 -53.40 -14.57
N ASN G 77 6.14 -52.45 -13.88
CA ASN G 77 7.04 -52.74 -12.76
C ASN G 77 8.14 -53.70 -13.17
N THR G 78 8.67 -53.53 -14.37
CA THR G 78 9.72 -54.39 -14.88
C THR G 78 10.86 -53.55 -15.45
N LEU G 79 12.05 -54.16 -15.49
CA LEU G 79 13.25 -53.54 -15.99
C LEU G 79 13.83 -54.44 -17.09
N SER G 80 14.34 -53.82 -18.15
CA SER G 80 14.90 -54.59 -19.25
C SER G 80 16.22 -54.00 -19.71
N LEU G 81 17.06 -54.85 -20.30
CA LEU G 81 18.36 -54.45 -20.82
C LEU G 81 18.54 -55.11 -22.18
N GLN G 82 18.91 -54.32 -23.17
CA GLN G 82 19.11 -54.81 -24.53
C GLN G 82 20.60 -54.95 -24.82
N MET G 83 20.99 -56.11 -25.35
CA MET G 83 22.37 -56.40 -25.69
C MET G 83 22.52 -56.42 -27.20
N ASN G 84 23.48 -55.66 -27.71
CA ASN G 84 23.73 -55.59 -29.15
C ASN G 84 25.23 -55.69 -29.40
N SER G 85 25.59 -56.45 -30.43
CA SER G 85 26.98 -56.66 -30.83
C SER G 85 27.82 -57.24 -29.69
N LEU G 86 27.25 -58.20 -28.97
CA LEU G 86 27.96 -58.83 -27.86
C LEU G 86 29.12 -59.68 -28.40
N ARG G 87 30.17 -59.80 -27.59
CA ARG G 87 31.36 -60.54 -27.99
C ARG G 87 31.64 -61.64 -26.97
N ALA G 88 32.78 -62.31 -27.16
CA ALA G 88 33.17 -63.44 -26.31
C ALA G 88 33.39 -63.06 -24.85
N GLU G 89 34.18 -62.00 -24.59
CA GLU G 89 34.43 -61.63 -23.20
C GLU G 89 33.24 -60.98 -22.50
N ASP G 90 32.06 -60.93 -23.12
CA ASP G 90 30.91 -60.36 -22.44
C ASP G 90 30.18 -61.36 -21.56
N THR G 91 30.64 -62.62 -21.54
CA THR G 91 30.00 -63.65 -20.73
C THR G 91 30.24 -63.39 -19.24
N ALA G 92 29.15 -63.45 -18.47
CA ALA G 92 29.13 -63.24 -17.03
C ALA G 92 27.70 -63.46 -16.55
N VAL G 93 27.54 -63.50 -15.23
CA VAL G 93 26.23 -63.66 -14.63
C VAL G 93 25.71 -62.24 -14.37
N TYR G 94 24.77 -61.80 -15.20
CA TYR G 94 24.21 -60.47 -15.09
C TYR G 94 23.18 -60.41 -13.97
N TYR G 95 23.43 -59.53 -12.99
CA TYR G 95 22.56 -59.37 -11.84
C TYR G 95 21.78 -58.06 -11.92
N CYS G 96 20.51 -58.13 -11.55
CA CYS G 96 19.62 -56.97 -11.53
C CYS G 96 19.65 -56.43 -10.11
N ALA G 97 20.05 -55.17 -9.95
CA ALA G 97 20.17 -54.56 -8.63
C ALA G 97 19.26 -53.34 -8.49
N LYS G 98 19.05 -52.96 -7.23
CA LYS G 98 18.22 -51.82 -6.86
C LYS G 98 18.96 -51.00 -5.82
N VAL G 99 18.88 -49.67 -5.93
CA VAL G 99 19.54 -48.78 -4.99
C VAL G 99 18.76 -48.78 -3.68
N ASP G 100 19.37 -48.27 -2.62
CA ASP G 100 18.72 -48.22 -1.31
C ASP G 100 17.89 -46.96 -1.13
N GLU G 101 18.52 -45.78 -1.18
CA GLU G 101 17.81 -44.53 -1.01
C GLU G 101 17.00 -44.22 -2.26
N ASP G 102 15.82 -43.64 -2.07
CA ASP G 102 14.96 -43.28 -3.17
C ASP G 102 15.45 -42.00 -3.85
N ASP G 103 14.69 -41.54 -4.84
CA ASP G 103 15.06 -40.33 -5.57
C ASP G 103 14.42 -39.08 -4.99
N TYR G 104 13.72 -39.18 -3.85
CA TYR G 104 13.11 -38.00 -3.26
C TYR G 104 14.17 -37.11 -2.64
N GLY G 105 14.04 -35.81 -2.90
CA GLY G 105 14.99 -34.84 -2.37
C GLY G 105 15.54 -33.87 -3.40
N TYR G 106 16.65 -33.22 -3.05
CA TYR G 106 17.28 -32.26 -3.94
C TYR G 106 17.88 -32.95 -5.16
N TYR G 107 17.89 -32.22 -6.28
CA TYR G 107 18.45 -32.77 -7.52
C TYR G 107 18.84 -31.61 -8.43
N TYR G 108 19.70 -31.93 -9.40
CA TYR G 108 20.20 -30.94 -10.35
C TYR G 108 19.37 -30.89 -11.63
N THR G 109 19.32 -32.00 -12.37
CA THR G 109 18.55 -32.06 -13.61
C THR G 109 17.65 -33.29 -13.70
N VAL G 110 17.93 -34.36 -12.97
CA VAL G 110 17.12 -35.57 -12.95
C VAL G 110 16.84 -35.82 -11.48
N PRO G 111 15.62 -36.19 -11.09
CA PRO G 111 15.31 -36.41 -9.67
C PRO G 111 16.23 -37.38 -8.93
N GLY G 112 16.98 -38.22 -9.63
CA GLY G 112 17.86 -39.16 -8.97
C GLY G 112 19.33 -38.81 -8.84
N ASP G 113 19.82 -37.76 -9.50
CA ASP G 113 21.23 -37.45 -9.37
C ASP G 113 21.49 -36.70 -8.06
N LEU G 114 22.75 -36.27 -7.90
CA LEU G 114 23.28 -35.52 -6.76
C LEU G 114 23.30 -36.36 -5.48
N LYS G 115 22.79 -37.59 -5.54
CA LYS G 115 22.76 -38.48 -4.40
C LYS G 115 23.64 -39.69 -4.69
N LYS G 116 24.39 -40.12 -3.68
CA LYS G 116 25.29 -41.26 -3.79
C LYS G 116 24.56 -42.50 -3.30
N TYR G 117 24.37 -43.47 -4.19
CA TYR G 117 23.67 -44.70 -3.89
C TYR G 117 24.62 -45.89 -3.79
N TYR G 118 24.05 -47.03 -3.43
CA TYR G 118 24.75 -48.29 -3.31
C TYR G 118 23.71 -49.39 -3.48
N PHE G 119 24.12 -50.50 -4.07
CA PHE G 119 23.19 -51.61 -4.33
C PHE G 119 22.74 -52.26 -3.02
N ASP G 120 21.43 -52.45 -2.89
CA ASP G 120 20.87 -53.04 -1.68
C ASP G 120 20.30 -54.43 -1.98
N TYR G 121 19.39 -54.55 -2.94
CA TYR G 121 18.79 -55.82 -3.27
C TYR G 121 19.35 -56.35 -4.59
N TRP G 122 19.75 -57.62 -4.57
CA TRP G 122 20.33 -58.28 -5.74
C TRP G 122 19.47 -59.48 -6.10
N GLY G 123 18.98 -59.51 -7.33
CA GLY G 123 18.16 -60.62 -7.76
C GLY G 123 18.99 -61.83 -8.15
N GLN G 124 18.31 -62.95 -8.39
CA GLN G 124 18.99 -64.17 -8.79
C GLN G 124 19.40 -64.05 -10.24
N GLY G 125 20.63 -63.57 -10.47
CA GLY G 125 21.17 -63.36 -11.80
C GLY G 125 21.10 -64.53 -12.76
N VAL G 126 21.00 -64.22 -14.05
CA VAL G 126 20.91 -65.21 -15.11
C VAL G 126 22.24 -65.23 -15.84
N LEU G 127 22.61 -66.40 -16.36
CA LEU G 127 23.88 -66.54 -17.07
C LEU G 127 23.69 -66.35 -18.57
N VAL G 128 24.57 -65.54 -19.16
CA VAL G 128 24.57 -65.25 -20.59
C VAL G 128 25.95 -65.55 -21.13
N THR G 129 26.03 -66.40 -22.15
CA THR G 129 27.32 -66.76 -22.72
C THR G 129 27.17 -66.98 -24.22
N VAL G 130 28.30 -66.88 -24.92
CA VAL G 130 28.36 -67.06 -26.37
C VAL G 130 29.51 -68.01 -26.68
N SER G 131 29.45 -68.61 -27.87
CA SER G 131 30.46 -69.54 -28.33
C SER G 131 30.37 -69.65 -29.85
N SER G 132 31.30 -70.40 -30.43
CA SER G 132 31.32 -70.58 -31.87
C SER G 132 30.26 -71.57 -32.33
N ASP H 1 40.12 -44.09 -15.21
CA ASP H 1 39.11 -44.08 -14.15
C ASP H 1 39.65 -44.56 -12.80
N ILE H 2 38.80 -44.52 -11.78
CA ILE H 2 39.20 -44.95 -10.44
C ILE H 2 39.07 -46.46 -10.32
N GLN H 3 39.93 -47.07 -9.51
CA GLN H 3 39.92 -48.51 -9.32
C GLN H 3 40.38 -48.83 -7.90
N MET H 4 39.78 -49.86 -7.31
CA MET H 4 40.07 -50.30 -5.96
C MET H 4 41.09 -51.43 -5.95
N THR H 5 41.76 -51.59 -4.81
CA THR H 5 42.75 -52.63 -4.58
C THR H 5 42.45 -53.24 -3.21
N GLN H 6 42.23 -54.55 -3.16
CA GLN H 6 41.91 -55.25 -1.93
C GLN H 6 42.93 -56.34 -1.67
N SER H 7 43.33 -56.46 -0.40
CA SER H 7 44.32 -57.47 0.02
C SER H 7 44.06 -57.80 1.48
N PRO H 8 44.40 -59.03 1.93
CA PRO H 8 45.00 -60.16 1.20
C PRO H 8 44.00 -60.86 0.30
N SER H 9 44.44 -61.44 -0.82
CA SER H 9 43.55 -62.12 -1.74
C SER H 9 42.83 -63.30 -1.09
N SER H 10 43.57 -64.11 -0.34
CA SER H 10 42.95 -65.27 0.30
C SER H 10 43.73 -65.61 1.56
N LEU H 11 43.01 -66.11 2.57
CA LEU H 11 43.61 -66.50 3.83
C LEU H 11 42.70 -67.50 4.51
N SER H 12 43.31 -68.47 5.20
CA SER H 12 42.57 -69.50 5.92
C SER H 12 42.23 -69.01 7.32
N ALA H 13 41.08 -69.46 7.81
CA ALA H 13 40.63 -69.06 9.13
C ALA H 13 39.85 -70.22 9.76
N SER H 14 39.29 -69.98 10.93
CA SER H 14 38.52 -70.99 11.65
C SER H 14 37.53 -70.26 12.57
N VAL H 15 36.78 -71.05 13.33
CA VAL H 15 35.80 -70.47 14.24
C VAL H 15 36.53 -69.87 15.43
N GLY H 16 36.37 -68.56 15.63
CA GLY H 16 37.01 -67.86 16.72
C GLY H 16 38.35 -67.22 16.39
N ASP H 17 38.95 -67.56 15.25
CA ASP H 17 40.23 -66.99 14.87
C ASP H 17 40.00 -65.53 14.46
N LYS H 18 41.01 -64.70 14.69
CA LYS H 18 40.93 -63.28 14.36
C LYS H 18 41.60 -63.00 13.02
N VAL H 19 40.82 -62.46 12.08
CA VAL H 19 41.30 -62.12 10.75
C VAL H 19 40.86 -60.70 10.42
N THR H 20 41.28 -60.22 9.25
CA THR H 20 40.92 -58.87 8.82
C THR H 20 41.04 -58.75 7.31
N ILE H 21 40.18 -57.90 6.75
CA ILE H 21 40.14 -57.63 5.31
C ILE H 21 40.14 -56.12 5.13
N THR H 22 41.00 -55.63 4.24
CA THR H 22 41.09 -54.20 3.98
C THR H 22 41.25 -53.94 2.50
N CYS H 23 40.88 -52.72 2.09
CA CYS H 23 40.98 -52.29 0.71
C CYS H 23 41.43 -50.84 0.69
N GLN H 24 42.15 -50.47 -0.36
CA GLN H 24 42.68 -49.12 -0.52
C GLN H 24 42.09 -48.47 -1.77
N ALA H 25 42.03 -47.14 -1.75
CA ALA H 25 41.50 -46.35 -2.85
C ALA H 25 42.61 -45.50 -3.45
N SER H 26 42.69 -45.51 -4.79
CA SER H 26 43.72 -44.72 -5.46
C SER H 26 43.43 -43.23 -5.35
N GLN H 27 42.16 -42.84 -5.43
CA GLN H 27 41.76 -41.44 -5.31
C GLN H 27 40.99 -41.25 -4.01
N SER H 28 40.83 -40.00 -3.60
CA SER H 28 40.11 -39.69 -2.37
C SER H 28 38.62 -39.89 -2.58
N ILE H 29 38.01 -40.69 -1.70
CA ILE H 29 36.58 -40.97 -1.78
C ILE H 29 35.92 -40.64 -0.44
N SER H 30 36.70 -40.01 0.45
CA SER H 30 36.25 -39.62 1.79
C SER H 30 35.74 -40.82 2.57
N SER H 31 34.42 -41.04 2.57
CA SER H 31 33.83 -42.16 3.28
C SER H 31 32.70 -42.82 2.51
N TRP H 32 32.67 -42.69 1.18
CA TRP H 32 31.61 -43.29 0.37
C TRP H 32 32.05 -44.68 -0.08
N LEU H 33 31.85 -45.68 0.79
CA LEU H 33 32.23 -47.04 0.45
C LEU H 33 31.36 -48.00 1.25
N ALA H 34 31.01 -49.12 0.63
CA ALA H 34 30.18 -50.14 1.24
C ALA H 34 30.79 -51.51 0.97
N TRP H 35 30.56 -52.46 1.87
CA TRP H 35 31.07 -53.81 1.73
C TRP H 35 29.94 -54.77 1.42
N TYR H 36 30.27 -55.84 0.70
CA TYR H 36 29.30 -56.86 0.32
C TYR H 36 29.88 -58.24 0.57
N GLN H 37 28.99 -59.19 0.78
CA GLN H 37 29.33 -60.58 1.01
C GLN H 37 28.57 -61.41 -0.03
N GLN H 38 29.23 -62.42 -0.59
CA GLN H 38 28.60 -63.24 -1.62
C GLN H 38 29.03 -64.69 -1.49
N LYS H 39 28.07 -65.58 -1.25
CA LYS H 39 28.32 -67.00 -1.14
C LYS H 39 28.32 -67.62 -2.53
N PRO H 40 29.02 -68.75 -2.72
CA PRO H 40 29.04 -69.38 -4.05
C PRO H 40 27.65 -69.87 -4.45
N GLY H 41 27.17 -69.38 -5.59
CA GLY H 41 25.87 -69.72 -6.09
C GLY H 41 24.73 -68.85 -5.59
N LYS H 42 25.02 -67.88 -4.72
CA LYS H 42 24.03 -66.98 -4.17
C LYS H 42 24.41 -65.54 -4.52
N ALA H 43 23.37 -64.72 -4.76
CA ALA H 43 23.55 -63.32 -5.12
C ALA H 43 24.20 -62.55 -3.97
N PRO H 44 25.02 -61.54 -4.28
CA PRO H 44 25.66 -60.76 -3.22
C PRO H 44 24.65 -59.99 -2.38
N LYS H 45 25.01 -59.76 -1.12
CA LYS H 45 24.16 -59.05 -0.18
C LYS H 45 24.95 -57.95 0.49
N PRO H 46 24.30 -56.82 0.83
CA PRO H 46 25.02 -55.73 1.49
C PRO H 46 25.40 -56.12 2.91
N LEU H 47 26.55 -55.61 3.34
CA LEU H 47 27.05 -55.90 4.67
C LEU H 47 27.37 -54.65 5.48
N ILE H 48 27.94 -53.63 4.85
CA ILE H 48 28.32 -52.40 5.53
C ILE H 48 27.61 -51.23 4.86
N TYR H 49 26.83 -50.49 5.64
CA TYR H 49 26.09 -49.34 5.10
C TYR H 49 27.02 -48.22 4.68
N LYS H 50 27.92 -47.82 5.57
CA LYS H 50 28.89 -46.75 5.32
C LYS H 50 30.14 -47.10 6.09
N ALA H 51 31.24 -46.39 5.78
CA ALA H 51 32.56 -46.55 6.38
C ALA H 51 32.53 -46.88 7.87
N SER H 52 31.67 -46.18 8.63
CA SER H 52 31.54 -46.42 10.06
C SER H 52 30.09 -46.70 10.43
N SER H 53 29.34 -47.36 9.55
CA SER H 53 27.94 -47.68 9.77
C SER H 53 27.68 -49.14 9.41
N LEU H 54 26.72 -49.75 10.10
CA LEU H 54 26.38 -51.14 9.84
C LEU H 54 25.04 -51.25 9.12
N GLU H 55 24.99 -52.13 8.13
CA GLU H 55 23.78 -52.35 7.34
C GLU H 55 22.71 -53.04 8.17
N SER H 56 21.45 -52.65 7.95
CA SER H 56 20.33 -53.23 8.66
C SER H 56 20.17 -54.69 8.30
N GLY H 57 19.73 -55.49 9.28
CA GLY H 57 19.53 -56.92 9.08
C GLY H 57 20.78 -57.75 9.28
N VAL H 58 21.95 -57.12 9.34
CA VAL H 58 23.23 -57.80 9.53
C VAL H 58 23.47 -57.88 11.04
N PRO H 59 24.00 -58.99 11.56
CA PRO H 59 24.26 -59.08 13.00
C PRO H 59 25.27 -58.04 13.46
N SER H 60 25.15 -57.65 14.73
CA SER H 60 26.02 -56.64 15.33
C SER H 60 27.47 -57.07 15.43
N ARG H 61 27.77 -58.36 15.21
CA ARG H 61 29.15 -58.83 15.29
C ARG H 61 30.02 -58.18 14.23
N PHE H 62 29.49 -57.98 13.03
CA PHE H 62 30.24 -57.36 11.96
C PHE H 62 30.40 -55.86 12.20
N SER H 63 31.53 -55.32 11.74
CA SER H 63 31.83 -53.90 11.89
C SER H 63 32.89 -53.53 10.86
N GLY H 64 33.19 -52.23 10.79
CA GLY H 64 34.19 -51.75 9.85
C GLY H 64 34.58 -50.33 10.18
N SER H 65 35.66 -49.88 9.56
CA SER H 65 36.18 -48.54 9.77
C SER H 65 37.05 -48.14 8.59
N GLY H 66 37.47 -46.89 8.59
CA GLY H 66 38.32 -46.36 7.54
C GLY H 66 37.84 -44.99 7.11
N SER H 67 38.78 -44.21 6.59
CA SER H 67 38.46 -42.86 6.14
C SER H 67 39.49 -42.38 5.13
N GLY H 68 39.03 -41.64 4.13
CA GLY H 68 39.86 -41.08 3.09
C GLY H 68 40.25 -42.00 1.94
N THR H 69 41.26 -42.84 2.16
CA THR H 69 41.72 -43.77 1.13
C THR H 69 41.95 -45.18 1.64
N ASP H 70 42.10 -45.37 2.95
CA ASP H 70 42.33 -46.69 3.52
C ASP H 70 41.14 -47.08 4.40
N PHE H 71 40.57 -48.24 4.10
CA PHE H 71 39.42 -48.76 4.82
C PHE H 71 39.68 -50.21 5.19
N THR H 72 39.33 -50.57 6.42
CA THR H 72 39.52 -51.91 6.93
C THR H 72 38.20 -52.46 7.47
N LEU H 73 37.87 -53.67 7.05
CA LEU H 73 36.66 -54.36 7.47
C LEU H 73 37.02 -55.23 8.66
N THR H 74 36.58 -54.82 9.85
CA THR H 74 36.87 -55.56 11.08
C THR H 74 35.95 -56.76 11.18
N ILE H 75 36.54 -57.96 11.17
CA ILE H 75 35.78 -59.20 11.27
C ILE H 75 36.47 -60.07 12.32
N SER H 76 35.83 -60.22 13.48
CA SER H 76 36.39 -61.06 14.53
C SER H 76 36.26 -62.54 14.20
N SER H 77 35.44 -62.88 13.20
CA SER H 77 35.20 -64.25 12.72
C SER H 77 34.72 -65.18 13.84
N LEU H 78 33.99 -64.64 14.82
CA LEU H 78 33.49 -65.48 15.90
C LEU H 78 32.37 -66.39 15.41
N GLN H 79 31.55 -65.91 14.48
CA GLN H 79 30.46 -66.69 13.93
C GLN H 79 31.01 -67.79 13.02
N PRO H 80 30.37 -68.96 12.96
CA PRO H 80 30.89 -70.02 12.09
C PRO H 80 30.56 -69.82 10.61
N GLU H 81 29.43 -69.19 10.30
CA GLU H 81 29.04 -68.97 8.92
C GLU H 81 29.70 -67.70 8.37
N ASP H 82 29.20 -67.26 7.21
CA ASP H 82 29.64 -66.08 6.45
C ASP H 82 31.05 -66.23 5.90
N PHE H 83 31.57 -67.46 5.80
CA PHE H 83 32.91 -67.70 5.25
C PHE H 83 32.80 -67.75 3.73
N ALA H 84 32.55 -66.58 3.14
CA ALA H 84 32.40 -66.46 1.70
C ALA H 84 33.33 -65.36 1.20
N THR H 85 33.13 -64.98 -0.06
CA THR H 85 33.94 -63.95 -0.69
C THR H 85 33.40 -62.58 -0.30
N TYR H 86 34.28 -61.72 0.20
CA TYR H 86 33.92 -60.37 0.62
C TYR H 86 34.42 -59.38 -0.43
N TYR H 87 33.57 -58.41 -0.77
CA TYR H 87 33.91 -57.40 -1.77
C TYR H 87 33.90 -56.00 -1.18
N CYS H 88 34.80 -55.17 -1.68
CA CYS H 88 34.94 -53.78 -1.26
C CYS H 88 34.60 -52.90 -2.46
N GLN H 89 33.43 -52.25 -2.42
CA GLN H 89 33.00 -51.43 -3.59
C GLN H 89 32.99 -49.95 -3.20
N GLN H 90 33.51 -49.10 -4.09
CA GLN H 90 33.59 -47.65 -3.80
C GLN H 90 32.46 -46.93 -4.52
N TYR H 91 31.45 -46.46 -3.77
CA TYR H 91 30.41 -45.66 -4.45
C TYR H 91 30.93 -44.22 -4.53
N ASN H 92 30.10 -43.27 -4.95
CA ASN H 92 30.57 -41.87 -5.15
C ASN H 92 31.72 -41.89 -6.15
N SER H 93 31.43 -42.26 -7.39
CA SER H 93 32.46 -42.31 -8.45
C SER H 93 31.77 -42.67 -9.77
N ALA H 94 32.33 -42.22 -10.90
CA ALA H 94 31.66 -42.47 -12.19
C ALA H 94 31.46 -43.97 -12.43
N PRO H 95 32.49 -44.84 -12.35
CA PRO H 95 32.29 -46.24 -12.68
C PRO H 95 31.79 -47.08 -11.51
N PHE H 96 31.62 -46.46 -10.34
CA PHE H 96 31.21 -47.23 -9.14
C PHE H 96 31.92 -48.56 -9.18
N SER H 97 33.23 -48.55 -9.44
CA SER H 97 33.99 -49.81 -9.59
C SER H 97 34.00 -50.60 -8.27
N PHE H 98 34.19 -51.92 -8.37
CA PHE H 98 34.22 -52.78 -7.17
C PHE H 98 35.65 -53.15 -6.85
N GLY H 99 35.83 -54.12 -5.95
CA GLY H 99 37.14 -54.57 -5.59
C GLY H 99 37.49 -55.86 -6.33
N GLN H 100 38.70 -56.36 -6.07
CA GLN H 100 39.13 -57.59 -6.73
C GLN H 100 38.39 -58.80 -6.19
N GLY H 101 38.03 -58.79 -4.91
CA GLY H 101 37.33 -59.91 -4.31
C GLY H 101 38.25 -60.77 -3.48
N THR H 102 37.90 -60.91 -2.20
CA THR H 102 38.71 -61.70 -1.27
C THR H 102 37.83 -62.77 -0.63
N LYS H 103 38.32 -64.01 -0.70
CA LYS H 103 37.62 -65.16 -0.15
C LYS H 103 38.36 -65.68 1.08
N VAL H 104 37.60 -66.00 2.12
CA VAL H 104 38.15 -66.52 3.37
C VAL H 104 37.43 -67.82 3.70
N GLU H 105 38.19 -68.80 4.19
CA GLU H 105 37.63 -70.11 4.53
C GLU H 105 38.30 -70.68 5.77
C1 NAG I . 2.85 -41.34 0.34
C2 NAG I . 2.83 -42.21 1.60
C3 NAG I . 4.18 -42.08 2.31
C4 NAG I . 5.33 -42.37 1.36
C5 NAG I . 5.17 -41.56 0.06
C6 NAG I . 6.20 -41.87 -0.99
C7 NAG I . 0.69 -42.61 2.75
C8 NAG I . -0.31 -42.00 3.71
N2 NAG I . 1.76 -41.83 2.49
O3 NAG I . 4.17 -42.96 3.41
O4 NAG I . 6.49 -42.01 2.06
O5 NAG I . 3.89 -41.77 -0.49
O6 NAG I . 6.12 -43.24 -1.34
O7 NAG I . 0.52 -43.71 2.27
C1 NAG I . 7.35 -43.15 2.25
C2 NAG I . 8.53 -42.71 3.13
C3 NAG I . 9.47 -43.90 3.36
C4 NAG I . 8.70 -45.11 3.89
C5 NAG I . 7.49 -45.38 3.00
C6 NAG I . 6.61 -46.53 3.48
C7 NAG I . 9.82 -41.44 1.40
C8 NAG I . 10.45 -40.10 1.17
N2 NAG I . 9.22 -41.57 2.60
O3 NAG I . 10.47 -43.48 4.24
O4 NAG I . 9.61 -46.19 3.88
O5 NAG I . 6.69 -44.22 2.89
O6 NAG I . 5.51 -46.67 2.62
O7 NAG I . 9.86 -42.32 0.54
C1 BMA I . 9.88 -46.59 5.24
C2 BMA I . 10.26 -48.08 5.20
C3 BMA I . 10.54 -48.58 6.64
C4 BMA I . 11.08 -47.52 7.62
C5 BMA I . 11.61 -46.24 6.98
C6 BMA I . 13.11 -46.27 6.70
O2 BMA I . 11.35 -48.23 4.34
O3 BMA I . 11.37 -49.71 6.50
O4 BMA I . 10.00 -47.23 8.49
O5 BMA I . 10.93 -45.82 5.80
O6 BMA I . 13.46 -45.05 6.09
C1 MAN I . 10.52 -50.88 6.53
C2 MAN I . 11.22 -51.94 7.40
C3 MAN I . 12.45 -52.49 6.70
C4 MAN I . 12.12 -52.96 5.30
C5 MAN I . 11.45 -51.82 4.52
C6 MAN I . 10.99 -52.26 3.15
O2 MAN I . 10.26 -52.95 7.64
O3 MAN I . 12.97 -53.53 7.49
O4 MAN I . 13.33 -53.36 4.68
O5 MAN I . 10.30 -51.38 5.23
O6 MAN I . 10.26 -51.21 2.56
C1 NAG J . -43.78 13.19 25.91
C2 NAG J . -45.20 12.66 26.13
C3 NAG J . -45.66 13.05 27.53
C4 NAG J . -44.66 12.54 28.59
C5 NAG J . -43.23 13.01 28.22
C6 NAG J . -42.16 12.44 29.11
C7 NAG J . -46.90 12.32 24.39
C8 NAG J . -47.79 13.03 23.39
N2 NAG J . -46.12 13.13 25.13
O3 NAG J . -46.94 12.52 27.74
O4 NAG J . -45.01 12.75 29.97
O5 NAG J . -42.92 12.65 26.88
O6 NAG J . -42.16 11.04 29.02
O7 NAG J . -46.91 11.11 24.50
C1 NAG J . -45.75 13.89 30.55
C2 NAG J . -44.94 15.21 30.38
C3 NAG J . -45.74 16.41 30.91
C4 NAG J . -47.13 16.45 30.30
C5 NAG J . -47.83 15.11 30.57
C6 NAG J . -49.23 15.03 30.00
C7 NAG J . -42.51 15.59 30.62
C8 NAG J . -41.35 15.37 31.54
N2 NAG J . -43.69 15.12 31.07
O3 NAG J . -45.01 17.57 30.64
O4 NAG J . -47.82 17.53 30.91
O5 NAG J . -47.06 14.07 29.99
O6 NAG J . -50.01 16.08 30.54
O7 NAG J . -42.38 16.16 29.55
C1 NAG K . -37.97 -0.48 24.88
C2 NAG K . -38.94 -0.76 26.04
C3 NAG K . -38.16 -0.76 27.35
C4 NAG K . -36.99 -1.74 27.29
C5 NAG K . -36.17 -1.53 26.00
C6 NAG K . -35.12 -2.59 25.75
C7 NAG K . -40.02 1.51 26.18
C8 NAG K . -41.39 2.16 26.15
N2 NAG K . -40.05 0.16 26.06
O3 NAG K . -39.05 -1.07 28.39
O4 NAG K . -36.22 -1.51 28.44
O5 NAG K . -37.02 -1.51 24.88
O6 NAG K . -34.12 -2.52 26.73
O7 NAG K . -39.02 2.18 26.30
C1 NAG K . -36.21 -2.71 29.25
C2 NAG K . -34.96 -2.69 30.14
C3 NAG K . -34.93 -3.99 30.95
C4 NAG K . -36.22 -4.12 31.77
C5 NAG K . -37.44 -3.98 30.84
C6 NAG K . -38.76 -4.00 31.57
C7 NAG K . -32.88 -1.52 29.56
C8 NAG K . -31.68 -1.53 28.66
N2 NAG K . -33.76 -2.54 29.38
O3 NAG K . -33.79 -3.95 31.76
O4 NAG K . -36.18 -5.39 32.38
O5 NAG K . -37.34 -2.77 30.10
O6 NAG K . -38.79 -2.97 32.54
O7 NAG K . -33.06 -0.63 30.38
C1 BMA K . -36.02 -5.26 33.81
C2 BMA K . -36.03 -6.67 34.39
C3 BMA K . -35.81 -6.65 35.92
C4 BMA K . -35.06 -5.41 36.46
C5 BMA K . -34.22 -4.67 35.41
C6 BMA K . -32.79 -5.21 35.28
O2 BMA K . -35.06 -7.43 33.72
O3 BMA K . -35.17 -7.85 36.25
O4 BMA K . -36.04 -4.55 37.00
O5 BMA K . -34.81 -4.60 34.12
O6 BMA K . -32.10 -4.87 36.46
C1 NAG L . -43.24 -6.53 8.95
C2 NAG L . -43.79 -7.27 7.72
C3 NAG L . -44.35 -6.23 6.76
C4 NAG L . -45.43 -5.41 7.47
C5 NAG L . -44.91 -4.87 8.82
C6 NAG L . -45.96 -4.19 9.65
C7 NAG L . -42.70 -9.40 7.26
C8 NAG L . -41.57 -10.08 6.53
N2 NAG L . -42.78 -8.08 7.10
O3 NAG L . -44.83 -6.91 5.64
O4 NAG L . -45.78 -4.34 6.61
O5 NAG L . -44.33 -5.92 9.59
O6 NAG L . -45.45 -3.88 10.92
O7 NAG L . -43.48 -10.05 7.95
C1 NAG L . -47.05 -4.62 5.99
C2 NAG L . -47.78 -3.30 5.73
C3 NAG L . -49.12 -3.59 5.04
C4 NAG L . -48.93 -4.45 3.80
C5 NAG L . -48.09 -5.68 4.14
C6 NAG L . -47.75 -6.55 2.94
C7 NAG L . -47.33 -1.43 7.27
C8 NAG L . -47.70 -0.84 8.60
N2 NAG L . -47.99 -2.57 6.95
O3 NAG L . -49.73 -2.36 4.75
O4 NAG L . -50.22 -4.82 3.36
O5 NAG L . -46.88 -5.27 4.75
O6 NAG L . -46.83 -7.55 3.32
O7 NAG L . -46.51 -0.90 6.54
C1 BMA L . -50.50 -4.19 2.09
C2 BMA L . -51.64 -4.96 1.43
C3 BMA L . -52.03 -4.33 0.08
C4 BMA L . -51.71 -2.82 -0.06
C5 BMA L . -51.49 -2.08 1.26
C6 BMA L . -52.75 -1.41 1.82
O2 BMA L . -52.72 -5.02 2.34
O3 BMA L . -53.39 -4.61 -0.11
O4 BMA L . -50.54 -2.76 -0.86
O5 BMA L . -50.86 -2.83 2.28
O6 BMA L . -53.66 -2.43 2.20
C1 NAG M . -43.95 -9.49 -4.37
C2 NAG M . -44.39 -8.20 -5.07
C3 NAG M . -45.73 -8.41 -5.76
C4 NAG M . -45.75 -9.66 -6.63
C5 NAG M . -45.13 -10.86 -5.88
C6 NAG M . -44.95 -12.11 -6.70
C7 NAG M . -45.18 -6.93 -3.04
C8 NAG M . -44.98 -5.62 -2.32
N2 NAG M . -44.43 -7.07 -4.15
O3 NAG M . -46.02 -7.26 -6.50
O4 NAG M . -47.10 -9.89 -6.95
O5 NAG M . -43.88 -10.49 -5.35
O6 NAG M . -46.21 -12.71 -6.96
O7 NAG M . -46.00 -7.75 -2.63
C1 NAG M . -47.31 -9.94 -8.38
C2 NAG M . -48.65 -10.64 -8.65
C3 NAG M . -48.90 -10.70 -10.15
C4 NAG M . -48.82 -9.30 -10.75
C5 NAG M . -47.47 -8.66 -10.37
C6 NAG M . -47.31 -7.25 -10.89
C7 NAG M . -49.48 -12.30 -7.03
C8 NAG M . -49.35 -13.73 -6.57
N2 NAG M . -48.68 -11.95 -8.05
O3 NAG M . -50.17 -11.28 -10.34
O4 NAG M . -48.94 -9.45 -12.15
O5 NAG M . -47.35 -8.65 -8.95
O6 NAG M . -47.37 -7.26 -12.29
O7 NAG M . -50.27 -11.53 -6.51
C1 NAG N . -47.98 -32.08 -2.25
C2 NAG N . -48.13 -33.59 -2.00
C3 NAG N . -48.52 -34.34 -3.27
C4 NAG N . -49.71 -33.66 -3.94
C5 NAG N . -49.38 -32.19 -4.19
C6 NAG N . -50.49 -31.42 -4.87
C7 NAG N . -46.78 -34.45 -0.14
C8 NAG N . -45.42 -35.01 0.22
N2 NAG N . -46.93 -34.14 -1.44
O3 NAG N . -48.80 -35.66 -2.89
O4 NAG N . -50.11 -34.36 -5.12
O5 NAG N . -49.11 -31.58 -2.94
O6 NAG N . -50.60 -31.82 -6.22
O7 NAG N . -47.65 -34.30 0.69
C1 NAG N . -49.04 -34.73 -6.02
C2 NAG N . -49.50 -35.95 -6.82
C3 NAG N . -48.46 -36.34 -7.88
C4 NAG N . -48.04 -35.13 -8.71
C5 NAG N . -47.63 -33.99 -7.78
C6 NAG N . -47.21 -32.73 -8.50
C7 NAG N . -49.09 -37.76 -5.14
C8 NAG N . -49.79 -38.88 -4.41
N2 NAG N . -49.87 -37.07 -5.98
O3 NAG N . -48.99 -37.37 -8.66
O4 NAG N . -46.99 -35.54 -9.55
O5 NAG N . -48.71 -33.70 -6.92
O6 NAG N . -46.08 -32.99 -9.30
O7 NAG N . -47.90 -37.55 -4.94
C1 NAG O . -34.99 -38.55 4.97
C2 NAG O . -33.95 -39.61 5.35
C3 NAG O . -34.42 -40.96 4.82
C4 NAG O . -35.82 -41.29 5.31
C5 NAG O . -36.76 -40.10 5.08
C6 NAG O . -38.14 -40.29 5.68
C7 NAG O . -31.65 -38.77 5.58
C8 NAG O . -30.38 -38.48 4.83
N2 NAG O . -32.66 -39.26 4.83
O3 NAG O . -33.48 -41.93 5.22
O4 NAG O . -36.24 -42.43 4.59
O5 NAG O . -36.20 -38.90 5.60
O6 NAG O . -38.90 -39.12 5.49
O7 NAG O . -31.75 -38.59 6.79
C1 NAG O . -36.34 -43.58 5.44
C2 NAG O . -36.83 -44.76 4.59
C3 NAG O . -36.89 -46.03 5.42
C4 NAG O . -35.56 -46.28 6.11
C5 NAG O . -35.15 -45.03 6.90
C6 NAG O . -33.82 -45.16 7.59
C7 NAG O . -38.31 -44.17 2.71
C8 NAG O . -39.74 -43.89 2.32
N2 NAG O . -38.12 -44.45 4.00
O3 NAG O . -37.25 -47.08 4.57
O4 NAG O . -35.72 -47.40 6.95
O5 NAG O . -35.10 -43.92 6.02
O6 NAG O . -32.83 -45.57 6.66
O7 NAG O . -37.40 -44.12 1.89
C1 NAG P . -30.92 -34.75 -2.20
C2 NAG P . -29.55 -34.98 -2.85
C3 NAG P . -29.63 -36.02 -3.97
C4 NAG P . -30.38 -37.28 -3.55
C5 NAG P . -31.72 -36.85 -2.93
C6 NAG P . -32.60 -37.99 -2.43
C7 NAG P . -28.04 -33.03 -2.79
C8 NAG P . -27.67 -31.75 -3.52
N2 NAG P . -29.02 -33.74 -3.37
O3 NAG P . -28.32 -36.31 -4.39
O4 NAG P . -30.53 -38.05 -4.72
O5 NAG P . -31.47 -35.98 -1.85
O6 NAG P . -31.85 -38.82 -1.58
O7 NAG P . -27.48 -33.36 -1.76
C1 NAG P . -30.11 -39.43 -4.55
C2 NAG P . -29.44 -39.88 -5.85
C3 NAG P . -29.07 -41.36 -5.72
C4 NAG P . -28.22 -41.59 -4.48
C5 NAG P . -28.93 -41.00 -3.26
C6 NAG P . -28.14 -41.15 -1.97
C7 NAG P . -30.02 -38.78 -7.97
C8 NAG P . -31.06 -38.72 -9.06
N2 NAG P . -30.29 -39.66 -6.99
O3 NAG P . -28.40 -41.74 -6.90
O4 NAG P . -28.03 -42.99 -4.35
O5 NAG P . -29.20 -39.63 -3.49
O6 NAG P . -28.02 -42.52 -1.66
O7 NAG P . -29.02 -38.09 -8.00
C1 NAG Q . -20.74 -37.48 17.35
C2 NAG Q . -19.75 -37.71 18.51
C3 NAG Q . -18.93 -38.96 18.19
C4 NAG Q . -19.87 -40.15 17.95
C5 NAG Q . -20.94 -39.78 16.92
C6 NAG Q . -21.98 -40.86 16.70
C7 NAG Q . -18.12 -35.88 17.96
C8 NAG Q . -17.42 -34.71 18.60
N2 NAG Q . -18.94 -36.55 18.80
O3 NAG Q . -18.05 -39.16 19.27
O4 NAG Q . -19.07 -41.23 17.51
O5 NAG Q . -21.60 -38.59 17.29
O6 NAG Q . -22.98 -40.37 15.84
O7 NAG Q . -17.93 -36.16 16.78
C1 NAG Q . -18.91 -42.18 18.59
C2 NAG Q . -18.73 -43.59 18.02
C3 NAG Q . -18.50 -44.59 19.16
C4 NAG Q . -17.38 -44.13 20.09
C5 NAG Q . -17.62 -42.67 20.51
C6 NAG Q . -16.50 -42.09 21.36
C7 NAG Q . -21.13 -44.15 17.51
C8 NAG Q . -22.02 -44.59 16.38
N2 NAG Q . -19.84 -43.99 17.17
O3 NAG Q . -18.24 -45.83 18.57
O4 NAG Q . -17.40 -44.97 21.21
O5 NAG Q . -17.77 -41.86 19.36
O6 NAG Q . -16.72 -40.72 21.57
O7 NAG Q . -21.59 -43.96 18.64
C1 BMA Q . -16.28 -45.88 21.18
C2 BMA Q . -15.93 -46.24 22.62
C3 BMA Q . -14.77 -47.26 22.66
C4 BMA Q . -14.62 -48.15 21.41
C5 BMA Q . -15.86 -48.24 20.51
C6 BMA Q . -16.78 -49.41 20.85
O2 BMA Q . -17.09 -46.70 23.25
O3 BMA Q . -14.96 -48.01 23.84
O4 BMA Q . -13.53 -47.61 20.69
O5 BMA Q . -16.63 -47.04 20.44
O6 BMA Q . -17.39 -49.16 22.09
C1 NAG R . -1.52 -36.71 17.09
C2 NAG R . -1.66 -37.52 18.38
C3 NAG R . -0.76 -36.91 19.47
C4 NAG R . 0.67 -36.75 18.97
C5 NAG R . 0.68 -36.04 17.60
C6 NAG R . 2.05 -35.93 16.96
C7 NAG R . -3.89 -36.67 19.17
C8 NAG R . -5.26 -37.16 19.56
N2 NAG R . -3.03 -37.65 18.81
O3 NAG R . -0.83 -37.73 20.60
O4 NAG R . 1.34 -35.98 19.94
O5 NAG R . -0.17 -36.73 16.70
O6 NAG R . 2.62 -37.20 16.86
O7 NAG R . -3.62 -35.47 19.17
C1 NAG R . 2.39 -36.76 20.54
C2 NAG R . 3.20 -35.84 21.48
C3 NAG R . 4.29 -36.63 22.19
C4 NAG R . 3.69 -37.86 22.87
C5 NAG R . 2.88 -38.67 21.85
C6 NAG R . 2.22 -39.90 22.45
C7 NAG R . 4.60 -34.67 19.73
C8 NAG R . 4.94 -33.28 19.25
N2 NAG R . 3.73 -34.70 20.77
O3 NAG R . 4.93 -35.77 23.10
O4 NAG R . 4.78 -38.61 23.38
O5 NAG R . 1.88 -37.84 21.30
O6 NAG R . 3.21 -40.78 22.93
O7 NAG R . 5.09 -35.66 19.20
C1 NAG S . -7.39 -46.20 -5.84
C2 NAG S . -7.30 -47.25 -6.95
C3 NAG S . -8.52 -47.14 -7.86
C4 NAG S . -9.85 -47.07 -7.10
C5 NAG S . -9.73 -46.09 -5.92
C6 NAG S . -10.92 -46.02 -4.99
C7 NAG S . -5.00 -47.85 -7.59
C8 NAG S . -3.86 -47.46 -8.50
N2 NAG S . -6.09 -47.07 -7.70
O3 NAG S . -8.46 -48.21 -8.75
O4 NAG S . -10.80 -46.62 -8.05
O5 NAG S . -8.59 -46.41 -5.14
O6 NAG S . -12.00 -45.36 -5.62
O7 NAG S . -4.93 -48.81 -6.84
C1 NAG S . -11.95 -47.50 -8.18
C2 NAG S . -11.66 -48.58 -9.23
C3 NAG S . -12.87 -49.50 -9.37
C4 NAG S . -13.31 -50.04 -8.00
C5 NAG S . -13.48 -48.87 -7.03
C6 NAG S . -13.89 -49.28 -5.63
C7 NAG S . -10.28 -48.38 -11.26
C8 NAG S . -10.13 -47.63 -12.57
N2 NAG S . -11.33 -48.00 -10.51
O3 NAG S . -12.54 -50.54 -10.26
O4 NAG S . -14.52 -50.73 -8.20
O5 NAG S . -12.26 -48.15 -6.97
O6 NAG S . -14.08 -48.13 -4.84
O7 NAG S . -9.51 -49.27 -10.95
C1 NAG T . -18.27 -19.60 17.58
C2 NAG T . -17.07 -19.94 16.67
C3 NAG T . -16.18 -21.00 17.31
C4 NAG T . -15.84 -20.64 18.76
C5 NAG T . -17.14 -20.38 19.51
C6 NAG T . -16.96 -20.05 20.98
C7 NAG T . -17.20 -19.83 14.21
C8 NAG T . -17.81 -20.50 13.00
N2 NAG T . -17.52 -20.40 15.39
O3 NAG T . -15.04 -21.13 16.52
O4 NAG T . -15.13 -21.74 19.30
O5 NAG T . -17.81 -19.31 18.88
O6 NAG T . -16.06 -18.98 21.11
O7 NAG T . -16.46 -18.86 14.11
C1 NAG T . -13.78 -21.32 19.56
C2 NAG T . -13.25 -22.07 20.78
C3 NAG T . -11.84 -21.57 21.08
C4 NAG T . -10.93 -21.70 19.85
C5 NAG T . -11.62 -21.10 18.62
C6 NAG T . -10.86 -21.35 17.33
C7 NAG T . -14.78 -22.90 22.52
C8 NAG T . -15.63 -22.50 23.68
N2 NAG T . -14.11 -21.89 21.92
O3 NAG T . -11.34 -22.29 22.18
O4 NAG T . -9.75 -21.00 20.16
O5 NAG T . -12.93 -21.63 18.48
O6 NAG T . -11.60 -20.83 16.25
O7 NAG T . -14.72 -24.06 22.14
C1 BMA T . -8.64 -21.92 20.25
C2 BMA T . -7.36 -21.11 20.23
C3 BMA T . -6.12 -22.03 20.35
C4 BMA T . -6.37 -23.39 21.07
C5 BMA T . -7.63 -23.43 21.93
C6 BMA T . -7.39 -23.08 23.40
O2 BMA T . -7.43 -20.16 21.27
O3 BMA T . -5.12 -21.27 20.97
O4 BMA T . -6.44 -24.35 20.03
O5 BMA T . -8.74 -22.69 21.44
O6 BMA T . -7.06 -21.71 23.49
C1 NAG U . -10.28 -25.05 -15.96
C2 NAG U . -11.04 -25.17 -17.29
C3 NAG U . -12.53 -25.40 -17.06
C4 NAG U . -12.75 -26.57 -16.09
C5 NAG U . -11.92 -26.33 -14.82
C6 NAG U . -12.04 -27.43 -13.78
C7 NAG U . -11.10 -22.74 -17.91
C8 NAG U . -10.71 -21.79 -19.02
N2 NAG U . -10.80 -24.03 -18.14
O3 NAG U . -13.14 -25.62 -18.30
O4 NAG U . -14.13 -26.64 -15.82
O5 NAG U . -10.56 -26.19 -15.18
O6 NAG U . -11.21 -27.13 -12.68
O7 NAG U . -11.65 -22.31 -16.90
C1 NAG U . -14.67 -27.85 -16.39
C2 NAG U . -16.03 -28.13 -15.73
C3 NAG U . -16.68 -29.35 -16.40
C4 NAG U . -16.74 -29.18 -17.90
C5 NAG U . -15.32 -28.87 -18.43
C6 NAG U . -15.26 -28.67 -19.92
C7 NAG U . -16.41 -27.54 -13.38
C8 NAG U . -16.12 -27.96 -11.96
N2 NAG U . -15.88 -28.34 -14.32
O3 NAG U . -17.96 -29.50 -15.84
O4 NAG U . -17.24 -30.38 -18.44
O5 NAG U . -14.84 -27.71 -17.78
O6 NAG U . -16.19 -27.69 -20.31
O7 NAG U . -17.07 -26.54 -13.62
C1 NAG V . 9.86 -34.73 -12.42
C2 NAG V . 8.68 -35.56 -12.95
C3 NAG V . 9.16 -36.79 -13.72
C4 NAG V . 10.16 -36.39 -14.79
C5 NAG V . 11.30 -35.64 -14.11
C6 NAG V . 12.40 -35.22 -15.04
C7 NAG V . 8.00 -36.70 -10.82
C8 NAG V . 6.82 -36.87 -9.90
N2 NAG V . 7.76 -35.91 -11.89
O3 NAG V . 8.02 -37.44 -14.23
O4 NAG V . 10.61 -37.56 -15.45
O5 NAG V . 10.77 -34.49 -13.47
O6 NAG V . 11.87 -34.43 -16.07
O7 NAG V . 9.06 -37.25 -10.57
C1 NAG V . 10.00 -37.59 -16.76
C2 NAG V . 10.90 -38.32 -17.76
C3 NAG V . 10.24 -38.28 -19.14
C4 NAG V . 8.75 -38.65 -19.16
C5 NAG V . 8.01 -38.13 -17.91
C6 NAG V . 6.68 -38.77 -17.60
C7 NAG V . 13.37 -38.30 -17.59
C8 NAG V . 14.58 -37.41 -17.71
N2 NAG V . 12.19 -37.68 -17.81
O3 NAG V . 10.99 -39.12 -19.99
O4 NAG V . 8.29 -38.04 -20.35
O5 NAG V . 8.80 -38.31 -16.74
O6 NAG V . 6.84 -40.16 -17.47
O7 NAG V . 13.46 -39.48 -17.32
C1 BMA V . 7.30 -38.81 -21.09
C2 BMA V . 7.59 -38.62 -22.58
C3 BMA V . 6.50 -39.32 -23.42
C4 BMA V . 5.77 -40.49 -22.71
C5 BMA V . 6.55 -41.11 -21.55
C6 BMA V . 7.45 -42.26 -22.00
O2 BMA V . 8.88 -39.13 -22.84
O3 BMA V . 7.11 -39.71 -24.63
O4 BMA V . 4.53 -39.98 -22.28
O5 BMA V . 7.33 -40.19 -20.78
O6 BMA V . 7.38 -43.24 -21.00
C1 MAN V . 7.10 -44.52 -21.60
C2 MAN V . 6.25 -45.32 -20.63
C3 MAN V . 7.03 -45.50 -19.33
C4 MAN V . 8.40 -46.12 -19.60
C5 MAN V . 9.14 -45.35 -20.71
C6 MAN V . 10.39 -46.07 -21.17
O2 MAN V . 5.98 -46.55 -21.24
O3 MAN V . 6.25 -46.31 -18.47
O4 MAN V . 9.12 -46.07 -18.38
O5 MAN V . 8.30 -45.20 -21.85
O6 MAN V . 10.73 -45.61 -22.46
C1 NAG W . -45.69 34.27 -0.07
C2 NAG W . -44.87 35.23 -0.94
C3 NAG W . -45.58 35.48 -2.27
C4 NAG W . -45.94 34.16 -2.95
C5 NAG W . -46.72 33.28 -1.96
C6 NAG W . -47.11 31.92 -2.52
C7 NAG W . -43.40 36.82 0.22
C8 NAG W . -43.37 38.17 0.90
N2 NAG W . -44.61 36.46 -0.26
O3 NAG W . -44.74 36.27 -3.06
O4 NAG W . -46.69 34.45 -4.10
O5 NAG W . -45.94 33.09 -0.79
O6 NAG W . -45.95 31.21 -2.89
O7 NAG W . -42.40 36.13 0.11
C1 NAG W . -45.92 34.10 -5.27
C2 NAG W . -46.90 33.94 -6.45
C3 NAG W . -46.13 33.66 -7.74
C4 NAG W . -45.04 34.71 -7.94
C5 NAG W . -44.17 34.80 -6.69
C6 NAG W . -43.06 35.82 -6.78
C7 NAG W . -49.17 33.06 -6.04
C8 NAG W . -49.95 31.79 -5.77
N2 NAG W . -47.84 32.88 -6.19
O3 NAG W . -47.04 33.63 -8.80
O4 NAG W . -44.29 34.31 -9.07
O5 NAG W . -44.99 35.11 -5.59
O6 NAG W . -42.38 35.90 -5.54
O7 NAG W . -49.72 34.15 -6.10
C1 NAG X . 39.12 -14.80 -11.27
C2 NAG X . 40.42 -14.19 -11.81
C3 NAG X . 40.22 -13.83 -13.29
C4 NAG X . 39.68 -15.01 -14.10
C5 NAG X . 38.54 -15.73 -13.36
C6 NAG X . 38.16 -17.06 -13.97
C7 NAG X . 40.24 -11.89 -10.81
C8 NAG X . 41.02 -10.93 -9.95
N2 NAG X . 40.88 -13.06 -11.03
O3 NAG X . 41.45 -13.37 -13.79
O4 NAG X . 39.24 -14.44 -15.32
O5 NAG X . 38.88 -15.97 -12.01
O6 NAG X . 39.28 -17.91 -13.98
O7 NAG X . 39.13 -11.59 -11.25
C1 NAG X . 39.84 -15.06 -16.48
C2 NAG X . 40.97 -14.14 -17.01
C3 NAG X . 41.60 -14.78 -18.24
C4 NAG X . 42.06 -16.21 -17.93
C5 NAG X . 40.88 -17.00 -17.33
C6 NAG X . 41.23 -18.43 -16.95
C7 NAG X . 40.98 -11.69 -16.88
C8 NAG X . 40.27 -10.44 -17.36
N2 NAG X . 40.45 -12.84 -17.34
O3 NAG X . 42.68 -13.97 -18.64
O4 NAG X . 42.49 -16.78 -19.15
O5 NAG X . 40.42 -16.32 -16.18
O6 NAG X . 40.10 -19.04 -16.36
O7 NAG X . 41.95 -11.62 -16.14
C1 NAG Y . 10.03 36.68 36.03
C2 NAG Y . 9.02 37.78 35.70
C3 NAG Y . 9.59 39.16 36.05
C4 NAG Y . 10.14 39.20 37.48
C5 NAG Y . 11.12 38.03 37.64
C6 NAG Y . 11.77 37.92 39.01
C7 NAG Y . 9.35 37.86 33.21
C8 NAG Y . 8.57 37.75 31.92
N2 NAG Y . 8.60 37.72 34.32
O3 NAG Y . 8.57 40.10 35.85
O4 NAG Y . 10.77 40.46 37.63
O5 NAG Y . 10.45 36.82 37.38
O6 NAG Y . 12.54 36.74 39.08
O7 NAG Y . 10.55 38.07 33.19
C1 NAG Y . 10.21 41.17 38.77
C2 NAG Y . 9.22 42.23 38.26
C3 NAG Y . 8.60 42.97 39.44
C4 NAG Y . 8.01 41.99 40.44
C5 NAG Y . 9.06 40.96 40.83
C6 NAG Y . 8.57 39.90 41.81
C7 NAG Y . 9.55 43.32 36.07
C8 NAG Y . 10.36 44.35 35.32
N2 NAG Y . 9.87 43.15 37.36
O3 NAG Y . 7.64 43.87 38.93
O4 NAG Y . 7.58 42.75 41.56
O5 NAG Y . 9.53 40.32 39.66
O6 NAG Y . 7.44 39.25 41.27
O7 NAG Y . 8.66 42.69 35.51
C1 NAG Z . 19.97 30.80 28.45
C2 NAG Z . 21.22 31.35 29.15
C3 NAG Z . 21.78 32.50 28.32
C4 NAG Z . 22.03 32.06 26.88
C5 NAG Z . 20.80 31.33 26.32
C6 NAG Z . 21.05 30.73 24.95
C7 NAG Z . 20.13 32.61 31.03
C8 NAG Z . 20.14 32.72 32.53
N2 NAG Z . 20.99 31.70 30.53
O3 NAG Z . 22.96 32.93 28.96
O4 NAG Z . 22.30 33.22 26.12
O5 NAG Z . 20.37 30.31 27.20
O6 NAG Z . 20.05 31.16 24.06
O7 NAG Z . 19.39 33.32 30.35
C1 NAG Z . 23.70 33.30 25.82
C2 NAG Z . 23.88 33.80 24.38
C3 NAG Z . 25.36 34.00 24.07
C4 NAG Z . 26.02 34.89 25.14
C5 NAG Z . 25.74 34.29 26.52
C6 NAG Z . 26.31 35.10 27.66
C7 NAG Z . 22.38 33.23 22.51
C8 NAG Z . 21.94 32.12 21.59
N2 NAG Z . 23.32 32.89 23.41
O3 NAG Z . 25.46 34.55 22.79
O4 NAG Z . 27.40 34.92 24.85
O5 NAG Z . 24.34 34.17 26.70
O6 NAG Z . 25.88 34.56 28.88
O7 NAG Z . 21.89 34.35 22.44
C1 BMA Z . 27.78 36.25 24.42
C2 BMA Z . 29.30 36.27 24.32
C3 BMA Z . 29.80 37.65 23.81
C4 BMA Z . 28.78 38.46 22.97
C5 BMA Z . 27.66 37.61 22.35
C6 BMA Z . 28.00 37.08 20.97
O2 BMA Z . 29.70 35.21 23.49
O3 BMA Z . 31.00 37.39 23.12
O4 BMA Z . 28.25 39.44 23.85
O5 BMA Z . 27.19 36.55 23.17
O6 BMA Z . 28.10 38.18 20.09
C1 NAG AA . 20.11 13.91 36.33
C2 NAG AA . 20.16 12.54 37.01
C3 NAG AA . 18.89 12.36 37.86
C4 NAG AA . 18.82 13.50 38.88
C5 NAG AA . 18.90 14.84 38.11
C6 NAG AA . 18.84 16.06 39.00
C7 NAG AA . 21.56 10.93 35.86
C8 NAG AA . 21.61 9.83 34.81
N2 NAG AA . 20.36 11.48 36.06
O3 NAG AA . 18.98 11.07 38.42
O4 NAG AA . 17.61 13.46 39.61
O5 NAG AA . 20.07 14.89 37.32
O6 NAG AA . 18.91 17.22 38.21
O7 NAG AA . 22.56 11.26 36.46
C1 NAG AA . 17.62 12.63 40.78
C2 NAG AA . 18.07 13.41 42.04
C3 NAG AA . 17.74 12.65 43.33
C4 NAG AA . 16.28 12.21 43.32
C5 NAG AA . 16.05 11.33 42.10
C6 NAG AA . 14.64 10.79 41.96
C7 NAG AA . 20.02 14.93 42.14
C8 NAG AA . 21.53 14.97 42.11
N2 NAG AA . 19.48 13.70 42.03
O3 NAG AA . 18.04 13.49 44.41
O4 NAG AA . 15.94 11.58 44.56
O5 NAG AA . 16.31 12.12 40.95
O6 NAG AA . 14.52 10.10 40.74
O7 NAG AA . 19.35 15.95 42.27
C1 BMA AA . 16.76 10.44 44.89
C2 BMA AA . 17.03 10.51 46.39
C3 BMA AA . 17.83 9.28 46.88
C4 BMA AA . 17.72 8.01 46.00
C5 BMA AA . 16.51 7.98 45.07
C6 BMA AA . 15.29 7.27 45.67
O2 BMA AA . 15.79 10.64 47.04
O3 BMA AA . 17.42 9.05 48.20
O4 BMA AA . 18.92 7.97 45.25
O5 BMA AA . 16.11 9.24 44.54
O6 BMA AA . 14.74 8.09 46.67
C1 NAG BA . 17.21 1.13 39.12
C2 NAG BA . 15.82 0.64 39.55
C3 NAG BA . 15.86 0.09 40.98
C4 NAG BA . 17.00 -0.91 41.17
C5 NAG BA . 18.30 -0.31 40.65
C6 NAG BA . 19.52 -1.20 40.73
C7 NAG BA . 14.76 2.87 40.05
C8 NAG BA . 13.57 3.72 39.67
N2 NAG BA . 14.81 1.68 39.42
O3 NAG BA . 14.61 -0.49 41.26
O4 NAG BA . 17.06 -1.18 42.56
O5 NAG BA . 18.13 0.07 39.29
O6 NAG BA . 19.90 -1.37 42.08
O7 NAG BA . 15.57 3.28 40.86
C1 NAG BA . 16.85 -2.59 42.79
C2 NAG BA . 17.27 -2.90 44.23
C3 NAG BA . 17.02 -4.38 44.53
C4 NAG BA . 15.59 -4.76 44.19
C5 NAG BA . 15.26 -4.33 42.76
C6 NAG BA . 13.84 -4.62 42.34
C7 NAG BA . 19.06 -1.55 45.25
C8 NAG BA . 20.56 -1.37 45.34
N2 NAG BA . 18.65 -2.55 44.47
O3 NAG BA . 17.33 -4.61 45.87
O4 NAG BA . 15.46 -6.15 44.36
O5 NAG BA . 15.50 -2.94 42.62
O6 NAG BA . 13.62 -6.01 42.34
O7 NAG BA . 18.30 -0.81 45.86
C1 NAG CA . 38.83 -6.24 39.92
C2 NAG CA . 40.30 -6.66 39.94
C3 NAG CA . 40.49 -8.11 40.38
C4 NAG CA . 39.72 -8.36 41.68
C5 NAG CA . 38.24 -8.01 41.44
C6 NAG CA . 37.35 -8.25 42.64
C7 NAG CA . 41.68 -5.37 38.36
C8 NAG CA . 42.22 -5.33 36.96
N2 NAG CA . 40.91 -6.44 38.66
O3 NAG CA . 41.86 -8.33 40.53
O4 NAG CA . 39.95 -9.68 42.16
O5 NAG CA . 38.17 -6.64 41.10
O6 NAG CA . 36.07 -7.72 42.38
O7 NAG CA . 41.92 -4.47 39.16
C1 NAG CA . 39.66 -10.74 41.24
C2 NAG CA . 40.59 -11.92 41.58
C3 NAG CA . 40.23 -13.17 40.77
C4 NAG CA . 38.73 -13.48 40.86
C5 NAG CA . 37.96 -12.22 40.45
C6 NAG CA . 36.46 -12.39 40.49
C7 NAG CA . 42.66 -11.26 40.31
C8 NAG CA . 44.12 -10.97 40.53
N2 NAG CA . 41.99 -11.59 41.43
O3 NAG CA . 41.00 -14.24 41.27
O4 NAG CA . 38.47 -14.56 40.01
O5 NAG CA . 38.32 -11.17 41.33
O6 NAG CA . 36.07 -13.38 39.58
O7 NAG CA . 42.17 -11.18 39.19
C1 NAG DA . 45.14 -3.93 25.21
C2 NAG DA . 46.11 -3.94 24.01
C3 NAG DA . 47.19 -4.98 24.25
C4 NAG DA . 47.87 -4.73 25.59
C5 NAG DA . 46.81 -4.67 26.69
C6 NAG DA . 47.36 -4.44 28.08
C7 NAG DA . 45.11 -3.23 21.88
C8 NAG DA . 44.35 -3.71 20.66
N2 NAG DA . 45.39 -4.18 22.79
O3 NAG DA . 48.10 -4.91 23.18
O4 NAG DA . 48.78 -5.78 25.80
O5 NAG DA . 45.87 -3.65 26.39
O6 NAG DA . 46.33 -4.51 29.04
O7 NAG DA . 45.42 -2.06 22.02
C1 NAG DA . 50.13 -5.28 25.76
C2 NAG DA . 51.08 -6.48 25.61
C3 NAG DA . 52.52 -5.99 25.54
C4 NAG DA . 52.68 -4.94 24.45
C5 NAG DA . 51.64 -3.83 24.65
C6 NAG DA . 51.67 -2.76 23.59
C7 NAG DA . 50.25 -8.59 26.57
C8 NAG DA . 50.15 -9.40 27.85
N2 NAG DA . 50.89 -7.41 26.69
O3 NAG DA . 53.36 -7.10 25.31
O4 NAG DA . 53.99 -4.44 24.52
O5 NAG DA . 50.35 -4.40 24.69
O6 NAG DA . 51.50 -3.36 22.32
O7 NAG DA . 49.77 -8.98 25.53
C1 NAG EA . 37.89 -9.55 23.13
C2 NAG EA . 37.59 -10.37 21.88
C3 NAG EA . 38.00 -11.83 22.06
C4 NAG EA . 39.40 -12.00 22.62
C5 NAG EA . 39.53 -11.12 23.87
C6 NAG EA . 40.89 -11.12 24.52
C7 NAG EA . 35.64 -9.94 20.41
C8 NAG EA . 34.14 -9.99 20.38
N2 NAG EA . 36.18 -10.33 21.59
O3 NAG EA . 37.86 -12.47 20.81
O4 NAG EA . 39.51 -13.38 22.92
O5 NAG EA . 39.23 -9.79 23.51
O6 NAG EA . 41.89 -10.81 23.57
O7 NAG EA . 36.30 -9.58 19.46
C1 NAG EA . 40.72 -13.96 22.36
C2 NAG EA . 40.70 -15.45 22.72
C3 NAG EA . 41.98 -16.11 22.21
C4 NAG EA . 42.15 -15.83 20.71
C5 NAG EA . 42.03 -14.33 20.44
C6 NAG EA . 42.11 -13.99 18.97
C7 NAG EA . 39.39 -16.08 24.70
C8 NAG EA . 39.43 -16.22 26.20
N2 NAG EA . 40.53 -15.65 24.14
O3 NAG EA . 41.92 -17.47 22.49
O4 NAG EA . 43.42 -16.33 20.35
O5 NAG EA . 40.80 -13.84 20.97
O6 NAG EA . 43.40 -14.27 18.49
O7 NAG EA . 38.37 -16.35 24.06
C1 NAG FA . 46.50 5.59 8.91
C2 NAG FA . 46.97 6.42 7.72
C3 NAG FA . 47.82 5.52 6.82
C4 NAG FA . 48.99 4.93 7.62
C5 NAG FA . 48.46 4.28 8.91
C6 NAG FA . 49.54 3.78 9.84
C7 NAG FA . 44.76 6.56 6.52
C8 NAG FA . 43.87 7.57 5.84
N2 NAG FA . 45.91 7.08 7.02
O3 NAG FA . 48.26 6.29 5.73
O4 NAG FA . 49.64 4.00 6.80
O5 NAG FA . 47.64 5.17 9.63
O6 NAG FA . 48.97 3.41 11.08
O7 NAG FA . 44.44 5.38 6.58
C1 NAG FA . 50.93 4.53 6.43
C2 NAG FA . 51.90 3.39 6.09
C3 NAG FA . 53.26 3.97 5.71
C4 NAG FA . 53.14 5.04 4.61
C5 NAG FA . 52.04 6.04 4.99
C6 NAG FA . 51.75 7.06 3.89
C7 NAG FA . 52.47 2.62 8.43
C8 NAG FA . 52.45 1.39 9.28
N2 NAG FA . 52.01 2.42 7.17
O3 NAG FA . 54.08 2.91 5.32
O4 NAG FA . 54.39 5.67 4.54
O5 NAG FA . 50.83 5.37 5.29
O6 NAG FA . 50.61 7.81 4.24
O7 NAG FA . 52.86 3.69 8.87
C1 BMA FA . 55.06 5.34 3.30
C2 BMA FA . 56.31 6.21 3.22
C3 BMA FA . 57.13 5.87 1.94
C4 BMA FA . 56.92 4.46 1.36
C5 BMA FA . 56.36 3.45 2.36
C6 BMA FA . 57.43 2.71 3.16
O2 BMA FA . 57.04 6.03 4.40
O3 BMA FA . 58.47 6.13 2.27
O4 BMA FA . 56.04 4.62 0.26
O5 BMA FA . 55.39 3.97 3.27
O6 BMA FA . 56.78 1.98 4.17
C1 NAG GA . 42.39 2.87 -9.84
C2 NAG GA . 43.50 3.92 -9.87
C3 NAG GA . 43.09 5.07 -10.79
C4 NAG GA . 42.67 4.55 -12.17
C5 NAG GA . 41.72 3.34 -12.04
C6 NAG GA . 41.42 2.67 -13.36
C7 NAG GA . 43.07 5.03 -7.65
C8 NAG GA . 43.77 5.38 -6.35
N2 NAG GA . 43.85 4.39 -8.54
O3 NAG GA . 44.18 5.96 -10.86
O4 NAG GA . 42.00 5.62 -12.81
O5 NAG GA . 42.25 2.37 -11.15
O6 NAG GA . 42.63 2.34 -14.02
O7 NAG GA . 41.90 5.32 -7.82
C1 NAG GA . 42.84 6.22 -13.81
C2 NAG GA . 41.93 6.83 -14.89
C3 NAG GA . 42.75 7.64 -15.90
C4 NAG GA . 43.65 8.65 -15.19
C5 NAG GA . 44.50 7.90 -14.15
C6 NAG GA . 45.43 8.79 -13.37
C7 NAG GA . 41.55 4.76 -16.27
C8 NAG GA . 40.43 3.91 -16.81
N2 NAG GA . 41.13 5.82 -15.56
O3 NAG GA . 41.86 8.27 -16.78
O4 NAG GA . 44.45 9.26 -16.16
O5 NAG GA . 43.64 7.24 -13.24
O6 NAG GA . 46.33 9.41 -14.24
O7 NAG GA . 42.71 4.47 -16.49
C1 NAG HA . 30.02 13.12 8.56
C2 NAG HA . 29.85 11.95 7.59
C3 NAG HA . 30.90 12.02 6.49
C4 NAG HA . 30.92 13.38 5.82
C5 NAG HA . 31.07 14.46 6.90
C6 NAG HA . 31.04 15.88 6.37
C7 NAG HA . 29.05 9.69 8.12
C8 NAG HA . 29.34 8.45 8.94
N2 NAG HA . 29.93 10.69 8.28
O3 NAG HA . 30.62 10.99 5.56
O4 NAG HA . 32.00 13.37 4.92
O5 NAG HA . 30.01 14.33 7.83
O6 NAG HA . 30.85 16.78 7.42
O7 NAG HA . 28.09 9.75 7.37
C1 NAG HA . 31.49 13.61 3.58
C2 NAG HA . 32.60 14.27 2.76
C3 NAG HA . 32.05 14.60 1.38
C4 NAG HA . 31.44 13.37 0.72
C5 NAG HA . 30.48 12.65 1.69
C6 NAG HA . 29.95 11.34 1.17
C7 NAG HA . 34.30 15.49 4.05
C8 NAG HA . 34.64 16.82 4.68
N2 NAG HA . 33.11 15.44 3.42
O3 NAG HA . 33.08 15.16 0.61
O4 NAG HA . 30.75 13.82 -0.43
O5 NAG HA . 31.13 12.42 2.92
O6 NAG HA . 29.19 10.70 2.17
O7 NAG HA . 35.07 14.53 4.13
C1 BMA HA . 31.44 13.37 -1.62
C2 BMA HA . 30.44 13.43 -2.77
C3 BMA HA . 31.11 12.99 -4.10
C4 BMA HA . 32.64 13.20 -4.16
C5 BMA HA . 33.21 14.19 -3.14
C6 BMA HA . 33.33 15.62 -3.66
O2 BMA HA . 29.92 14.74 -2.83
O3 BMA HA . 30.43 13.68 -5.12
O4 BMA HA . 33.20 11.90 -3.98
O5 BMA HA . 32.56 14.19 -1.88
O6 BMA HA . 32.03 16.14 -3.84
C1 NAG IA . 20.12 -20.99 6.20
C2 NAG IA . 19.68 -21.78 7.43
C3 NAG IA . 20.70 -21.62 8.58
C4 NAG IA . 22.15 -21.84 8.13
C5 NAG IA . 22.40 -21.15 6.78
C6 NAG IA . 23.75 -21.47 6.18
C7 NAG IA . 17.89 -20.29 8.37
C8 NAG IA . 16.41 -20.27 8.68
N2 NAG IA . 18.34 -21.44 7.84
O3 NAG IA . 20.25 -22.49 9.59
O4 NAG IA . 23.03 -21.27 9.08
O5 NAG IA . 21.39 -21.47 5.85
O6 NAG IA . 24.75 -20.72 6.82
O7 NAG IA . 18.59 -19.30 8.60
C1 NAG IA . 23.28 -22.14 10.21
C2 NAG IA . 24.78 -22.20 10.50
C3 NAG IA . 25.05 -22.93 11.81
C4 NAG IA . 24.19 -22.37 12.95
C5 NAG IA . 22.73 -22.41 12.51
C6 NAG IA . 21.77 -21.88 13.55
C7 NAG IA . 26.53 -22.34 8.76
C8 NAG IA . 27.09 -23.23 7.68
N2 NAG IA . 25.48 -22.86 9.43
O3 NAG IA . 26.42 -22.83 12.10
O4 NAG IA . 24.42 -23.18 14.08
O5 NAG IA . 22.59 -21.63 11.33
O6 NAG IA . 22.11 -20.55 13.88
O7 NAG IA . 27.01 -21.25 9.00
C1 NAG JA . 26.89 -23.28 -15.73
C2 NAG JA . 27.59 -24.26 -14.78
C3 NAG JA . 28.35 -25.31 -15.58
C4 NAG JA . 27.43 -25.99 -16.60
C5 NAG JA . 26.74 -24.91 -17.44
C6 NAG JA . 25.76 -25.46 -18.45
C7 NAG JA . 29.52 -22.83 -14.06
C8 NAG JA . 30.17 -22.28 -12.81
N2 NAG JA . 28.43 -23.60 -13.82
O3 NAG JA . 28.91 -26.21 -14.67
O4 NAG JA . 28.19 -26.85 -17.40
O5 NAG JA . 26.06 -24.00 -16.60
O6 NAG JA . 24.77 -26.21 -17.79
O7 NAG JA . 29.97 -22.56 -15.16
C1 NAG JA . 27.96 -28.21 -16.99
C2 NAG JA . 27.97 -29.12 -18.22
C3 NAG JA . 27.90 -30.58 -17.80
C4 NAG JA . 28.95 -30.92 -16.76
C5 NAG JA . 28.82 -29.93 -15.59
C6 NAG JA . 29.83 -30.10 -14.47
C7 NAG JA . 26.97 -28.34 -20.34
C8 NAG JA . 25.66 -28.09 -21.05
N2 NAG JA . 26.85 -28.82 -19.09
O3 NAG JA . 28.05 -31.37 -18.95
O4 NAG JA . 28.69 -32.26 -16.37
O5 NAG JA . 28.98 -28.62 -16.10
O6 NAG JA . 31.13 -30.00 -14.98
O7 NAG JA . 28.04 -28.12 -20.89
C1 BMA JA . 29.89 -33.05 -16.51
C2 BMA JA . 29.77 -34.20 -15.52
C3 BMA JA . 31.11 -34.98 -15.51
C4 BMA JA . 31.85 -35.04 -16.87
C5 BMA JA . 31.10 -34.49 -18.10
C6 BMA JA . 30.66 -35.57 -19.08
O2 BMA JA . 28.67 -34.98 -15.87
O3 BMA JA . 30.83 -36.23 -14.93
O4 BMA JA . 33.04 -34.30 -16.66
O5 BMA JA . 30.04 -33.59 -17.82
O6 BMA JA . 29.31 -35.91 -18.87
C1 MAN JA . 31.60 -36.33 -13.70
C2 MAN JA . 31.56 -37.78 -13.22
C3 MAN JA . 30.18 -38.14 -12.66
C4 MAN JA . 29.77 -37.15 -11.57
C5 MAN JA . 29.81 -35.74 -12.16
C6 MAN JA . 29.52 -34.69 -11.12
O2 MAN JA . 32.56 -37.92 -12.25
O3 MAN JA . 30.25 -39.46 -12.16
O4 MAN JA . 28.48 -37.51 -11.15
O5 MAN JA . 31.09 -35.47 -12.71
O6 MAN JA . 29.06 -33.52 -11.75
C1 MAN JA . 28.91 -36.76 -19.97
C2 MAN JA . 27.39 -36.69 -20.12
C3 MAN JA . 26.68 -37.43 -18.98
C4 MAN JA . 27.25 -38.83 -18.77
C5 MAN JA . 28.77 -38.72 -18.61
C6 MAN JA . 29.42 -40.10 -18.50
O2 MAN JA . 27.08 -37.27 -21.37
O3 MAN JA . 25.31 -37.47 -19.29
O4 MAN JA . 26.64 -39.37 -17.63
O5 MAN JA . 29.34 -38.08 -19.73
O6 MAN JA . 30.75 -39.94 -18.08
C1 NAG KA . 3.95 -19.23 -40.88
C2 NAG KA . 2.80 -19.35 -41.89
C3 NAG KA . 2.14 -20.72 -41.84
C4 NAG KA . 3.22 -21.79 -42.02
C5 NAG KA . 4.24 -21.63 -40.87
C6 NAG KA . 5.38 -22.63 -40.90
C7 NAG KA . 1.63 -17.28 -42.53
C8 NAG KA . 0.57 -16.29 -42.12
N2 NAG KA . 1.83 -18.31 -41.67
O3 NAG KA . 1.17 -20.77 -42.85
O4 NAG KA . 2.63 -23.07 -42.12
O5 NAG KA . 4.82 -20.35 -40.98
O6 NAG KA . 4.99 -23.83 -40.26
O7 NAG KA . 2.27 -17.14 -43.57
C1 NAG KA . 1.82 -23.44 -40.97
C2 NAG KA . 0.57 -24.19 -41.49
C3 NAG KA . -0.23 -24.74 -40.32
C4 NAG KA . 0.64 -25.59 -39.42
C5 NAG KA . 1.84 -24.72 -38.96
C6 NAG KA . 2.81 -25.45 -38.07
C7 NAG KA . -0.59 -23.62 -43.58
C8 NAG KA . -1.46 -22.58 -44.26
N2 NAG KA . -0.23 -23.33 -42.31
O3 NAG KA . -1.30 -25.48 -40.86
O4 NAG KA . -0.15 -26.01 -38.33
O5 NAG KA . 2.54 -24.29 -40.11
O6 NAG KA . 3.29 -26.61 -38.72
O7 NAG KA . -0.26 -24.63 -44.16
C1 BMA KA . -0.22 -27.45 -38.33
C2 BMA KA . -1.18 -27.87 -37.22
C3 BMA KA . -1.29 -29.41 -37.15
C4 BMA KA . -1.00 -30.16 -38.48
C5 BMA KA . -1.09 -29.29 -39.74
C6 BMA KA . -2.45 -29.35 -40.43
O2 BMA KA . -2.42 -27.25 -37.43
O3 BMA KA . -2.56 -29.70 -36.63
O4 BMA KA . 0.30 -30.70 -38.34
O5 BMA KA . -0.70 -27.94 -39.58
O6 BMA KA . -3.41 -28.76 -39.58
C1 NAG LA . -20.39 48.04 -15.95
C2 NAG LA . -20.68 48.55 -17.38
C3 NAG LA . -21.91 49.45 -17.30
C4 NAG LA . -23.11 48.74 -16.61
C5 NAG LA . -22.65 48.04 -15.31
C6 NAG LA . -23.71 47.17 -14.69
C7 NAG LA . -19.03 49.07 -19.13
C8 NAG LA . -17.88 49.99 -19.50
N2 NAG LA . -19.57 49.30 -17.93
O3 NAG LA . -22.23 49.87 -18.59
O4 NAG LA . -24.30 49.52 -16.46
O5 NAG LA . -21.50 47.27 -15.55
O6 NAG LA . -24.08 46.15 -15.60
O7 NAG LA . -19.41 48.20 -19.90
C1 NAG LA . -24.42 50.97 -16.17
C2 NAG LA . -23.72 51.36 -14.83
C3 NAG LA . -23.87 52.87 -14.58
C4 NAG LA . -23.38 53.66 -15.79
C5 NAG LA . -24.12 53.16 -17.04
C6 NAG LA . -23.72 53.90 -18.30
C7 NAG LA . -23.59 50.16 -12.67
C8 NAG LA . -24.40 49.43 -11.63
N2 NAG LA . -24.29 50.63 -13.72
O3 NAG LA . -23.15 53.19 -13.42
O4 NAG LA . -23.66 55.02 -15.53
O5 NAG LA . -23.86 51.79 -17.20
O6 NAG LA . -24.04 55.26 -18.19
O7 NAG LA . -22.39 50.31 -12.54
C1 NAG MA . -18.54 37.58 -25.11
C2 NAG MA . -19.46 38.44 -26.00
C3 NAG MA . -20.82 37.77 -26.10
C4 NAG MA . -20.71 36.32 -26.56
C5 NAG MA . -19.61 35.58 -25.80
C6 NAG MA . -19.25 34.23 -26.40
C7 NAG MA . -20.03 40.28 -24.38
C8 NAG MA . -19.97 41.78 -24.24
N2 NAG MA . -19.54 39.81 -25.55
O3 NAG MA . -21.63 38.53 -26.95
O4 NAG MA . -21.96 35.73 -26.33
O5 NAG MA . -18.42 36.34 -25.75
O6 NAG MA . -18.85 34.39 -27.73
O7 NAG MA . -20.51 39.59 -23.49
C1 NAG MA . -22.55 35.29 -27.58
C2 NAG MA . -23.24 33.95 -27.33
C3 NAG MA . -23.93 33.48 -28.62
C4 NAG MA . -24.87 34.57 -29.13
C5 NAG MA . -24.08 35.87 -29.30
C6 NAG MA . -24.90 37.04 -29.78
C7 NAG MA . -22.36 32.39 -25.64
C8 NAG MA . -21.30 31.34 -25.37
N2 NAG MA . -22.32 32.94 -26.87
O3 NAG MA . -24.60 32.29 -28.34
O4 NAG MA . -25.41 34.12 -30.35
O5 NAG MA . -23.49 36.22 -28.05
O6 NAG MA . -25.98 37.25 -28.90
O7 NAG MA . -23.19 32.69 -24.79
C1 BMA MA . -26.82 33.89 -30.20
C2 BMA MA . -27.36 33.41 -31.56
C3 BMA MA . -28.88 33.13 -31.47
C4 BMA MA . -29.41 32.78 -30.05
C5 BMA MA . -28.34 32.28 -29.08
C6 BMA MA . -28.14 30.77 -29.13
O2 BMA MA . -26.62 32.30 -31.95
O3 BMA MA . -29.14 32.12 -32.41
O4 BMA MA . -30.03 33.95 -29.57
O5 BMA MA . -27.08 32.92 -29.20
O6 BMA MA . -29.32 30.16 -28.62
C1 NAG NA . -0.71 39.36 -29.33
C2 NAG NA . 0.78 38.99 -29.29
C3 NAG NA . 1.45 39.59 -28.07
C4 NAG NA . 1.13 41.08 -27.92
C5 NAG NA . -0.39 41.27 -27.98
C6 NAG NA . -0.84 42.71 -27.85
C7 NAG NA . 0.93 36.80 -30.41
C8 NAG NA . 1.12 35.32 -30.18
N2 NAG NA . 0.94 37.56 -29.31
O3 NAG NA . 2.83 39.36 -28.17
O4 NAG NA . 1.65 41.49 -26.68
O5 NAG NA . -0.86 40.76 -29.21
O6 NAG NA . -2.25 42.76 -27.92
O7 NAG NA . 0.78 37.25 -31.53
C1 NAG NA . 2.71 42.45 -26.89
C2 NAG NA . 3.31 42.79 -25.51
C3 NAG NA . 4.52 43.71 -25.65
C4 NAG NA . 5.51 43.15 -26.68
C5 NAG NA . 4.76 42.86 -27.99
C6 NAG NA . 5.64 42.30 -29.09
C7 NAG NA . 1.64 42.68 -23.71
C8 NAG NA . 0.63 43.49 -22.93
N2 NAG NA . 2.31 43.37 -24.65
O3 NAG NA . 5.10 43.84 -24.37
O4 NAG NA . 6.63 43.99 -26.86
O5 NAG NA . 3.71 41.94 -27.73
O6 NAG NA . 4.86 42.05 -30.23
O7 NAG NA . 1.81 41.50 -23.48
C1 BMA NA . 6.34 45.41 -26.94
C2 BMA NA . 7.62 46.13 -26.51
C3 BMA NA . 7.45 47.67 -26.58
C4 BMA NA . 6.35 48.16 -27.54
C5 BMA NA . 5.94 47.17 -28.63
C6 BMA NA . 6.71 47.36 -29.95
O2 BMA NA . 8.67 45.67 -27.32
O3 BMA NA . 8.72 48.19 -26.88
O4 BMA NA . 5.24 48.50 -26.72
O5 BMA NA . 5.98 45.80 -28.26
O6 BMA NA . 8.04 46.93 -29.75
C1 NAG OA . 12.40 35.83 -28.70
C2 NAG OA . 12.94 36.74 -27.57
C3 NAG OA . 14.21 37.49 -27.99
C4 NAG OA . 15.22 36.50 -28.58
C5 NAG OA . 14.56 35.78 -29.75
C6 NAG OA . 15.47 34.81 -30.47
C7 NAG OA . 11.26 38.60 -27.77
C8 NAG OA . 10.25 39.37 -26.94
N2 NAG OA . 11.92 37.64 -27.09
O3 NAG OA . 14.71 38.16 -26.87
O4 NAG OA . 16.44 37.13 -28.92
O5 NAG OA . 13.45 35.06 -29.24
O6 NAG OA . 14.87 34.40 -31.69
O7 NAG OA . 11.44 38.88 -28.94
C1 NAG OA . 16.34 38.33 -29.73
C2 NAG OA . 17.60 39.16 -29.48
C3 NAG OA . 17.61 40.41 -30.36
C4 NAG OA . 17.38 40.04 -31.83
C5 NAG OA . 16.12 39.18 -31.94
C6 NAG OA . 15.82 38.73 -33.35
C7 NAG OA . 18.73 39.08 -27.30
C8 NAG OA . 18.68 39.57 -25.87
N2 NAG OA . 17.74 39.51 -28.10
O3 NAG OA . 18.83 41.07 -30.17
O4 NAG OA . 17.28 41.24 -32.55
O5 NAG OA . 16.26 38.04 -31.11
O6 NAG OA . 15.57 39.84 -34.17
O7 NAG OA . 19.64 38.35 -27.68
C1 NAG PA . 6.35 17.20 -53.36
C2 NAG PA . 5.97 15.83 -53.92
C3 NAG PA . 6.76 15.58 -55.19
C4 NAG PA . 6.51 16.70 -56.19
C5 NAG PA . 6.83 18.04 -55.52
C6 NAG PA . 6.59 19.24 -56.40
C7 NAG PA . 5.19 14.15 -52.32
C8 NAG PA . 5.63 13.09 -51.34
N2 NAG PA . 6.19 14.79 -52.95
O3 NAG PA . 6.38 14.31 -55.69
O4 NAG PA . 7.33 16.47 -57.32
O5 NAG PA . 6.05 18.18 -54.33
O6 NAG PA . 6.95 20.42 -55.71
O7 NAG PA . 4.01 14.39 -52.51
C1 NAG PA . 6.53 16.08 -58.45
C2 NAG PA . 7.44 16.00 -59.69
C3 NAG PA . 6.65 15.50 -60.89
C4 NAG PA . 5.91 14.20 -60.56
C5 NAG PA . 5.06 14.41 -59.30
C6 NAG PA . 4.31 13.17 -58.86
C7 NAG PA . 9.35 17.53 -59.78
C8 NAG PA . 9.78 18.94 -60.14
N2 NAG PA . 8.05 17.26 -59.95
O3 NAG PA . 7.54 15.34 -61.95
O4 NAG PA . 5.10 13.89 -61.68
O5 NAG PA . 5.91 14.83 -58.24
O6 NAG PA . 5.22 12.11 -58.68
O7 NAG PA . 10.15 16.71 -59.36
C1 NAG QA . 11.80 14.14 -47.18
C2 NAG QA . 12.17 12.71 -46.76
C3 NAG QA . 13.39 12.19 -47.54
C4 NAG QA . 13.22 12.42 -49.04
C5 NAG QA . 13.04 13.94 -49.20
C6 NAG QA . 13.04 14.48 -50.61
C7 NAG QA . 11.57 12.16 -44.44
C8 NAG QA . 12.06 12.22 -43.02
N2 NAG QA . 12.43 12.66 -45.35
O3 NAG QA . 13.54 10.84 -47.21
O4 NAG QA . 14.36 11.89 -49.67
O5 NAG QA . 11.82 14.29 -48.58
O6 NAG QA . 11.99 13.89 -51.34
O7 NAG QA . 10.49 11.68 -44.72
C1 NAG QA . 14.03 10.99 -50.76
C2 NAG QA . 13.80 9.57 -50.21
C3 NAG QA . 13.41 8.63 -51.35
C4 NAG QA . 12.24 9.19 -52.17
C5 NAG QA . 12.56 10.63 -52.58
C6 NAG QA . 11.43 11.30 -53.34
C7 NAG QA . 14.93 8.35 -48.39
C8 NAG QA . 16.27 7.93 -47.85
N2 NAG QA . 14.96 9.07 -49.53
O3 NAG QA . 13.10 7.38 -50.79
O4 NAG QA . 12.07 8.34 -53.27
O5 NAG QA . 12.84 11.39 -51.42
O6 NAG QA . 11.20 10.59 -54.54
O7 NAG QA . 13.89 8.05 -47.82
C1 NAG RA . -8.53 6.32 -50.18
C2 NAG RA . -9.87 5.60 -50.36
C3 NAG RA . -9.62 4.26 -51.03
C4 NAG RA . -8.90 4.48 -52.36
C5 NAG RA . -7.66 5.38 -52.16
C6 NAG RA . -6.97 5.75 -53.45
C7 NAG RA . -10.19 4.87 -47.99
C8 NAG RA . -11.21 4.91 -46.88
N2 NAG RA . -10.60 5.47 -49.13
O3 NAG RA . -10.85 3.62 -51.19
O4 NAG RA . -8.54 3.21 -52.85
O5 NAG RA . -8.00 6.57 -51.47
O6 NAG RA . -5.93 6.67 -53.18
O7 NAG RA . -9.11 4.31 -47.85
C1 NAG RA . -9.39 2.88 -53.98
C2 NAG RA . -8.71 1.81 -54.82
C3 NAG RA . -9.60 1.49 -56.03
C4 NAG RA . -11.02 1.13 -55.59
C5 NAG RA . -11.55 2.19 -54.62
C6 NAG RA . -12.89 1.85 -54.02
C7 NAG RA . -6.97 3.22 -55.95
C8 NAG RA . -5.48 3.30 -56.16
N2 NAG RA . -7.36 2.17 -55.21
O3 NAG RA . -9.00 0.44 -56.74
O4 NAG RA . -11.79 1.09 -56.77
O5 NAG RA . -10.63 2.38 -53.56
O6 NAG RA . -12.82 0.61 -53.35
O7 NAG RA . -7.71 4.06 -56.44
C1 BMA RA . -12.28 -0.26 -57.00
C2 BMA RA . -13.10 -0.23 -58.28
C3 BMA RA . -13.62 -1.63 -58.63
C4 BMA RA . -12.80 -2.82 -58.06
C5 BMA RA . -11.36 -2.46 -57.68
C6 BMA RA . -10.38 -2.64 -58.84
O2 BMA RA . -12.31 0.33 -59.30
O3 BMA RA . -13.73 -1.68 -60.04
O4 BMA RA . -13.53 -3.28 -56.93
O5 BMA RA . -11.19 -1.17 -57.13
O6 BMA RA . -9.14 -2.09 -58.44
C1 NAG SA . -12.82 -11.51 -42.79
C2 NAG SA . -13.98 -11.20 -43.75
C3 NAG SA . -15.29 -11.68 -43.15
C4 NAG SA . -15.21 -13.14 -42.69
C5 NAG SA . -13.94 -13.37 -41.86
C6 NAG SA . -13.70 -14.80 -41.47
C7 NAG SA . -14.23 -8.74 -43.29
C8 NAG SA . -14.25 -7.41 -44.00
N2 NAG SA . -14.05 -9.80 -44.10
O3 NAG SA . -16.31 -11.50 -44.09
O4 NAG SA . -16.37 -13.38 -41.93
O5 NAG SA . -12.80 -12.89 -42.57
O6 NAG SA . -13.75 -15.62 -42.61
O7 NAG SA . -14.38 -8.79 -42.08
C1 NAG SA . -17.18 -14.40 -42.55
C2 NAG SA . -18.26 -14.81 -41.55
C3 NAG SA . -19.22 -15.83 -42.17
C4 NAG SA . -19.75 -15.31 -43.50
C5 NAG SA . -18.57 -14.91 -44.40
C6 NAG SA . -18.99 -14.35 -45.75
C7 NAG SA . -16.89 -16.35 -40.10
C8 NAG SA . -16.48 -16.55 -38.67
N2 NAG SA . -17.70 -15.29 -40.30
O3 NAG SA . -20.25 -16.07 -41.25
O4 NAG SA . -20.51 -16.36 -44.08
O5 NAG SA . -17.79 -13.93 -43.73
O6 NAG SA . -17.86 -13.97 -46.48
O7 NAG SA . -16.50 -17.11 -40.98
C1 NAG TA . 12.61 -12.02 -47.72
C2 NAG TA . 14.00 -12.55 -48.04
C3 NAG TA . 14.96 -11.36 -48.24
C4 NAG TA . 14.40 -10.31 -49.20
C5 NAG TA . 12.95 -9.98 -48.83
C6 NAG TA . 12.22 -9.02 -49.75
C7 NAG TA . 14.50 -14.74 -47.05
C8 NAG TA . 15.04 -15.43 -45.82
N2 NAG TA . 14.48 -13.40 -46.99
O3 NAG TA . 16.18 -11.88 -48.68
O4 NAG TA . 15.24 -9.18 -49.07
O5 NAG TA . 12.19 -11.17 -48.75
O6 NAG TA . 12.23 -9.53 -51.06
O7 NAG TA . 14.13 -15.38 -48.02
C1 NAG TA . 15.78 -8.74 -50.34
C2 NAG TA . 17.18 -9.35 -50.53
C3 NAG TA . 17.77 -8.86 -51.85
C4 NAG TA . 16.81 -9.15 -53.00
C5 NAG TA . 15.42 -8.59 -52.66
C6 NAG TA . 14.37 -8.87 -53.71
C7 NAG TA . 18.68 -9.89 -48.64
C8 NAG TA . 19.54 -9.30 -47.55
N2 NAG TA . 18.06 -9.00 -49.44
O3 NAG TA . 19.01 -9.49 -52.04
O4 NAG TA . 17.35 -8.54 -54.16
O5 NAG TA . 15.00 -9.15 -51.43
O6 NAG TA . 13.12 -8.36 -53.29
O7 NAG TA . 18.56 -11.10 -48.77
C1 NAG UA . -12.55 11.37 -33.26
C2 NAG UA . -11.95 10.04 -32.81
C3 NAG UA . -12.59 8.86 -33.53
C4 NAG UA . -14.11 8.94 -33.47
C5 NAG UA . -14.54 10.30 -34.00
C6 NAG UA . -16.04 10.52 -34.03
C7 NAG UA . -9.60 9.86 -32.07
C8 NAG UA . -8.17 9.89 -32.53
N2 NAG UA . -10.53 10.04 -33.03
O3 NAG UA . -12.10 7.68 -32.94
O4 NAG UA . -14.61 7.87 -34.25
O5 NAG UA . -13.97 11.30 -33.19
O6 NAG UA . -16.59 10.18 -32.79
O7 NAG UA . -9.90 9.70 -30.89
C1 NAG UA . -15.35 6.97 -33.42
C2 NAG UA . -16.32 6.16 -34.29
C3 NAG UA . -17.12 5.22 -33.41
C4 NAG UA . -16.21 4.35 -32.54
C5 NAG UA . -15.20 5.23 -31.81
C6 NAG UA . -14.18 4.48 -31.00
C7 NAG UA . -17.17 7.15 -36.38
C8 NAG UA . -18.17 8.14 -36.94
N2 NAG UA . -17.18 7.05 -35.03
O3 NAG UA . -17.95 4.45 -34.24
O4 NAG UA . -17.04 3.66 -31.64
O5 NAG UA . -14.51 6.06 -32.73
O6 NAG UA . -13.49 3.57 -31.83
O7 NAG UA . -16.42 6.51 -37.09
C1 BMA UA . -16.98 2.23 -31.90
C2 BMA UA . -17.89 1.55 -30.90
C3 BMA UA . -17.86 0.01 -31.10
C4 BMA UA . -17.50 -0.46 -32.53
C5 BMA UA . -17.66 0.60 -33.63
C6 BMA UA . -19.02 0.56 -34.33
O2 BMA UA . -19.18 2.08 -31.04
O3 BMA UA . -19.11 -0.47 -30.67
O4 BMA UA . -16.16 -0.90 -32.46
O5 BMA UA . -17.38 1.94 -33.22
O6 BMA UA . -20.02 0.91 -33.41
C1 NAG VA . 18.81 -2.05 -26.62
C2 NAG VA . 20.09 -1.19 -26.64
C3 NAG VA . 20.00 -0.13 -27.75
C4 NAG VA . 19.61 -0.75 -29.09
C5 NAG VA . 18.39 -1.65 -28.91
C6 NAG VA . 17.98 -2.38 -30.18
C7 NAG VA . 19.65 0.34 -24.68
C8 NAG VA . 20.23 0.73 -23.35
N2 NAG VA . 20.36 -0.60 -25.35
O3 NAG VA . 21.23 0.54 -27.79
O4 NAG VA . 19.32 0.32 -29.96
O5 NAG VA . 18.64 -2.61 -27.90
O6 NAG VA . 19.10 -3.06 -30.70
O7 NAG VA . 18.62 0.85 -25.08
C1 NAG VA . 20.37 0.48 -30.93
C2 NAG VA . 19.83 1.28 -32.12
C3 NAG VA . 20.94 1.58 -33.12
C4 NAG VA . 22.14 2.22 -32.43
C5 NAG VA . 22.57 1.32 -31.27
C6 NAG VA . 23.75 1.88 -30.49
C7 NAG VA . 17.48 1.04 -32.84
C8 NAG VA . 16.51 0.14 -33.55
N2 NAG VA . 18.75 0.58 -32.76
O3 NAG VA . 20.41 2.41 -34.12
O4 NAG VA . 23.15 2.37 -33.40
O5 NAG VA . 21.47 1.16 -30.39
O6 NAG VA . 23.44 3.16 -30.02
O7 NAG VA . 17.12 2.11 -32.36
C1 NAG WA . 12.35 -24.27 -28.81
C2 NAG WA . 13.48 -23.70 -29.69
C3 NAG WA . 14.12 -24.82 -30.51
C4 NAG WA . 14.54 -25.99 -29.62
C5 NAG WA . 13.36 -26.42 -28.74
C6 NAG WA . 13.70 -27.53 -27.77
C7 NAG WA . 12.07 -22.68 -31.51
C8 NAG WA . 11.86 -21.35 -32.20
N2 NAG WA . 13.02 -22.63 -30.53
O3 NAG WA . 15.21 -24.28 -31.20
O4 NAG WA . 14.96 -27.03 -30.48
O5 NAG WA . 12.88 -25.30 -28.01
O6 NAG WA . 12.63 -27.73 -26.88
O7 NAG WA . 11.44 -23.67 -31.83
C1 NAG WA . 16.36 -27.28 -30.27
C2 NAG WA . 16.71 -28.60 -30.99
C3 NAG WA . 18.21 -28.89 -30.87
C4 NAG WA . 19.02 -27.68 -31.32
C5 NAG WA . 18.55 -26.43 -30.56
C6 NAG WA . 19.27 -25.16 -30.95
C7 NAG WA . 15.85 -30.21 -29.26
C8 NAG WA . 14.90 -31.38 -29.11
N2 NAG WA . 15.91 -29.71 -30.51
O3 NAG WA . 18.50 -30.02 -31.63
O4 NAG WA . 20.38 -27.96 -31.05
O5 NAG WA . 17.17 -26.26 -30.80
O6 NAG WA . 19.18 -24.96 -32.34
O7 NAG WA . 16.48 -29.81 -28.29
C1 NAG XA . 14.26 29.91 -50.61
C2 NAG XA . 14.60 30.20 -52.08
C3 NAG XA . 15.83 29.39 -52.48
C4 NAG XA . 16.99 29.53 -51.49
C5 NAG XA . 16.47 29.42 -50.04
C6 NAG XA . 17.50 29.71 -48.96
C7 NAG XA . 12.79 28.83 -53.14
C8 NAG XA . 11.66 28.94 -54.13
N2 NAG XA . 13.47 29.97 -52.95
O3 NAG XA . 16.19 29.80 -53.77
O4 NAG XA . 17.87 28.48 -51.80
O5 NAG XA . 15.37 30.28 -49.82
O6 NAG XA . 16.88 29.65 -47.70
O7 NAG XA . 13.03 27.75 -52.60
C1 NAG XA . 19.22 28.93 -52.09
C2 NAG XA . 19.37 29.18 -53.60
C3 NAG XA . 20.80 29.65 -53.90
C4 NAG XA . 21.18 30.84 -53.03
C5 NAG XA . 20.89 30.51 -51.56
C6 NAG XA . 21.20 31.64 -50.59
C7 NAG XA . 18.15 27.98 -55.36
C8 NAG XA . 17.97 26.63 -56.03
N2 NAG XA . 19.05 28.01 -54.36
O3 NAG XA . 20.87 29.96 -55.27
O4 NAG XA . 22.55 31.10 -53.25
O5 NAG XA . 19.54 30.15 -51.42
O6 NAG XA . 20.45 32.78 -50.95
O7 NAG XA . 17.51 28.96 -55.72
C1 NAG YA . 2.07 56.32 8.49
C2 NAG YA . 2.49 55.69 9.82
C3 NAG YA . 3.99 55.90 10.03
C4 NAG YA . 4.80 55.47 8.82
C5 NAG YA . 4.23 56.11 7.56
C6 NAG YA . 4.91 55.68 6.27
C7 NAG YA . 0.53 55.80 11.31
C8 NAG YA . -0.07 56.54 12.49
N2 NAG YA . 1.74 56.24 10.91
O3 NAG YA . 4.36 55.22 11.21
O4 NAG YA . 6.14 55.87 9.03
O5 NAG YA . 2.85 55.79 7.45
O6 NAG YA . 4.77 54.30 6.10
O7 NAG YA . -0.06 54.87 10.78
C1 NAG YA . 6.96 54.72 9.28
C2 NAG YA . 8.40 55.05 8.85
C3 NAG YA . 9.34 53.90 9.23
C4 NAG YA . 9.18 53.53 10.70
C5 NAG YA . 7.71 53.23 10.97
C6 NAG YA . 7.41 52.85 12.41
C7 NAG YA . 8.75 56.50 6.89
C8 NAG YA . 8.76 56.53 5.38
N2 NAG YA . 8.46 55.30 7.43
O3 NAG YA . 10.65 54.30 8.93
O4 NAG YA . 9.99 52.39 10.93
O5 NAG YA . 6.94 54.38 10.65
O6 NAG YA . 6.03 52.72 12.60
O7 NAG YA . 8.99 57.50 7.55
C1 NAG ZA . -25.94 -35.93 1.44
C2 NAG ZA . -25.53 -35.94 -0.04
C3 NAG ZA . -26.69 -36.50 -0.86
C4 NAG ZA . -27.20 -37.83 -0.32
C5 NAG ZA . -27.42 -37.74 1.19
C6 NAG ZA . -27.79 -39.06 1.82
C7 NAG ZA . -24.10 -34.36 -1.26
C8 NAG ZA . -23.93 -32.90 -1.62
N2 NAG ZA . -25.18 -34.63 -0.50
O3 NAG ZA . -26.26 -36.61 -2.19
O4 NAG ZA . -28.39 -38.12 -1.00
O5 NAG ZA . -26.26 -37.25 1.83
O6 NAG ZA . -26.86 -40.05 1.43
O7 NAG ZA . -23.32 -35.22 -1.65
C1 NAG AB . -23.15 -21.03 22.71
C2 NAG AB . -24.29 -20.98 23.73
C3 NAG AB . -23.78 -21.32 25.13
C4 NAG AB . -22.98 -22.61 25.11
C5 NAG AB . -21.89 -22.53 24.04
C6 NAG AB . -21.05 -23.79 23.92
C7 NAG AB . -24.50 -18.49 23.95
C8 NAG AB . -25.52 -17.38 23.82
N2 NAG AB . -25.00 -19.72 23.70
O3 NAG AB . -24.88 -21.37 26.00
O4 NAG AB . -22.42 -22.78 26.40
O5 NAG AB . -22.50 -22.28 22.78
O6 NAG AB . -20.19 -23.68 22.81
O7 NAG AB . -23.34 -18.24 24.26
C1 NAG BB . -40.59 -33.61 16.99
C2 NAG BB . -40.78 -35.12 16.75
C3 NAG BB . -42.25 -35.50 16.87
C4 NAG BB . -42.86 -34.99 18.16
C5 NAG BB . -42.61 -33.48 18.25
C6 NAG BB . -43.16 -32.84 19.50
C7 NAG BB . -39.17 -36.28 15.28
C8 NAG BB . -38.83 -36.55 13.84
N2 NAG BB . -40.26 -35.51 15.47
O3 NAG BB . -42.33 -36.91 16.78
O4 NAG BB . -44.23 -35.28 18.12
O5 NAG BB . -41.22 -33.25 18.20
O6 NAG BB . -42.61 -33.46 20.64
O7 NAG BB . -38.50 -36.73 16.19
C1 NAG CB . -43.81 19.90 -0.80
C2 NAG CB . -43.98 20.03 -2.32
C3 NAG CB . -44.75 18.81 -2.85
C4 NAG CB . -44.09 17.51 -2.38
C5 NAG CB . -43.90 17.55 -0.86
C6 NAG CB . -43.21 16.32 -0.31
C7 NAG CB . -44.01 22.32 -3.22
C8 NAG CB . -44.90 23.50 -3.51
N2 NAG CB . -44.64 21.26 -2.68
O3 NAG CB . -44.81 18.91 -4.25
O4 NAG CB . -44.93 16.46 -2.78
O5 NAG CB . -43.14 18.70 -0.51
O6 NAG CB . -44.03 15.20 -0.50
O7 NAG CB . -42.81 22.34 -3.46
C1 NAG DB . -52.70 18.30 17.85
C2 NAG DB . -53.74 18.45 16.73
C3 NAG DB . -54.57 17.17 16.60
C4 NAG DB . -53.68 15.94 16.49
C5 NAG DB . -52.72 15.93 17.69
C6 NAG DB . -51.77 14.75 17.69
C7 NAG DB . -54.93 20.52 16.12
C8 NAG DB . -55.89 21.57 16.62
N2 NAG DB . -54.63 19.55 17.01
O3 NAG DB . -55.40 17.31 15.48
O4 NAG DB . -54.52 14.80 16.47
O5 NAG DB . -51.96 17.11 17.67
O6 NAG DB . -52.51 13.54 17.77
O7 NAG DB . -54.47 20.56 14.99
C1 NAG EB . 39.59 -7.60 17.37
C2 NAG EB . 39.03 -8.98 17.03
C3 NAG EB . 39.54 -10.02 18.03
C4 NAG EB . 41.06 -9.96 18.16
C5 NAG EB . 41.50 -8.53 18.46
C6 NAG EB . 42.99 -8.35 18.53
C7 NAG EB . 36.83 -9.37 15.98
C8 NAG EB . 35.34 -9.26 16.20
N2 NAG EB . 37.59 -8.97 17.02
O3 NAG EB . 39.10 -11.28 17.60
O4 NAG EB . 41.43 -10.84 19.19
O5 NAG EB . 41.00 -7.68 17.45
O6 NAG EB . 43.32 -6.98 18.41
O7 NAG EB . 37.31 -9.79 14.93
C1 NAG FB . 33.78 18.00 12.55
C2 NAG FB . 35.15 18.62 12.91
C3 NAG FB . 35.66 19.56 11.82
C4 NAG FB . 35.52 18.95 10.43
C5 NAG FB . 34.06 18.51 10.25
C6 NAG FB . 33.75 17.93 8.89
C7 NAG FB . 34.35 20.37 14.53
C8 NAG FB . 34.55 20.86 15.94
N2 NAG FB . 35.11 19.30 14.18
O3 NAG FB . 37.00 19.87 12.12
O4 NAG FB . 35.88 19.93 9.50
O5 NAG FB . 33.77 17.53 11.22
O6 NAG FB . 32.51 17.29 8.93
O7 NAG FB . 33.55 20.93 13.79
C1 NAG GB . 43.58 -20.26 -0.39
C2 NAG GB . 44.07 -21.72 -0.35
C3 NAG GB . 44.12 -22.23 1.10
C4 NAG GB . 44.90 -21.26 1.98
C5 NAG GB . 44.33 -19.84 1.82
C6 NAG GB . 45.07 -18.80 2.63
C7 NAG GB . 41.95 -22.84 -1.10
C8 NAG GB . 41.44 -23.79 -2.16
N2 NAG GB . 43.27 -22.58 -1.20
O3 NAG GB . 44.69 -23.51 1.08
O4 NAG GB . 44.78 -21.72 3.30
O5 NAG GB . 44.39 -19.47 0.45
O6 NAG GB . 44.58 -17.52 2.30
O7 NAG GB . 41.19 -22.40 -0.24
C1 NAG HB . 47.18 10.16 28.28
C2 NAG HB . 48.67 9.74 28.25
C3 NAG HB . 49.35 10.11 29.57
C4 NAG HB . 49.11 11.58 29.90
C5 NAG HB . 47.60 11.86 29.89
C6 NAG HB . 47.24 13.30 30.18
C7 NAG HB . 49.33 7.79 26.88
C8 NAG HB . 49.35 6.29 26.83
N2 NAG HB . 48.80 8.33 28.00
O3 NAG HB . 50.71 9.82 29.44
O4 NAG HB . 49.67 11.81 31.17
O5 NAG HB . 47.09 11.53 28.61
O6 NAG HB . 47.82 14.13 29.21
O7 NAG HB . 49.76 8.47 25.96
C1 NAG IB . -5.56 25.26 -53.97
C2 NAG IB . -5.37 24.93 -55.46
C3 NAG IB . -5.30 26.23 -56.27
C4 NAG IB . -6.48 27.15 -55.94
C5 NAG IB . -6.55 27.35 -54.42
C6 NAG IB . -7.70 28.24 -53.98
C7 NAG IB . -4.17 22.88 -56.12
C8 NAG IB . -2.80 22.26 -56.24
N2 NAG IB . -4.19 24.14 -55.66
O3 NAG IB . -5.26 25.88 -57.62
O4 NAG IB . -6.25 28.36 -56.62
O5 NAG IB . -6.68 26.09 -53.80
O6 NAG IB . -7.50 29.54 -54.47
O7 NAG IB . -5.18 22.25 -56.42
C1 NAG JB . 7.78 9.60 -46.30
C2 NAG JB . 9.00 8.71 -46.03
C3 NAG JB . 10.12 8.96 -47.04
C4 NAG JB . 9.57 8.90 -48.46
C5 NAG JB . 8.46 9.95 -48.57
C6 NAG JB . 7.86 10.06 -49.96
C7 NAG JB . 9.54 7.99 -43.73
C8 NAG JB . 10.09 8.45 -42.41
N2 NAG JB . 9.49 8.93 -44.69
O3 NAG JB . 11.11 7.99 -46.83
O4 NAG JB . 10.63 9.19 -49.33
O5 NAG JB . 7.43 9.59 -47.67
O6 NAG JB . 7.32 8.82 -50.34
O7 NAG JB . 9.15 6.85 -43.90
C1 NAG KB . -16.43 16.11 -37.33
C2 NAG KB . -17.00 16.93 -38.51
C3 NAG KB . -18.41 16.45 -38.87
C4 NAG KB . -18.46 14.94 -39.02
C5 NAG KB . -17.89 14.29 -37.76
C6 NAG KB . -17.89 12.78 -37.77
C7 NAG KB . -17.66 19.00 -37.24
C8 NAG KB . -17.45 20.50 -37.24
N2 NAG KB . -17.01 18.35 -38.23
O3 NAG KB . -18.80 17.11 -40.05
O4 NAG KB . -19.80 14.58 -39.23
O5 NAG KB . -16.55 14.74 -37.58
O6 NAG KB . -17.23 12.29 -36.63
O7 NAG KB . -18.37 18.49 -36.39
C1 NAG LB . -20.09 23.95 44.96
C2 NAG LB . -21.58 23.67 44.70
C3 NAG LB . -22.10 22.63 45.69
C4 NAG LB . -21.21 21.40 45.71
C5 NAG LB . -19.76 21.83 45.98
C6 NAG LB . -18.78 20.68 46.01
C7 NAG LB . -22.89 25.52 43.73
C8 NAG LB . -23.64 26.77 44.07
N2 NAG LB . -22.34 24.88 44.79
O3 NAG LB . -23.42 22.31 45.33
O4 NAG LB . -21.69 20.54 46.72
O5 NAG LB . -19.37 22.74 44.96
O6 NAG LB . -18.81 19.99 44.78
O7 NAG LB . -22.79 25.11 42.58
C1 NAG MB . 2.89 34.17 46.09
C2 NAG MB . 3.22 34.49 47.56
C3 NAG MB . 4.01 33.35 48.18
C4 NAG MB . 3.32 32.01 47.95
C5 NAG MB . 3.07 31.83 46.46
C6 NAG MB . 2.36 30.54 46.09
C7 NAG MB . 3.50 36.85 48.25
C8 NAG MB . 4.46 38.01 48.22
N2 NAG MB . 3.95 35.73 47.64
O3 NAG MB . 4.18 33.63 49.55
O4 NAG MB . 4.16 31.00 48.47
O5 NAG MB . 2.28 32.91 46.00
O6 NAG MB . 3.17 29.44 46.47
O7 NAG MB . 2.40 36.94 48.77
C1 NAG NB . 5.10 48.25 -2.87
C2 NAG NB . 4.23 48.52 -4.11
C3 NAG NB . 4.85 49.68 -4.91
C4 NAG NB . 5.08 50.89 -4.01
C5 NAG NB . 5.87 50.47 -2.76
C6 NAG NB . 6.12 51.60 -1.78
C7 NAG NB . 2.94 46.75 -5.20
C8 NAG NB . 3.03 45.52 -6.08
N2 NAG NB . 4.11 47.35 -4.93
O3 NAG NB . 3.99 49.97 -5.97
O4 NAG NB . 5.79 51.84 -4.78
O5 NAG NB . 5.16 49.43 -2.11
O6 NAG NB . 7.03 52.52 -2.33
O7 NAG NB . 1.87 47.15 -4.78
C1 NAG OB . -12.95 57.74 -12.09
C2 NAG OB . -12.96 58.96 -11.15
C3 NAG OB . -11.63 59.73 -11.30
C4 NAG OB . -10.44 58.80 -11.14
C5 NAG OB . -10.60 57.60 -12.09
C6 NAG OB . -9.48 56.59 -12.01
C7 NAG OB . -15.17 59.89 -10.59
C8 NAG OB . -16.24 60.85 -11.05
N2 NAG OB . -14.08 59.81 -11.39
O3 NAG OB . -11.63 60.75 -10.34
O4 NAG OB . -9.28 59.54 -11.44
O5 NAG OB . -11.82 56.95 -11.81
O6 NAG OB . -8.29 57.16 -12.51
O7 NAG OB . -15.28 59.23 -9.57
#